data_1WID
#
_entry.id   1WID
#
_entity_poly.entity_id   1
_entity_poly.type   'polypeptide(L)'
_entity_poly.pdbx_seq_one_letter_code
;GSSGSSGRSAEALFEKAVTPSDVGKLNRLVIPKHHAEKHFPLPSSNVSVKGVLLNFEDVNGKVWRFRYSYWNSSQSYVLT
KGWSRFVKEKNLRAGDVVSFSRSNGQDQQLYIGWKSRSGSDLDASGPSSG
;
_entity_poly.pdbx_strand_id   A
#
# COMPACT_ATOMS: atom_id res chain seq x y z
N ARG A 8 -5.10 12.26 -16.17
CA ARG A 8 -6.32 12.36 -15.33
C ARG A 8 -6.09 11.82 -13.93
N SER A 9 -7.17 11.72 -13.16
CA SER A 9 -7.08 11.21 -11.80
C SER A 9 -7.17 9.69 -11.77
N ALA A 10 -6.75 9.09 -10.66
CA ALA A 10 -6.78 7.64 -10.51
C ALA A 10 -8.10 7.17 -9.92
N GLU A 11 -8.21 5.88 -9.67
CA GLU A 11 -9.43 5.30 -9.10
C GLU A 11 -9.10 4.42 -7.91
N ALA A 12 -9.83 4.62 -6.81
CA ALA A 12 -9.61 3.84 -5.60
C ALA A 12 -9.85 2.35 -5.86
N LEU A 13 -8.88 1.53 -5.48
CA LEU A 13 -8.97 0.09 -5.67
C LEU A 13 -9.62 -0.58 -4.46
N PHE A 14 -9.00 -0.42 -3.30
CA PHE A 14 -9.51 -1.00 -2.07
C PHE A 14 -9.00 -0.25 -0.84
N GLU A 15 -9.89 0.01 0.10
CA GLU A 15 -9.54 0.74 1.31
C GLU A 15 -9.53 -0.19 2.51
N LYS A 16 -8.36 -0.34 3.15
CA LYS A 16 -8.22 -1.20 4.32
C LYS A 16 -7.68 -0.41 5.51
N ALA A 17 -7.94 -0.92 6.71
CA ALA A 17 -7.48 -0.27 7.93
C ALA A 17 -6.12 -0.81 8.36
N VAL A 18 -5.27 0.07 8.87
CA VAL A 18 -3.93 -0.32 9.33
C VAL A 18 -3.96 -0.85 10.76
N THR A 19 -3.56 -2.10 10.92
CA THR A 19 -3.54 -2.73 12.23
C THR A 19 -2.29 -2.32 13.01
N PRO A 20 -2.29 -2.53 14.34
CA PRO A 20 -1.15 -2.18 15.19
C PRO A 20 0.12 -2.92 14.77
N SER A 21 -0.05 -4.04 14.08
CA SER A 21 1.09 -4.83 13.63
C SER A 21 1.78 -4.17 12.44
N ASP A 22 0.98 -3.52 11.59
CA ASP A 22 1.51 -2.84 10.41
C ASP A 22 2.50 -1.75 10.81
N VAL A 23 2.23 -1.09 11.94
CA VAL A 23 3.09 -0.03 12.42
C VAL A 23 3.68 -0.38 13.78
N GLY A 24 3.89 -1.67 14.02
CA GLY A 24 4.45 -2.12 15.28
C GLY A 24 5.95 -2.34 15.21
N LYS A 25 6.39 -3.49 15.71
CA LYS A 25 7.81 -3.82 15.69
C LYS A 25 8.28 -4.15 14.28
N LEU A 26 7.50 -4.95 13.57
CA LEU A 26 7.85 -5.33 12.20
C LEU A 26 7.94 -4.10 11.30
N ASN A 27 6.98 -3.19 11.44
CA ASN A 27 6.95 -1.97 10.64
C ASN A 27 6.88 -2.30 9.16
N ARG A 28 6.11 -3.34 8.82
CA ARG A 28 5.96 -3.75 7.43
C ARG A 28 4.49 -3.71 7.01
N LEU A 29 4.25 -3.28 5.78
CA LEU A 29 2.89 -3.21 5.25
C LEU A 29 2.41 -4.57 4.78
N VAL A 30 1.09 -4.79 4.87
CA VAL A 30 0.51 -6.06 4.45
C VAL A 30 -0.72 -5.84 3.57
N ILE A 31 -0.87 -6.66 2.54
CA ILE A 31 -2.00 -6.56 1.62
C ILE A 31 -2.64 -7.92 1.40
N PRO A 32 -3.99 -8.01 1.52
CA PRO A 32 -4.72 -9.26 1.33
C PRO A 32 -4.69 -9.73 -0.12
N LYS A 33 -5.11 -10.98 -0.34
CA LYS A 33 -5.14 -11.55 -1.68
C LYS A 33 -6.48 -11.29 -2.36
N HIS A 34 -7.55 -11.30 -1.57
CA HIS A 34 -8.90 -11.07 -2.10
C HIS A 34 -8.97 -9.76 -2.89
N HIS A 35 -8.06 -8.83 -2.56
CA HIS A 35 -8.03 -7.54 -3.24
C HIS A 35 -6.82 -7.45 -4.17
N ALA A 36 -5.77 -8.19 -3.86
CA ALA A 36 -4.55 -8.19 -4.66
C ALA A 36 -4.59 -9.25 -5.76
N GLU A 37 -5.78 -9.78 -6.03
CA GLU A 37 -5.94 -10.80 -7.06
C GLU A 37 -6.79 -10.29 -8.22
N LYS A 38 -7.83 -9.52 -7.89
CA LYS A 38 -8.72 -8.96 -8.90
C LYS A 38 -8.23 -7.60 -9.37
N HIS A 39 -7.54 -6.89 -8.49
CA HIS A 39 -7.02 -5.56 -8.81
C HIS A 39 -5.55 -5.64 -9.20
N PHE A 40 -4.72 -6.17 -8.30
CA PHE A 40 -3.29 -6.30 -8.56
C PHE A 40 -2.98 -7.57 -9.35
N PRO A 41 -2.57 -7.44 -10.61
CA PRO A 41 -2.25 -8.59 -11.47
C PRO A 41 -0.90 -9.21 -11.11
N LEU A 42 -0.43 -10.11 -11.97
CA LEU A 42 0.85 -10.78 -11.75
C LEU A 42 1.77 -10.60 -12.95
N PRO A 43 3.09 -10.51 -12.72
CA PRO A 43 4.07 -10.34 -13.80
C PRO A 43 4.22 -11.60 -14.64
N SER A 44 4.00 -11.45 -15.95
CA SER A 44 4.10 -12.57 -16.88
C SER A 44 5.44 -12.57 -17.58
N SER A 45 6.48 -12.15 -16.87
CA SER A 45 7.83 -12.09 -17.43
C SER A 45 8.87 -12.44 -16.37
N ASN A 46 8.74 -11.83 -15.20
CA ASN A 46 9.68 -12.07 -14.11
C ASN A 46 9.05 -12.97 -13.04
N VAL A 47 9.16 -14.28 -13.23
CA VAL A 47 8.61 -15.24 -12.28
C VAL A 47 9.56 -16.41 -12.06
N SER A 48 10.17 -16.44 -10.88
CA SER A 48 11.10 -17.51 -10.54
C SER A 48 11.28 -17.62 -9.03
N VAL A 49 11.96 -16.62 -8.46
CA VAL A 49 12.20 -16.60 -7.02
C VAL A 49 12.04 -15.20 -6.45
N LYS A 50 12.58 -14.21 -7.16
CA LYS A 50 12.49 -12.82 -6.74
C LYS A 50 11.04 -12.40 -6.54
N GLY A 51 10.85 -11.13 -6.19
CA GLY A 51 9.50 -10.61 -5.98
C GLY A 51 9.13 -9.54 -6.97
N VAL A 52 8.29 -8.60 -6.54
CA VAL A 52 7.85 -7.51 -7.41
C VAL A 52 8.03 -6.16 -6.73
N LEU A 53 8.06 -5.10 -7.53
CA LEU A 53 8.22 -3.75 -6.99
C LEU A 53 6.98 -2.91 -7.27
N LEU A 54 6.83 -1.82 -6.53
CA LEU A 54 5.68 -0.93 -6.69
C LEU A 54 6.11 0.53 -6.59
N ASN A 55 5.35 1.41 -7.25
CA ASN A 55 5.65 2.84 -7.24
C ASN A 55 4.40 3.65 -6.90
N PHE A 56 4.29 4.06 -5.64
CA PHE A 56 3.15 4.85 -5.19
C PHE A 56 3.51 6.33 -5.10
N GLU A 57 2.64 7.18 -5.63
CA GLU A 57 2.87 8.62 -5.61
C GLU A 57 2.31 9.24 -4.33
N ASP A 58 2.69 10.49 -4.07
CA ASP A 58 2.23 11.20 -2.88
C ASP A 58 1.55 12.51 -3.26
N VAL A 59 0.36 12.73 -2.72
CA VAL A 59 -0.40 13.95 -2.99
C VAL A 59 0.36 15.19 -2.53
N ASN A 60 1.33 14.99 -1.64
CA ASN A 60 2.13 16.09 -1.12
C ASN A 60 3.42 16.26 -1.91
N GLY A 61 3.34 16.06 -3.23
CA GLY A 61 4.51 16.20 -4.07
C GLY A 61 5.66 15.33 -3.61
N LYS A 62 5.44 14.02 -3.53
CA LYS A 62 6.47 13.09 -3.10
C LYS A 62 6.31 11.74 -3.77
N VAL A 63 7.39 10.97 -3.82
CA VAL A 63 7.37 9.65 -4.45
C VAL A 63 7.68 8.56 -3.43
N TRP A 64 7.11 7.38 -3.64
CA TRP A 64 7.31 6.25 -2.75
C TRP A 64 7.38 4.94 -3.53
N ARG A 65 8.27 4.05 -3.09
CA ARG A 65 8.42 2.75 -3.75
C ARG A 65 8.44 1.62 -2.72
N PHE A 66 7.48 0.72 -2.83
CA PHE A 66 7.38 -0.42 -1.92
C PHE A 66 7.82 -1.70 -2.60
N ARG A 67 8.10 -2.72 -1.80
CA ARG A 67 8.54 -4.01 -2.33
C ARG A 67 7.50 -5.10 -2.07
N TYR A 68 7.03 -5.72 -3.15
CA TYR A 68 6.04 -6.78 -3.05
C TYR A 68 6.71 -8.10 -2.66
N SER A 69 6.11 -8.81 -1.71
CA SER A 69 6.66 -10.08 -1.26
C SER A 69 5.57 -11.10 -0.96
N TYR A 70 5.97 -12.31 -0.62
CA TYR A 70 5.04 -13.39 -0.32
C TYR A 70 5.14 -13.79 1.16
N TRP A 71 4.26 -13.23 1.99
CA TRP A 71 4.27 -13.52 3.42
C TRP A 71 2.98 -14.19 3.87
N ASN A 72 2.87 -14.41 5.18
CA ASN A 72 1.69 -15.04 5.79
C ASN A 72 1.25 -16.24 4.96
N SER A 73 1.78 -17.41 5.29
CA SER A 73 1.45 -18.64 4.58
C SER A 73 2.05 -18.62 3.18
N SER A 74 1.62 -17.67 2.36
CA SER A 74 2.12 -17.53 1.00
C SER A 74 1.30 -16.51 0.22
N GLN A 75 -0.01 -16.77 0.11
CA GLN A 75 -0.91 -15.90 -0.62
C GLN A 75 -0.96 -14.48 -0.06
N SER A 76 -0.39 -14.26 1.12
CA SER A 76 -0.40 -12.93 1.71
C SER A 76 0.73 -12.06 1.15
N TYR A 77 0.36 -11.01 0.43
CA TYR A 77 1.35 -10.11 -0.16
C TYR A 77 1.66 -8.95 0.79
N VAL A 78 2.92 -8.86 1.20
CA VAL A 78 3.35 -7.80 2.10
C VAL A 78 4.19 -6.76 1.37
N LEU A 79 4.11 -5.52 1.82
CA LEU A 79 4.85 -4.43 1.21
C LEU A 79 6.01 -3.99 2.10
N THR A 80 7.18 -4.58 1.89
CA THR A 80 8.35 -4.26 2.68
C THR A 80 9.15 -3.11 2.04
N LYS A 81 10.01 -2.49 2.83
CA LYS A 81 10.82 -1.38 2.35
C LYS A 81 9.96 -0.20 1.93
N GLY A 82 10.28 0.98 2.45
CA GLY A 82 9.51 2.17 2.11
C GLY A 82 8.46 2.49 3.16
N TRP A 83 7.95 1.46 3.82
CA TRP A 83 6.92 1.63 4.84
C TRP A 83 7.47 2.44 6.01
N SER A 84 8.67 2.08 6.47
CA SER A 84 9.30 2.78 7.58
C SER A 84 9.49 4.25 7.28
N ARG A 85 10.10 4.55 6.14
CA ARG A 85 10.34 5.93 5.73
C ARG A 85 9.03 6.68 5.55
N PHE A 86 7.98 5.96 5.17
CA PHE A 86 6.66 6.56 4.96
C PHE A 86 5.97 6.81 6.29
N VAL A 87 5.85 5.75 7.10
CA VAL A 87 5.19 5.86 8.40
C VAL A 87 5.86 6.92 9.27
N LYS A 88 7.15 7.15 9.04
CA LYS A 88 7.90 8.13 9.80
C LYS A 88 7.68 9.53 9.24
N GLU A 89 7.65 9.63 7.92
CA GLU A 89 7.45 10.92 7.26
C GLU A 89 6.11 11.53 7.64
N LYS A 90 5.03 10.77 7.45
CA LYS A 90 3.69 11.25 7.78
C LYS A 90 3.33 10.92 9.23
N ASN A 91 4.26 10.32 9.96
CA ASN A 91 4.02 9.96 11.36
C ASN A 91 2.81 9.03 11.48
N LEU A 92 2.60 8.21 10.46
CA LEU A 92 1.47 7.28 10.45
C LEU A 92 1.54 6.34 11.65
N ARG A 93 0.39 5.79 12.04
CA ARG A 93 0.32 4.88 13.17
C ARG A 93 -0.93 4.01 13.08
N ALA A 94 -1.13 3.19 14.11
CA ALA A 94 -2.29 2.30 14.16
C ALA A 94 -3.58 3.09 14.38
N GLY A 95 -4.66 2.64 13.76
CA GLY A 95 -5.94 3.32 13.90
C GLY A 95 -6.37 4.03 12.64
N ASP A 96 -5.40 4.38 11.80
CA ASP A 96 -5.69 5.09 10.55
C ASP A 96 -6.16 4.11 9.48
N VAL A 97 -6.49 4.64 8.30
CA VAL A 97 -6.96 3.81 7.20
C VAL A 97 -6.04 3.96 5.99
N VAL A 98 -5.65 2.83 5.42
CA VAL A 98 -4.77 2.82 4.25
C VAL A 98 -5.53 2.40 3.00
N SER A 99 -5.50 3.26 1.99
CA SER A 99 -6.19 2.98 0.72
C SER A 99 -5.23 3.10 -0.46
N PHE A 100 -5.42 2.24 -1.46
CA PHE A 100 -4.58 2.26 -2.65
C PHE A 100 -5.42 2.39 -3.92
N SER A 101 -4.91 3.16 -4.88
CA SER A 101 -5.62 3.37 -6.14
C SER A 101 -4.75 2.95 -7.32
N ARG A 102 -5.28 3.12 -8.53
CA ARG A 102 -4.55 2.76 -9.74
C ARG A 102 -4.97 3.65 -10.91
N SER A 103 -4.00 4.12 -11.68
CA SER A 103 -4.27 4.98 -12.83
C SER A 103 -4.26 4.17 -14.12
N ASN A 104 -5.16 4.51 -15.03
CA ASN A 104 -5.26 3.82 -16.31
C ASN A 104 -4.38 4.49 -17.37
N GLY A 105 -3.31 5.15 -16.93
CA GLY A 105 -2.42 5.81 -17.86
C GLY A 105 -1.73 4.84 -18.81
N GLN A 106 -0.47 5.12 -19.11
CA GLN A 106 0.29 4.26 -20.02
C GLN A 106 1.06 3.20 -19.24
N ASP A 107 1.48 3.55 -18.02
CA ASP A 107 2.22 2.62 -17.18
C ASP A 107 1.36 2.14 -16.01
N GLN A 108 1.91 1.23 -15.21
CA GLN A 108 1.20 0.69 -14.06
C GLN A 108 1.47 1.52 -12.81
N GLN A 109 1.25 2.83 -12.92
CA GLN A 109 1.47 3.74 -11.81
C GLN A 109 0.38 3.60 -10.76
N LEU A 110 0.74 3.76 -9.50
CA LEU A 110 -0.22 3.65 -8.40
C LEU A 110 -0.11 4.85 -7.46
N TYR A 111 -1.05 4.95 -6.53
CA TYR A 111 -1.07 6.05 -5.57
C TYR A 111 -1.47 5.55 -4.19
N ILE A 112 -0.86 6.14 -3.16
CA ILE A 112 -1.15 5.75 -1.79
C ILE A 112 -1.86 6.87 -1.04
N GLY A 113 -3.07 6.59 -0.55
CA GLY A 113 -3.84 7.58 0.17
C GLY A 113 -4.29 7.09 1.53
N TRP A 114 -4.04 7.89 2.56
CA TRP A 114 -4.42 7.53 3.91
C TRP A 114 -5.63 8.34 4.37
N LYS A 115 -6.22 7.93 5.49
CA LYS A 115 -7.39 8.62 6.04
C LYS A 115 -7.37 8.60 7.57
N SER A 116 -7.75 9.72 8.17
CA SER A 116 -7.78 9.83 9.62
C SER A 116 -9.14 10.34 10.10
N ARG A 117 -10.05 9.42 10.37
CA ARG A 117 -11.38 9.77 10.85
C ARG A 117 -11.32 10.37 12.24
N SER A 118 -11.77 11.62 12.36
CA SER A 118 -11.77 12.31 13.65
C SER A 118 -13.17 12.31 14.27
N GLY A 119 -14.15 12.69 13.48
CA GLY A 119 -15.52 12.72 13.97
C GLY A 119 -16.29 13.94 13.49
N SER A 120 -15.80 15.12 13.85
CA SER A 120 -16.44 16.37 13.47
C SER A 120 -16.17 16.68 11.99
N ASP A 121 -17.00 17.54 11.41
CA ASP A 121 -16.84 17.93 10.01
C ASP A 121 -15.84 19.07 9.86
N LEU A 122 -15.79 19.94 10.86
CA LEU A 122 -14.88 21.07 10.85
C LEU A 122 -13.43 20.62 11.02
N ASP A 123 -13.25 19.47 11.67
CA ASP A 123 -11.92 18.92 11.90
C ASP A 123 -11.17 18.74 10.58
N ALA A 124 -9.85 18.92 10.63
CA ALA A 124 -9.02 18.79 9.45
C ALA A 124 -8.73 17.31 9.14
N ARG A 8 -7.77 13.20 -16.45
CA ARG A 8 -7.05 12.68 -15.27
C ARG A 8 -8.01 12.39 -14.12
N SER A 9 -8.10 11.12 -13.73
CA SER A 9 -8.99 10.72 -12.64
C SER A 9 -8.59 9.35 -12.09
N ALA A 10 -8.00 9.35 -10.90
CA ALA A 10 -7.58 8.11 -10.27
C ALA A 10 -8.78 7.25 -9.87
N GLU A 11 -8.51 6.01 -9.49
CA GLU A 11 -9.56 5.08 -9.08
C GLU A 11 -9.16 4.31 -7.84
N ALA A 12 -9.92 4.50 -6.76
CA ALA A 12 -9.64 3.83 -5.50
C ALA A 12 -9.74 2.31 -5.66
N LEU A 13 -8.72 1.60 -5.18
CA LEU A 13 -8.70 0.15 -5.27
C LEU A 13 -9.32 -0.48 -4.03
N PHE A 14 -8.69 -0.25 -2.88
CA PHE A 14 -9.18 -0.80 -1.62
C PHE A 14 -8.77 0.09 -0.44
N GLU A 15 -9.53 0.00 0.65
CA GLU A 15 -9.23 0.79 1.84
C GLU A 15 -9.45 -0.04 3.11
N LYS A 16 -8.35 -0.53 3.68
CA LYS A 16 -8.43 -1.33 4.90
C LYS A 16 -7.86 -0.57 6.08
N ALA A 17 -8.27 -0.97 7.29
CA ALA A 17 -7.78 -0.34 8.51
C ALA A 17 -6.42 -0.87 8.91
N VAL A 18 -5.56 0.02 9.42
CA VAL A 18 -4.22 -0.37 9.84
C VAL A 18 -4.20 -0.71 11.33
N THR A 19 -3.38 -1.71 11.69
CA THR A 19 -3.27 -2.13 13.08
C THR A 19 -1.82 -2.03 13.56
N PRO A 20 -1.61 -2.14 14.88
CA PRO A 20 -0.26 -2.07 15.47
C PRO A 20 0.73 -2.99 14.78
N SER A 21 0.21 -4.08 14.19
CA SER A 21 1.06 -5.04 13.50
C SER A 21 1.58 -4.46 12.18
N ASP A 22 0.69 -3.80 11.45
CA ASP A 22 1.05 -3.19 10.17
C ASP A 22 2.15 -2.15 10.35
N VAL A 23 2.12 -1.46 11.49
CA VAL A 23 3.12 -0.44 11.78
C VAL A 23 3.87 -0.76 13.08
N GLY A 24 4.08 -2.06 13.33
CA GLY A 24 4.78 -2.47 14.52
C GLY A 24 6.23 -2.02 14.53
N LYS A 25 7.09 -2.83 15.14
CA LYS A 25 8.51 -2.52 15.23
C LYS A 25 9.21 -2.83 13.90
N LEU A 26 8.76 -3.88 13.24
CA LEU A 26 9.35 -4.29 11.97
C LEU A 26 8.76 -3.48 10.81
N ASN A 27 7.53 -3.01 10.98
CA ASN A 27 6.86 -2.23 9.95
C ASN A 27 6.64 -3.06 8.70
N ARG A 28 5.38 -3.15 8.27
CA ARG A 28 5.03 -3.93 7.07
C ARG A 28 3.53 -3.82 6.80
N LEU A 29 3.19 -3.35 5.60
CA LEU A 29 1.79 -3.22 5.22
C LEU A 29 1.25 -4.52 4.64
N VAL A 30 0.11 -4.97 5.15
CA VAL A 30 -0.51 -6.21 4.69
C VAL A 30 -1.33 -5.98 3.42
N ILE A 31 -1.29 -6.95 2.52
CA ILE A 31 -2.03 -6.85 1.26
C ILE A 31 -2.64 -8.20 0.90
N PRO A 32 -3.99 -8.33 0.93
CA PRO A 32 -4.67 -9.57 0.59
C PRO A 32 -4.48 -9.96 -0.87
N LYS A 33 -4.90 -11.17 -1.22
CA LYS A 33 -4.78 -11.68 -2.58
C LYS A 33 -6.00 -11.32 -3.42
N HIS A 34 -7.16 -11.29 -2.78
CA HIS A 34 -8.40 -10.96 -3.47
C HIS A 34 -8.35 -9.57 -4.07
N HIS A 35 -7.53 -8.70 -3.49
CA HIS A 35 -7.38 -7.33 -3.98
C HIS A 35 -6.15 -7.20 -4.87
N ALA A 36 -5.16 -8.06 -4.64
CA ALA A 36 -3.93 -8.03 -5.42
C ALA A 36 -4.08 -8.77 -6.75
N GLU A 37 -5.28 -9.27 -7.03
CA GLU A 37 -5.54 -9.99 -8.27
C GLU A 37 -6.60 -9.28 -9.11
N LYS A 38 -7.64 -8.78 -8.43
CA LYS A 38 -8.72 -8.09 -9.11
C LYS A 38 -8.28 -6.69 -9.57
N HIS A 39 -7.40 -6.08 -8.78
CA HIS A 39 -6.90 -4.74 -9.11
C HIS A 39 -5.46 -4.80 -9.61
N PHE A 40 -4.53 -5.08 -8.71
CA PHE A 40 -3.12 -5.16 -9.06
C PHE A 40 -2.89 -6.22 -10.13
N PRO A 41 -1.78 -6.12 -10.88
CA PRO A 41 -1.44 -7.07 -11.94
C PRO A 41 -1.06 -8.44 -11.39
N LEU A 42 -0.51 -9.29 -12.25
CA LEU A 42 -0.11 -10.63 -11.85
C LEU A 42 1.32 -10.93 -12.31
N PRO A 43 2.32 -10.77 -11.42
CA PRO A 43 3.71 -11.02 -11.75
C PRO A 43 3.92 -12.37 -12.42
N SER A 44 5.07 -12.54 -13.07
CA SER A 44 5.38 -13.79 -13.76
C SER A 44 6.28 -14.67 -12.90
N SER A 45 6.76 -15.76 -13.49
CA SER A 45 7.63 -16.69 -12.77
C SER A 45 9.07 -16.18 -12.74
N ASN A 46 9.54 -15.68 -13.88
CA ASN A 46 10.90 -15.15 -13.99
C ASN A 46 11.02 -14.20 -15.17
N VAL A 47 11.78 -13.13 -14.98
CA VAL A 47 11.99 -12.15 -16.05
C VAL A 47 13.26 -11.34 -15.81
N SER A 48 13.45 -10.89 -14.58
CA SER A 48 14.64 -10.12 -14.21
C SER A 48 15.07 -10.43 -12.79
N VAL A 49 14.11 -10.39 -11.86
CA VAL A 49 14.40 -10.67 -10.46
C VAL A 49 13.31 -11.54 -9.84
N LYS A 50 13.71 -12.44 -8.94
CA LYS A 50 12.77 -13.33 -8.29
C LYS A 50 11.67 -12.55 -7.57
N GLY A 51 12.01 -11.35 -7.12
CA GLY A 51 11.04 -10.52 -6.42
C GLY A 51 10.38 -9.51 -7.34
N VAL A 52 9.50 -8.69 -6.77
CA VAL A 52 8.78 -7.67 -7.54
C VAL A 52 8.69 -6.37 -6.77
N LEU A 53 8.85 -5.25 -7.48
CA LEU A 53 8.78 -3.94 -6.85
C LEU A 53 7.48 -3.22 -7.23
N LEU A 54 7.11 -2.24 -6.41
CA LEU A 54 5.89 -1.47 -6.65
C LEU A 54 6.16 0.03 -6.56
N ASN A 55 5.39 0.80 -7.31
CA ASN A 55 5.55 2.26 -7.32
C ASN A 55 4.24 2.95 -6.96
N PHE A 56 4.31 3.89 -6.02
CA PHE A 56 3.14 4.62 -5.58
C PHE A 56 3.39 6.13 -5.62
N GLU A 57 2.41 6.88 -6.11
CA GLU A 57 2.53 8.33 -6.20
C GLU A 57 1.86 9.00 -5.01
N ASP A 58 2.44 10.12 -4.56
CA ASP A 58 1.90 10.86 -3.43
C ASP A 58 1.33 12.20 -3.88
N VAL A 59 0.16 12.55 -3.36
CA VAL A 59 -0.49 13.81 -3.70
C VAL A 59 0.40 15.01 -3.39
N ASN A 60 1.38 14.81 -2.51
CA ASN A 60 2.30 15.88 -2.13
C ASN A 60 3.56 15.86 -2.99
N GLY A 61 3.39 15.51 -4.27
CA GLY A 61 4.52 15.46 -5.17
C GLY A 61 5.65 14.60 -4.66
N LYS A 62 5.35 13.32 -4.42
CA LYS A 62 6.35 12.39 -3.92
C LYS A 62 6.11 10.98 -4.45
N VAL A 63 7.15 10.37 -5.01
CA VAL A 63 7.05 9.03 -5.56
C VAL A 63 7.66 8.00 -4.62
N TRP A 64 6.86 7.01 -4.22
CA TRP A 64 7.33 5.97 -3.32
C TRP A 64 7.53 4.65 -4.06
N ARG A 65 8.44 3.82 -3.57
CA ARG A 65 8.73 2.53 -4.19
C ARG A 65 8.84 1.44 -3.13
N PHE A 66 7.73 0.75 -2.88
CA PHE A 66 7.71 -0.32 -1.88
C PHE A 66 8.14 -1.66 -2.51
N ARG A 67 8.09 -2.72 -1.71
CA ARG A 67 8.48 -4.05 -2.19
C ARG A 67 7.40 -5.08 -1.87
N TYR A 68 7.06 -5.90 -2.87
CA TYR A 68 6.05 -6.93 -2.71
C TYR A 68 6.71 -8.29 -2.47
N SER A 69 6.33 -8.96 -1.39
CA SER A 69 6.89 -10.27 -1.08
C SER A 69 5.87 -11.19 -0.41
N TYR A 70 6.21 -12.48 -0.34
CA TYR A 70 5.33 -13.47 0.27
C TYR A 70 5.50 -13.47 1.79
N TRP A 71 4.39 -13.41 2.51
CA TRP A 71 4.44 -13.39 3.98
C TRP A 71 3.29 -14.19 4.60
N ASN A 72 3.35 -14.33 5.92
CA ASN A 72 2.34 -15.05 6.68
C ASN A 72 2.39 -16.55 6.38
N SER A 73 3.56 -17.05 6.02
CA SER A 73 3.73 -18.46 5.70
C SER A 73 2.60 -18.96 4.80
N SER A 74 2.07 -18.06 3.99
CA SER A 74 0.98 -18.39 3.08
C SER A 74 0.91 -17.39 1.94
N GLN A 75 -0.23 -17.33 1.26
CA GLN A 75 -0.41 -16.41 0.15
C GLN A 75 -0.77 -15.01 0.62
N SER A 76 0.05 -14.46 1.53
CA SER A 76 -0.20 -13.11 2.03
C SER A 76 0.93 -12.16 1.61
N TYR A 77 0.58 -11.18 0.78
CA TYR A 77 1.56 -10.23 0.29
C TYR A 77 1.65 -9.01 1.20
N VAL A 78 2.88 -8.60 1.49
CA VAL A 78 3.12 -7.44 2.35
C VAL A 78 4.04 -6.45 1.66
N LEU A 79 3.90 -5.17 2.02
CA LEU A 79 4.73 -4.12 1.43
C LEU A 79 5.82 -3.69 2.39
N THR A 80 6.96 -4.39 2.32
CA THR A 80 8.10 -4.08 3.19
C THR A 80 9.02 -3.07 2.52
N LYS A 81 9.99 -2.57 3.29
CA LYS A 81 10.94 -1.59 2.76
C LYS A 81 10.22 -0.33 2.30
N GLY A 82 10.57 0.80 2.93
CA GLY A 82 9.95 2.06 2.57
C GLY A 82 8.78 2.41 3.47
N TRP A 83 8.11 1.39 3.99
CA TRP A 83 6.97 1.59 4.88
C TRP A 83 7.38 2.39 6.11
N SER A 84 8.54 2.07 6.65
CA SER A 84 9.05 2.75 7.83
C SER A 84 9.26 4.24 7.54
N ARG A 85 9.86 4.53 6.39
CA ARG A 85 10.11 5.91 5.99
C ARG A 85 8.80 6.66 5.80
N PHE A 86 7.84 6.02 5.14
CA PHE A 86 6.53 6.63 4.90
C PHE A 86 5.81 6.91 6.22
N VAL A 87 5.63 5.88 7.02
CA VAL A 87 4.97 6.00 8.31
C VAL A 87 5.62 7.08 9.17
N LYS A 88 6.92 7.26 9.00
CA LYS A 88 7.67 8.25 9.75
C LYS A 88 7.50 9.65 9.14
N GLU A 89 7.52 9.71 7.81
CA GLU A 89 7.37 10.98 7.11
C GLU A 89 6.01 11.60 7.39
N LYS A 90 5.01 10.74 7.59
CA LYS A 90 3.66 11.21 7.88
C LYS A 90 3.26 10.93 9.33
N ASN A 91 4.13 10.22 10.05
CA ASN A 91 3.86 9.89 11.45
C ASN A 91 2.60 9.04 11.58
N LEU A 92 2.38 8.17 10.59
CA LEU A 92 1.21 7.30 10.59
C LEU A 92 1.21 6.40 11.82
N ARG A 93 0.12 6.44 12.58
CA ARG A 93 -0.01 5.62 13.78
C ARG A 93 -1.13 4.60 13.62
N ALA A 94 -1.27 3.72 14.61
CA ALA A 94 -2.31 2.70 14.58
C ALA A 94 -3.69 3.31 14.68
N GLY A 95 -4.69 2.57 14.20
CA GLY A 95 -6.06 3.06 14.25
C GLY A 95 -6.46 3.76 12.96
N ASP A 96 -5.48 4.09 12.12
CA ASP A 96 -5.76 4.77 10.86
C ASP A 96 -6.23 3.78 9.80
N VAL A 97 -6.43 4.27 8.59
CA VAL A 97 -6.89 3.42 7.49
C VAL A 97 -6.09 3.70 6.22
N VAL A 98 -5.30 2.72 5.79
CA VAL A 98 -4.49 2.85 4.59
C VAL A 98 -5.31 2.54 3.33
N SER A 99 -5.24 3.43 2.35
CA SER A 99 -5.97 3.26 1.11
C SER A 99 -5.01 3.29 -0.09
N PHE A 100 -5.50 2.80 -1.23
CA PHE A 100 -4.69 2.78 -2.45
C PHE A 100 -5.57 2.86 -3.69
N SER A 101 -5.08 3.56 -4.72
CA SER A 101 -5.81 3.72 -5.95
C SER A 101 -4.96 3.33 -7.15
N ARG A 102 -5.55 3.37 -8.34
CA ARG A 102 -4.84 3.02 -9.56
C ARG A 102 -5.22 3.94 -10.71
N SER A 103 -4.28 4.21 -11.60
CA SER A 103 -4.51 5.09 -12.74
C SER A 103 -5.12 4.31 -13.90
N ASN A 104 -5.64 5.03 -14.89
CA ASN A 104 -6.25 4.41 -16.06
C ASN A 104 -5.20 4.13 -17.13
N GLY A 105 -4.22 5.01 -17.24
CA GLY A 105 -3.16 4.83 -18.23
C GLY A 105 -1.84 5.42 -17.78
N GLN A 106 -0.95 5.64 -18.74
CA GLN A 106 0.37 6.20 -18.43
C GLN A 106 1.14 5.30 -17.47
N ASP A 107 1.50 4.11 -17.94
CA ASP A 107 2.24 3.15 -17.14
C ASP A 107 1.46 2.78 -15.89
N GLN A 108 1.82 1.65 -15.29
CA GLN A 108 1.14 1.18 -14.08
C GLN A 108 1.56 2.00 -12.87
N GLN A 109 0.88 3.12 -12.65
CA GLN A 109 1.18 3.99 -11.52
C GLN A 109 0.09 3.88 -10.45
N LEU A 110 0.52 3.64 -9.22
CA LEU A 110 -0.41 3.50 -8.10
C LEU A 110 -0.40 4.76 -7.24
N TYR A 111 -1.26 4.79 -6.22
CA TYR A 111 -1.35 5.93 -5.33
C TYR A 111 -1.58 5.48 -3.89
N ILE A 112 -0.94 6.17 -2.94
CA ILE A 112 -1.08 5.83 -1.53
C ILE A 112 -1.72 6.97 -0.75
N GLY A 113 -2.80 6.67 -0.03
CA GLY A 113 -3.49 7.68 0.75
C GLY A 113 -3.94 7.17 2.10
N TRP A 114 -3.59 7.91 3.15
CA TRP A 114 -3.97 7.52 4.50
C TRP A 114 -5.24 8.24 4.94
N LYS A 115 -5.86 7.73 6.02
CA LYS A 115 -7.08 8.32 6.54
C LYS A 115 -7.00 8.50 8.05
N SER A 116 -7.50 9.63 8.53
CA SER A 116 -7.48 9.92 9.96
C SER A 116 -8.81 10.50 10.42
N ARG A 117 -8.92 10.80 11.71
CA ARG A 117 -10.14 11.37 12.27
C ARG A 117 -10.34 12.81 11.81
N SER A 118 -11.44 13.05 11.11
CA SER A 118 -11.74 14.39 10.60
C SER A 118 -13.25 14.62 10.57
N GLY A 119 -13.98 13.66 10.01
CA GLY A 119 -15.42 13.78 9.91
C GLY A 119 -15.95 13.41 8.54
N SER A 120 -15.86 12.14 8.20
CA SER A 120 -16.33 11.66 6.90
C SER A 120 -17.81 11.32 6.95
N ASP A 121 -18.25 10.81 8.09
CA ASP A 121 -19.65 10.43 8.27
C ASP A 121 -20.54 11.67 8.39
N LEU A 122 -20.04 12.68 9.10
CA LEU A 122 -20.78 13.93 9.28
C LEU A 122 -20.80 14.75 8.00
N ASP A 123 -21.98 14.87 7.40
CA ASP A 123 -22.13 15.63 6.17
C ASP A 123 -22.33 17.11 6.46
N ALA A 124 -21.89 17.96 5.54
CA ALA A 124 -22.02 19.40 5.69
C ALA A 124 -21.26 19.88 6.93
N ARG A 8 -10.04 11.74 -6.43
CA ARG A 8 -9.80 13.00 -7.18
C ARG A 8 -10.04 12.82 -8.68
N SER A 9 -9.73 11.62 -9.17
CA SER A 9 -9.91 11.31 -10.58
C SER A 9 -9.54 9.85 -10.87
N ALA A 10 -8.47 9.39 -10.24
CA ALA A 10 -8.00 8.03 -10.42
C ALA A 10 -9.04 7.02 -9.95
N GLU A 11 -8.78 5.74 -10.22
CA GLU A 11 -9.70 4.68 -9.81
C GLU A 11 -9.26 4.04 -8.50
N ALA A 12 -10.14 4.07 -7.51
CA ALA A 12 -9.83 3.49 -6.20
C ALA A 12 -9.98 1.97 -6.24
N LEU A 13 -8.87 1.27 -6.01
CA LEU A 13 -8.88 -0.19 -6.01
C LEU A 13 -9.52 -0.73 -4.75
N PHE A 14 -8.92 -0.41 -3.60
CA PHE A 14 -9.43 -0.86 -2.31
C PHE A 14 -8.91 0.01 -1.17
N GLU A 15 -9.67 0.10 -0.10
CA GLU A 15 -9.28 0.89 1.06
C GLU A 15 -9.22 0.05 2.32
N LYS A 16 -8.02 -0.31 2.73
CA LYS A 16 -7.82 -1.13 3.93
C LYS A 16 -7.38 -0.28 5.11
N ALA A 17 -7.67 -0.76 6.32
CA ALA A 17 -7.30 -0.03 7.53
C ALA A 17 -5.98 -0.56 8.10
N VAL A 18 -5.16 0.35 8.61
CA VAL A 18 -3.87 -0.02 9.19
C VAL A 18 -4.01 -0.35 10.67
N THR A 19 -3.71 -1.61 11.01
CA THR A 19 -3.81 -2.05 12.39
C THR A 19 -2.49 -1.87 13.13
N PRO A 20 -2.51 -1.84 14.47
CA PRO A 20 -1.30 -1.66 15.29
C PRO A 20 -0.20 -2.64 14.90
N SER A 21 -0.60 -3.79 14.37
CA SER A 21 0.36 -4.81 13.95
C SER A 21 1.15 -4.35 12.73
N ASP A 22 0.51 -3.55 11.88
CA ASP A 22 1.15 -3.05 10.67
C ASP A 22 2.18 -1.98 11.02
N VAL A 23 1.92 -1.23 12.08
CA VAL A 23 2.83 -0.17 12.51
C VAL A 23 3.56 -0.55 13.79
N GLY A 24 3.79 -1.85 13.97
CA GLY A 24 4.48 -2.33 15.15
C GLY A 24 5.87 -2.83 14.84
N LYS A 25 6.26 -3.95 15.45
CA LYS A 25 7.57 -4.53 15.24
C LYS A 25 7.72 -5.05 13.81
N LEU A 26 6.59 -5.45 13.22
CA LEU A 26 6.59 -5.97 11.86
C LEU A 26 7.18 -4.96 10.88
N ASN A 27 6.77 -3.70 11.02
CA ASN A 27 7.26 -2.63 10.15
C ASN A 27 6.96 -2.93 8.69
N ARG A 28 5.87 -3.66 8.45
CA ARG A 28 5.46 -4.01 7.10
C ARG A 28 3.95 -3.86 6.92
N LEU A 29 3.53 -3.73 5.66
CA LEU A 29 2.11 -3.58 5.35
C LEU A 29 1.50 -4.92 4.94
N VAL A 30 0.23 -5.11 5.30
CA VAL A 30 -0.48 -6.35 4.97
C VAL A 30 -1.63 -6.09 4.01
N ILE A 31 -1.77 -6.94 3.01
CA ILE A 31 -2.83 -6.80 2.02
C ILE A 31 -3.51 -8.14 1.74
N PRO A 32 -4.85 -8.20 1.82
CA PRO A 32 -5.61 -9.43 1.57
C PRO A 32 -5.26 -10.06 0.23
N LYS A 33 -5.81 -11.24 -0.02
CA LYS A 33 -5.55 -11.95 -1.28
C LYS A 33 -6.57 -11.57 -2.34
N HIS A 34 -7.83 -11.48 -1.94
CA HIS A 34 -8.90 -11.13 -2.86
C HIS A 34 -8.64 -9.77 -3.52
N HIS A 35 -7.90 -8.91 -2.82
CA HIS A 35 -7.57 -7.59 -3.33
C HIS A 35 -6.27 -7.61 -4.12
N ALA A 36 -5.32 -8.43 -3.68
CA ALA A 36 -4.03 -8.55 -4.34
C ALA A 36 -4.05 -9.64 -5.41
N GLU A 37 -5.24 -10.08 -5.79
CA GLU A 37 -5.38 -11.12 -6.81
C GLU A 37 -6.13 -10.58 -8.03
N LYS A 38 -7.14 -9.77 -7.78
CA LYS A 38 -7.94 -9.19 -8.86
C LYS A 38 -7.29 -7.91 -9.40
N HIS A 39 -6.69 -7.14 -8.50
CA HIS A 39 -6.03 -5.90 -8.88
C HIS A 39 -4.53 -6.10 -9.08
N PHE A 40 -3.96 -7.00 -8.28
CA PHE A 40 -2.53 -7.29 -8.37
C PHE A 40 -2.29 -8.69 -8.93
N PRO A 41 -1.59 -8.79 -10.07
CA PRO A 41 -1.29 -10.09 -10.69
C PRO A 41 -0.21 -10.86 -9.95
N LEU A 42 -0.33 -12.19 -9.95
CA LEU A 42 0.65 -13.04 -9.26
C LEU A 42 1.93 -13.21 -10.08
N PRO A 43 1.87 -13.87 -11.25
CA PRO A 43 3.07 -14.09 -12.09
C PRO A 43 3.66 -12.77 -12.59
N SER A 44 4.98 -12.65 -12.48
CA SER A 44 5.67 -11.44 -12.91
C SER A 44 6.52 -11.71 -14.14
N SER A 45 6.15 -11.08 -15.26
CA SER A 45 6.88 -11.26 -16.52
C SER A 45 7.60 -9.99 -16.93
N ASN A 46 7.14 -8.85 -16.40
CA ASN A 46 7.76 -7.57 -16.72
C ASN A 46 8.83 -7.19 -15.70
N VAL A 47 9.67 -8.16 -15.37
CA VAL A 47 10.75 -7.94 -14.40
C VAL A 47 11.84 -8.99 -14.53
N SER A 48 13.06 -8.55 -14.78
CA SER A 48 14.19 -9.46 -14.93
C SER A 48 14.94 -9.62 -13.61
N VAL A 49 14.88 -8.59 -12.77
CA VAL A 49 15.55 -8.63 -11.47
C VAL A 49 14.74 -9.43 -10.46
N LYS A 50 15.43 -10.02 -9.48
CA LYS A 50 14.77 -10.80 -8.45
C LYS A 50 14.19 -9.89 -7.37
N GLY A 51 13.27 -9.02 -7.76
CA GLY A 51 12.65 -8.12 -6.82
C GLY A 51 11.63 -7.20 -7.46
N VAL A 52 10.36 -7.37 -7.11
CA VAL A 52 9.30 -6.56 -7.67
C VAL A 52 9.10 -5.28 -6.85
N LEU A 53 9.15 -4.14 -7.53
CA LEU A 53 8.97 -2.85 -6.87
C LEU A 53 7.73 -2.14 -7.38
N LEU A 54 7.17 -1.26 -6.55
CA LEU A 54 5.97 -0.52 -6.91
C LEU A 54 6.21 0.99 -6.79
N ASN A 55 5.60 1.76 -7.68
CA ASN A 55 5.76 3.20 -7.68
C ASN A 55 4.46 3.90 -7.27
N PHE A 56 4.45 4.44 -6.05
CA PHE A 56 3.27 5.12 -5.54
C PHE A 56 3.47 6.63 -5.57
N GLU A 57 2.37 7.37 -5.55
CA GLU A 57 2.42 8.83 -5.58
C GLU A 57 1.73 9.42 -4.35
N ASP A 58 2.05 10.69 -4.06
CA ASP A 58 1.46 11.36 -2.91
C ASP A 58 0.74 12.64 -3.33
N VAL A 59 -0.37 12.95 -2.67
CA VAL A 59 -1.15 14.14 -2.98
C VAL A 59 -0.29 15.40 -2.92
N ASN A 60 0.82 15.33 -2.20
CA ASN A 60 1.73 16.48 -2.07
C ASN A 60 2.85 16.40 -3.10
N GLY A 61 2.55 15.85 -4.26
CA GLY A 61 3.55 15.73 -5.31
C GLY A 61 4.79 15.00 -4.84
N LYS A 62 4.59 13.85 -4.20
CA LYS A 62 5.71 13.05 -3.70
C LYS A 62 5.65 11.63 -4.23
N VAL A 63 6.79 10.96 -4.26
CA VAL A 63 6.86 9.58 -4.74
C VAL A 63 7.13 8.61 -3.60
N TRP A 64 6.61 7.39 -3.73
CA TRP A 64 6.79 6.37 -2.70
C TRP A 64 7.00 4.99 -3.34
N ARG A 65 8.12 4.35 -3.00
CA ARG A 65 8.43 3.04 -3.54
C ARG A 65 8.46 1.99 -2.43
N PHE A 66 7.81 0.86 -2.69
CA PHE A 66 7.76 -0.22 -1.70
C PHE A 66 7.94 -1.58 -2.39
N ARG A 67 8.58 -2.51 -1.68
CA ARG A 67 8.81 -3.84 -2.22
C ARG A 67 7.60 -4.75 -1.99
N TYR A 68 7.18 -5.44 -3.05
CA TYR A 68 6.03 -6.33 -2.98
C TYR A 68 6.50 -7.76 -2.67
N SER A 69 6.45 -8.12 -1.39
CA SER A 69 6.86 -9.45 -0.96
C SER A 69 5.66 -10.39 -0.87
N TYR A 70 5.95 -11.70 -0.82
CA TYR A 70 4.91 -12.70 -0.73
C TYR A 70 5.05 -13.52 0.55
N TRP A 71 4.13 -13.31 1.48
CA TRP A 71 4.16 -14.02 2.76
C TRP A 71 3.12 -15.13 2.80
N ASN A 72 3.39 -16.16 3.59
CA ASN A 72 2.48 -17.30 3.71
C ASN A 72 2.49 -18.13 2.44
N SER A 73 3.69 -18.49 1.98
CA SER A 73 3.83 -19.27 0.75
C SER A 73 3.41 -18.46 -0.46
N SER A 74 2.11 -18.24 -0.59
CA SER A 74 1.56 -17.47 -1.69
C SER A 74 0.12 -17.06 -1.42
N GLN A 75 -0.22 -16.90 -0.13
CA GLN A 75 -1.57 -16.53 0.27
C GLN A 75 -1.72 -15.02 0.37
N SER A 76 -1.01 -14.41 1.31
CA SER A 76 -1.10 -12.97 1.51
C SER A 76 0.03 -12.22 0.81
N TYR A 77 -0.19 -10.94 0.57
CA TYR A 77 0.80 -10.10 -0.10
C TYR A 77 1.17 -8.91 0.77
N VAL A 78 2.39 -8.93 1.30
CA VAL A 78 2.86 -7.84 2.16
C VAL A 78 3.78 -6.89 1.41
N LEU A 79 3.83 -5.64 1.87
CA LEU A 79 4.67 -4.63 1.25
C LEU A 79 5.81 -4.23 2.18
N THR A 80 6.92 -4.95 2.10
CA THR A 80 8.08 -4.67 2.95
C THR A 80 9.02 -3.68 2.28
N LYS A 81 10.00 -3.20 3.04
CA LYS A 81 10.97 -2.24 2.52
C LYS A 81 10.29 -0.94 2.10
N GLY A 82 10.71 0.16 2.72
CA GLY A 82 10.12 1.45 2.40
C GLY A 82 9.02 1.85 3.36
N TRP A 83 8.34 0.86 3.91
CA TRP A 83 7.25 1.11 4.85
C TRP A 83 7.74 1.88 6.07
N SER A 84 8.83 1.41 6.67
CA SER A 84 9.41 2.05 7.84
C SER A 84 9.75 3.51 7.54
N ARG A 85 10.13 3.78 6.30
CA ARG A 85 10.48 5.14 5.89
C ARG A 85 9.24 6.01 5.78
N PHE A 86 8.14 5.42 5.33
CA PHE A 86 6.88 6.14 5.17
C PHE A 86 6.25 6.44 6.52
N VAL A 87 6.11 5.40 7.34
CA VAL A 87 5.52 5.54 8.66
C VAL A 87 6.26 6.59 9.50
N LYS A 88 7.55 6.73 9.24
CA LYS A 88 8.37 7.68 9.97
C LYS A 88 8.25 9.09 9.36
N GLU A 89 8.15 9.14 8.04
CA GLU A 89 8.03 10.41 7.33
C GLU A 89 6.79 11.17 7.80
N LYS A 90 5.64 10.52 7.74
CA LYS A 90 4.39 11.14 8.17
C LYS A 90 4.01 10.74 9.59
N ASN A 91 4.92 10.01 10.27
CA ASN A 91 4.67 9.58 11.63
C ASN A 91 3.37 8.78 11.72
N LEU A 92 3.14 7.91 10.74
CA LEU A 92 1.93 7.09 10.71
C LEU A 92 1.83 6.23 11.96
N ARG A 93 0.66 6.25 12.60
CA ARG A 93 0.43 5.48 13.81
C ARG A 93 -0.75 4.53 13.63
N ALA A 94 -0.95 3.64 14.61
CA ALA A 94 -2.05 2.69 14.55
C ALA A 94 -3.40 3.38 14.69
N GLY A 95 -4.38 2.93 13.92
CA GLY A 95 -5.70 3.52 13.98
C GLY A 95 -5.97 4.44 12.80
N ASP A 96 -5.33 4.15 11.67
CA ASP A 96 -5.51 4.96 10.47
C ASP A 96 -6.06 4.12 9.33
N VAL A 97 -6.07 4.70 8.13
CA VAL A 97 -6.57 3.99 6.95
C VAL A 97 -5.60 4.12 5.79
N VAL A 98 -5.35 3.00 5.11
CA VAL A 98 -4.43 2.98 3.97
C VAL A 98 -5.16 2.60 2.69
N SER A 99 -5.45 3.60 1.87
CA SER A 99 -6.14 3.37 0.61
C SER A 99 -5.16 3.32 -0.56
N PHE A 100 -5.56 2.64 -1.63
CA PHE A 100 -4.71 2.51 -2.82
C PHE A 100 -5.53 2.66 -4.09
N SER A 101 -5.07 3.53 -4.98
CA SER A 101 -5.77 3.76 -6.24
C SER A 101 -4.86 3.50 -7.43
N ARG A 102 -5.45 3.35 -8.61
CA ARG A 102 -4.68 3.10 -9.83
C ARG A 102 -5.13 4.01 -10.96
N SER A 103 -4.22 4.29 -11.89
CA SER A 103 -4.54 5.14 -13.02
C SER A 103 -5.00 4.32 -14.22
N ASN A 104 -5.85 4.91 -15.05
CA ASN A 104 -6.37 4.22 -16.23
C ASN A 104 -5.36 4.27 -17.38
N GLY A 105 -4.68 5.41 -17.51
CA GLY A 105 -3.70 5.57 -18.56
C GLY A 105 -2.37 4.93 -18.22
N GLN A 106 -2.07 4.86 -16.93
CA GLN A 106 -0.82 4.27 -16.46
C GLN A 106 -1.06 2.93 -15.78
N ASP A 107 -0.25 1.94 -16.13
CA ASP A 107 -0.38 0.60 -15.55
C ASP A 107 0.38 0.50 -14.22
N GLN A 108 1.67 0.82 -14.27
CA GLN A 108 2.50 0.76 -13.07
C GLN A 108 2.50 2.10 -12.34
N GLN A 109 1.30 2.61 -12.07
CA GLN A 109 1.16 3.90 -11.38
C GLN A 109 0.06 3.82 -10.32
N LEU A 110 0.46 3.78 -9.06
CA LEU A 110 -0.50 3.71 -7.96
C LEU A 110 -0.42 4.95 -7.10
N TYR A 111 -1.42 5.12 -6.23
CA TYR A 111 -1.47 6.28 -5.34
C TYR A 111 -1.75 5.86 -3.91
N ILE A 112 -0.84 6.23 -3.01
CA ILE A 112 -0.99 5.88 -1.60
C ILE A 112 -1.49 7.08 -0.79
N GLY A 113 -2.68 6.93 -0.20
CA GLY A 113 -3.24 8.01 0.59
C GLY A 113 -3.75 7.53 1.94
N TRP A 114 -3.42 8.26 3.00
CA TRP A 114 -3.85 7.91 4.34
C TRP A 114 -5.02 8.78 4.79
N LYS A 115 -5.84 8.25 5.68
CA LYS A 115 -6.99 8.98 6.20
C LYS A 115 -7.04 8.92 7.72
N SER A 116 -7.48 10.01 8.34
CA SER A 116 -7.57 10.09 9.79
C SER A 116 -9.02 10.04 10.25
N ARG A 117 -9.24 10.27 11.54
CA ARG A 117 -10.58 10.25 12.10
C ARG A 117 -11.33 11.55 11.79
N SER A 118 -10.57 12.64 11.71
CA SER A 118 -11.15 13.96 11.41
C SER A 118 -11.33 14.14 9.91
N GLY A 119 -10.22 14.06 9.18
CA GLY A 119 -10.26 14.22 7.74
C GLY A 119 -9.21 15.19 7.23
N SER A 120 -8.83 15.03 5.97
CA SER A 120 -7.82 15.90 5.37
C SER A 120 -8.43 17.22 4.92
N ASP A 121 -7.60 18.08 4.35
CA ASP A 121 -8.07 19.38 3.88
C ASP A 121 -8.59 19.29 2.44
N LEU A 122 -7.80 18.69 1.57
CA LEU A 122 -8.18 18.53 0.17
C LEU A 122 -9.39 17.62 0.04
N ASP A 123 -9.48 16.62 0.91
CA ASP A 123 -10.58 15.67 0.88
C ASP A 123 -11.75 16.18 1.73
N ALA A 124 -12.65 16.92 1.10
CA ALA A 124 -13.81 17.48 1.79
C ALA A 124 -14.97 17.70 0.83
N ARG A 8 -8.65 13.82 -14.88
CA ARG A 8 -9.61 12.99 -14.10
C ARG A 8 -9.07 12.68 -12.72
N SER A 9 -9.87 11.98 -11.92
CA SER A 9 -9.47 11.61 -10.56
C SER A 9 -9.11 10.13 -10.49
N ALA A 10 -8.16 9.80 -9.62
CA ALA A 10 -7.72 8.41 -9.46
C ALA A 10 -8.83 7.55 -8.86
N GLU A 11 -8.77 6.26 -9.14
CA GLU A 11 -9.77 5.32 -8.63
C GLU A 11 -9.20 4.47 -7.50
N ALA A 12 -9.94 4.38 -6.40
CA ALA A 12 -9.50 3.59 -5.25
C ALA A 12 -9.72 2.10 -5.50
N LEU A 13 -8.63 1.34 -5.46
CA LEU A 13 -8.70 -0.10 -5.66
C LEU A 13 -9.21 -0.81 -4.41
N PHE A 14 -8.54 -0.56 -3.29
CA PHE A 14 -8.94 -1.17 -2.02
C PHE A 14 -8.58 -0.27 -0.84
N GLU A 15 -9.29 -0.44 0.26
CA GLU A 15 -9.04 0.36 1.46
C GLU A 15 -9.28 -0.47 2.73
N LYS A 16 -8.45 -0.23 3.73
CA LYS A 16 -8.56 -0.95 5.00
C LYS A 16 -8.02 -0.11 6.15
N ALA A 17 -8.46 -0.42 7.37
CA ALA A 17 -8.02 0.30 8.55
C ALA A 17 -6.80 -0.37 9.18
N VAL A 18 -5.80 0.45 9.51
CA VAL A 18 -4.58 -0.06 10.12
C VAL A 18 -4.76 -0.30 11.61
N THR A 19 -4.19 -1.39 12.10
CA THR A 19 -4.29 -1.73 13.52
C THR A 19 -2.92 -1.65 14.21
N PRO A 20 -2.90 -1.61 15.55
CA PRO A 20 -1.66 -1.52 16.31
C PRO A 20 -0.71 -2.69 16.02
N SER A 21 0.03 -2.57 14.92
CA SER A 21 0.97 -3.60 14.51
C SER A 21 1.57 -3.29 13.14
N ASP A 22 0.75 -2.71 12.27
CA ASP A 22 1.20 -2.36 10.92
C ASP A 22 1.76 -0.94 10.88
N VAL A 23 2.26 -0.46 12.02
CA VAL A 23 2.83 0.88 12.10
C VAL A 23 4.21 0.87 12.75
N GLY A 24 4.80 -0.31 12.88
CA GLY A 24 6.11 -0.43 13.48
C GLY A 24 7.22 0.04 12.56
N LYS A 25 8.47 -0.12 12.99
CA LYS A 25 9.61 0.28 12.19
C LYS A 25 10.06 -0.85 11.27
N LEU A 26 10.34 -2.01 11.84
CA LEU A 26 10.78 -3.16 11.07
C LEU A 26 9.60 -4.02 10.63
N ASN A 27 8.43 -3.39 10.49
CA ASN A 27 7.22 -4.10 10.09
C ASN A 27 6.89 -3.84 8.62
N ARG A 28 6.06 -4.69 8.04
CA ARG A 28 5.65 -4.55 6.65
C ARG A 28 4.15 -4.31 6.54
N LEU A 29 3.70 -3.93 5.35
CA LEU A 29 2.28 -3.67 5.13
C LEU A 29 1.60 -4.89 4.51
N VAL A 30 0.64 -5.46 5.24
CA VAL A 30 -0.09 -6.62 4.77
C VAL A 30 -1.05 -6.26 3.64
N ILE A 31 -1.21 -7.17 2.69
CA ILE A 31 -2.11 -6.94 1.56
C ILE A 31 -2.96 -8.18 1.28
N PRO A 32 -4.29 -8.00 1.13
CA PRO A 32 -5.21 -9.11 0.87
C PRO A 32 -4.87 -9.84 -0.44
N LYS A 33 -5.41 -11.05 -0.57
CA LYS A 33 -5.15 -11.86 -1.77
C LYS A 33 -6.19 -11.57 -2.86
N HIS A 34 -7.45 -11.44 -2.44
CA HIS A 34 -8.54 -11.18 -3.37
C HIS A 34 -8.26 -9.93 -4.20
N HIS A 35 -7.58 -8.96 -3.60
CA HIS A 35 -7.26 -7.71 -4.29
C HIS A 35 -5.92 -7.83 -5.03
N ALA A 36 -4.98 -8.55 -4.41
CA ALA A 36 -3.66 -8.74 -5.00
C ALA A 36 -3.76 -9.44 -6.36
N GLU A 37 -4.87 -10.12 -6.60
CA GLU A 37 -5.08 -10.84 -7.86
C GLU A 37 -6.10 -10.12 -8.73
N LYS A 38 -7.04 -9.43 -8.09
CA LYS A 38 -8.08 -8.70 -8.81
C LYS A 38 -7.58 -7.35 -9.29
N HIS A 39 -6.65 -6.76 -8.53
CA HIS A 39 -6.09 -5.47 -8.88
C HIS A 39 -4.63 -5.60 -9.34
N PHE A 40 -3.81 -6.23 -8.51
CA PHE A 40 -2.40 -6.42 -8.83
C PHE A 40 -2.19 -7.69 -9.65
N PRO A 41 -1.16 -7.72 -10.50
CA PRO A 41 -0.84 -8.88 -11.35
C PRO A 41 -0.61 -10.14 -10.53
N LEU A 42 0.07 -11.11 -11.13
CA LEU A 42 0.36 -12.37 -10.45
C LEU A 42 1.83 -12.76 -10.61
N PRO A 43 2.73 -12.13 -9.81
CA PRO A 43 4.16 -12.41 -9.87
C PRO A 43 4.51 -13.78 -9.32
N SER A 44 5.58 -14.37 -9.85
CA SER A 44 6.03 -15.69 -9.42
C SER A 44 7.35 -15.59 -8.65
N SER A 45 8.15 -14.59 -9.00
CA SER A 45 9.45 -14.40 -8.34
C SER A 45 10.39 -15.56 -8.61
N ASN A 46 11.66 -15.26 -8.86
CA ASN A 46 12.65 -16.29 -9.14
C ASN A 46 14.00 -15.92 -8.52
N VAL A 47 14.98 -16.78 -8.70
CA VAL A 47 16.32 -16.56 -8.17
C VAL A 47 17.31 -16.19 -9.27
N SER A 48 16.80 -15.55 -10.31
CA SER A 48 17.65 -15.15 -11.44
C SER A 48 17.32 -13.72 -11.88
N VAL A 49 16.03 -13.44 -12.06
CA VAL A 49 15.59 -12.11 -12.48
C VAL A 49 15.26 -11.25 -11.27
N LYS A 50 14.83 -10.02 -11.53
CA LYS A 50 14.46 -9.09 -10.47
C LYS A 50 13.08 -9.40 -9.93
N GLY A 51 12.61 -8.59 -8.98
CA GLY A 51 11.30 -8.80 -8.40
C GLY A 51 10.28 -7.80 -8.92
N VAL A 52 9.19 -7.62 -8.17
CA VAL A 52 8.14 -6.70 -8.55
C VAL A 52 8.08 -5.50 -7.61
N LEU A 53 8.34 -4.31 -8.15
CA LEU A 53 8.31 -3.09 -7.36
C LEU A 53 7.09 -2.25 -7.70
N LEU A 54 6.61 -1.48 -6.71
CA LEU A 54 5.44 -0.64 -6.90
C LEU A 54 5.75 0.80 -6.50
N ASN A 55 5.56 1.72 -7.44
CA ASN A 55 5.82 3.14 -7.18
C ASN A 55 4.51 3.88 -6.87
N PHE A 56 4.27 4.12 -5.58
CA PHE A 56 3.06 4.81 -5.15
C PHE A 56 3.29 6.32 -5.11
N GLU A 57 2.41 7.06 -5.78
CA GLU A 57 2.51 8.51 -5.83
C GLU A 57 1.68 9.15 -4.71
N ASP A 58 2.23 10.18 -4.08
CA ASP A 58 1.54 10.88 -3.00
C ASP A 58 0.79 12.10 -3.53
N VAL A 59 -0.37 12.37 -2.93
CA VAL A 59 -1.19 13.51 -3.34
C VAL A 59 -0.43 14.82 -3.22
N ASN A 60 0.63 14.83 -2.42
CA ASN A 60 1.44 16.03 -2.23
C ASN A 60 2.62 16.05 -3.18
N GLY A 61 2.43 15.54 -4.39
CA GLY A 61 3.49 15.51 -5.37
C GLY A 61 4.74 14.83 -4.86
N LYS A 62 4.59 13.60 -4.37
CA LYS A 62 5.73 12.85 -3.85
C LYS A 62 5.74 11.43 -4.42
N VAL A 63 6.83 10.71 -4.18
CA VAL A 63 6.97 9.35 -4.67
C VAL A 63 7.33 8.39 -3.54
N TRP A 64 6.92 7.14 -3.68
CA TRP A 64 7.19 6.13 -2.67
C TRP A 64 7.54 4.79 -3.32
N ARG A 65 8.67 4.23 -2.92
CA ARG A 65 9.12 2.95 -3.48
C ARG A 65 8.93 1.82 -2.46
N PHE A 66 8.29 0.74 -2.91
CA PHE A 66 8.04 -0.41 -2.05
C PHE A 66 8.38 -1.71 -2.77
N ARG A 67 8.32 -2.82 -2.05
CA ARG A 67 8.62 -4.13 -2.62
C ARG A 67 7.55 -5.16 -2.24
N TYR A 68 6.98 -5.80 -3.26
CA TYR A 68 5.95 -6.81 -3.04
C TYR A 68 6.58 -8.15 -2.68
N SER A 69 5.96 -8.86 -1.74
CA SER A 69 6.47 -10.16 -1.31
C SER A 69 5.34 -11.17 -1.17
N TYR A 70 5.70 -12.40 -0.80
CA TYR A 70 4.74 -13.48 -0.63
C TYR A 70 4.79 -14.01 0.80
N TRP A 71 4.02 -13.39 1.69
CA TRP A 71 4.00 -13.79 3.10
C TRP A 71 2.60 -14.26 3.51
N ASN A 72 2.44 -14.51 4.81
CA ASN A 72 1.16 -14.96 5.36
C ASN A 72 0.54 -16.06 4.50
N SER A 73 0.83 -17.30 4.85
CA SER A 73 0.30 -18.45 4.12
C SER A 73 0.67 -18.38 2.64
N SER A 74 1.71 -17.62 2.31
CA SER A 74 2.16 -17.48 0.92
C SER A 74 1.17 -16.66 0.09
N GLN A 75 -0.07 -17.14 0.02
CA GLN A 75 -1.10 -16.46 -0.75
C GLN A 75 -1.22 -14.97 -0.43
N SER A 76 -0.69 -14.55 0.72
CA SER A 76 -0.76 -13.14 1.10
C SER A 76 0.50 -12.40 0.68
N TYR A 77 0.34 -11.12 0.36
CA TYR A 77 1.47 -10.30 -0.06
C TYR A 77 1.78 -9.22 0.98
N VAL A 78 3.02 -8.75 0.98
CA VAL A 78 3.44 -7.72 1.93
C VAL A 78 4.37 -6.71 1.26
N LEU A 79 4.23 -5.45 1.64
CA LEU A 79 5.06 -4.40 1.09
C LEU A 79 6.23 -4.07 2.02
N THR A 80 7.35 -4.77 1.83
CA THR A 80 8.52 -4.58 2.65
C THR A 80 9.44 -3.49 2.07
N LYS A 81 10.41 -3.06 2.84
CA LYS A 81 11.36 -2.04 2.40
C LYS A 81 10.62 -0.76 2.01
N GLY A 82 10.56 0.19 2.92
CA GLY A 82 9.88 1.45 2.66
C GLY A 82 8.84 1.79 3.70
N TRP A 83 8.27 0.75 4.32
CA TRP A 83 7.25 0.95 5.35
C TRP A 83 7.80 1.77 6.51
N SER A 84 9.05 1.50 6.87
CA SER A 84 9.70 2.21 7.97
C SER A 84 9.85 3.69 7.64
N ARG A 85 10.33 3.98 6.43
CA ARG A 85 10.53 5.36 5.99
C ARG A 85 9.21 6.09 5.89
N PHE A 86 8.23 5.46 5.27
CA PHE A 86 6.90 6.05 5.10
C PHE A 86 6.27 6.36 6.45
N VAL A 87 6.02 5.30 7.23
CA VAL A 87 5.41 5.45 8.55
C VAL A 87 6.13 6.50 9.38
N LYS A 88 7.44 6.66 9.13
CA LYS A 88 8.24 7.63 9.85
C LYS A 88 8.08 9.02 9.26
N GLU A 89 8.16 9.11 7.94
CA GLU A 89 8.02 10.39 7.24
C GLU A 89 6.66 11.01 7.52
N LYS A 90 5.60 10.30 7.16
CA LYS A 90 4.24 10.79 7.38
C LYS A 90 3.78 10.54 8.80
N ASN A 91 4.64 9.92 9.61
CA ASN A 91 4.29 9.63 11.01
C ASN A 91 3.03 8.77 11.09
N LEU A 92 2.94 7.78 10.21
CA LEU A 92 1.78 6.89 10.19
C LEU A 92 1.59 6.20 11.52
N ARG A 93 0.36 6.21 12.03
CA ARG A 93 0.04 5.57 13.31
C ARG A 93 -1.24 4.76 13.20
N ALA A 94 -1.58 4.07 14.29
CA ALA A 94 -2.78 3.24 14.33
C ALA A 94 -4.04 4.10 14.32
N GLY A 95 -5.15 3.51 13.88
CA GLY A 95 -6.40 4.24 13.83
C GLY A 95 -6.68 4.83 12.47
N ASP A 96 -5.64 4.97 11.66
CA ASP A 96 -5.78 5.53 10.32
C ASP A 96 -6.30 4.48 9.34
N VAL A 97 -6.44 4.88 8.09
CA VAL A 97 -6.93 3.98 7.05
C VAL A 97 -5.99 3.94 5.85
N VAL A 98 -5.29 2.82 5.70
CA VAL A 98 -4.35 2.65 4.59
C VAL A 98 -5.08 2.29 3.30
N SER A 99 -5.34 3.30 2.48
CA SER A 99 -6.02 3.10 1.21
C SER A 99 -5.04 3.10 0.04
N PHE A 100 -5.49 2.67 -1.12
CA PHE A 100 -4.65 2.62 -2.31
C PHE A 100 -5.48 2.80 -3.58
N SER A 101 -5.00 3.64 -4.49
CA SER A 101 -5.69 3.89 -5.74
C SER A 101 -4.83 3.47 -6.93
N ARG A 102 -5.26 3.85 -8.12
CA ARG A 102 -4.52 3.51 -9.35
C ARG A 102 -4.81 4.52 -10.44
N SER A 103 -3.89 4.61 -11.41
CA SER A 103 -4.04 5.53 -12.53
C SER A 103 -4.99 4.96 -13.58
N ASN A 104 -5.61 5.85 -14.36
CA ASN A 104 -6.55 5.44 -15.40
C ASN A 104 -5.83 5.24 -16.73
N GLY A 105 -4.53 4.94 -16.67
CA GLY A 105 -3.77 4.71 -17.88
C GLY A 105 -2.54 3.87 -17.64
N GLN A 106 -1.82 4.17 -16.57
CA GLN A 106 -0.60 3.43 -16.23
C GLN A 106 -0.90 2.33 -15.21
N ASP A 107 -0.40 1.13 -15.46
CA ASP A 107 -0.61 0.00 -14.57
C ASP A 107 0.36 0.04 -13.40
N GLN A 108 1.62 0.36 -13.70
CA GLN A 108 2.65 0.44 -12.67
C GLN A 108 2.44 1.65 -11.77
N GLN A 109 1.86 2.70 -12.32
CA GLN A 109 1.60 3.92 -11.57
C GLN A 109 0.50 3.70 -10.54
N LEU A 110 0.88 3.65 -9.27
CA LEU A 110 -0.09 3.44 -8.19
C LEU A 110 -0.21 4.70 -7.34
N TYR A 111 -1.00 4.60 -6.27
CA TYR A 111 -1.20 5.73 -5.37
C TYR A 111 -1.47 5.25 -3.95
N ILE A 112 -0.98 6.01 -2.97
CA ILE A 112 -1.17 5.66 -1.57
C ILE A 112 -1.76 6.83 -0.80
N GLY A 113 -2.92 6.62 -0.19
CA GLY A 113 -3.57 7.67 0.58
C GLY A 113 -4.08 7.17 1.92
N TRP A 114 -3.98 8.02 2.94
CA TRP A 114 -4.44 7.67 4.27
C TRP A 114 -5.67 8.50 4.66
N LYS A 115 -6.47 7.95 5.58
CA LYS A 115 -7.68 8.64 6.03
C LYS A 115 -7.77 8.61 7.56
N SER A 116 -7.89 9.78 8.16
CA SER A 116 -7.99 9.88 9.62
C SER A 116 -8.60 11.23 10.02
N ARG A 117 -9.88 11.21 10.37
CA ARG A 117 -10.57 12.42 10.78
C ARG A 117 -10.29 12.75 12.24
N SER A 118 -10.92 13.80 12.74
CA SER A 118 -10.74 14.22 14.13
C SER A 118 -12.02 14.82 14.69
N GLY A 119 -12.60 15.76 13.96
CA GLY A 119 -13.83 16.40 14.41
C GLY A 119 -13.58 17.48 15.44
N SER A 120 -13.06 17.08 16.59
CA SER A 120 -12.78 18.02 17.67
C SER A 120 -11.52 18.84 17.36
N ASP A 121 -10.58 18.21 16.67
CA ASP A 121 -9.33 18.89 16.31
C ASP A 121 -9.51 19.70 15.03
N LEU A 122 -10.37 19.23 14.13
CA LEU A 122 -10.62 19.91 12.88
C LEU A 122 -11.52 21.12 13.09
N ASP A 123 -11.15 22.24 12.49
CA ASP A 123 -11.93 23.47 12.62
C ASP A 123 -12.98 23.57 11.51
N ALA A 124 -14.10 24.21 11.82
CA ALA A 124 -15.18 24.37 10.85
C ALA A 124 -15.69 25.81 10.82
N ARG A 8 -6.79 11.40 -16.11
CA ARG A 8 -7.97 12.21 -15.72
C ARG A 8 -8.62 11.67 -14.44
N SER A 9 -8.02 12.02 -13.30
CA SER A 9 -8.53 11.57 -12.01
C SER A 9 -8.51 10.05 -11.91
N ALA A 10 -7.66 9.53 -11.04
CA ALA A 10 -7.54 8.10 -10.84
C ALA A 10 -8.75 7.54 -10.10
N GLU A 11 -8.75 6.23 -9.88
CA GLU A 11 -9.85 5.57 -9.18
C GLU A 11 -9.33 4.73 -8.02
N ALA A 12 -10.07 4.75 -6.92
CA ALA A 12 -9.69 4.00 -5.73
C ALA A 12 -9.75 2.49 -5.99
N LEU A 13 -8.69 1.79 -5.61
CA LEU A 13 -8.62 0.34 -5.79
C LEU A 13 -9.22 -0.39 -4.60
N PHE A 14 -8.65 -0.15 -3.42
CA PHE A 14 -9.12 -0.79 -2.20
C PHE A 14 -8.79 0.06 -0.98
N GLU A 15 -9.66 0.03 0.01
CA GLU A 15 -9.46 0.80 1.24
C GLU A 15 -9.55 -0.10 2.46
N LYS A 16 -8.39 -0.44 3.01
CA LYS A 16 -8.32 -1.30 4.19
C LYS A 16 -7.68 -0.56 5.36
N ALA A 17 -8.15 -0.86 6.58
CA ALA A 17 -7.62 -0.23 7.77
C ALA A 17 -6.31 -0.88 8.21
N VAL A 18 -5.49 -0.13 8.93
CA VAL A 18 -4.20 -0.63 9.40
C VAL A 18 -4.29 -1.05 10.86
N THR A 19 -3.82 -2.26 11.16
CA THR A 19 -3.84 -2.79 12.52
C THR A 19 -2.47 -2.62 13.19
N PRO A 20 -2.44 -2.68 14.53
CA PRO A 20 -1.19 -2.55 15.28
C PRO A 20 -0.09 -3.47 14.77
N SER A 21 -0.50 -4.58 14.17
CA SER A 21 0.46 -5.55 13.63
C SER A 21 1.14 -5.01 12.38
N ASP A 22 0.38 -4.27 11.57
CA ASP A 22 0.91 -3.69 10.34
C ASP A 22 1.99 -2.67 10.64
N VAL A 23 1.87 -2.00 11.79
CA VAL A 23 2.84 -0.99 12.19
C VAL A 23 3.48 -1.35 13.53
N GLY A 24 3.66 -2.65 13.76
CA GLY A 24 4.25 -3.10 15.00
C GLY A 24 5.71 -2.69 15.13
N LYS A 25 6.56 -3.64 15.48
CA LYS A 25 7.98 -3.37 15.65
C LYS A 25 8.71 -3.47 14.31
N LEU A 26 8.39 -4.51 13.54
CA LEU A 26 9.02 -4.72 12.25
C LEU A 26 8.64 -3.61 11.27
N ASN A 27 7.44 -3.07 11.45
CA ASN A 27 6.95 -1.99 10.58
C ASN A 27 6.86 -2.46 9.13
N ARG A 28 5.74 -3.10 8.80
CA ARG A 28 5.52 -3.60 7.45
C ARG A 28 4.03 -3.63 7.12
N LEU A 29 3.68 -3.18 5.92
CA LEU A 29 2.29 -3.15 5.49
C LEU A 29 1.88 -4.50 4.91
N VAL A 30 0.59 -4.84 5.08
CA VAL A 30 0.08 -6.11 4.58
C VAL A 30 -1.14 -5.89 3.68
N ILE A 31 -1.33 -6.77 2.72
CA ILE A 31 -2.45 -6.68 1.79
C ILE A 31 -3.05 -8.06 1.51
N PRO A 32 -4.36 -8.25 1.76
CA PRO A 32 -5.04 -9.52 1.53
C PRO A 32 -4.82 -10.05 0.11
N LYS A 33 -5.27 -11.27 -0.13
CA LYS A 33 -5.13 -11.89 -1.45
C LYS A 33 -6.33 -11.57 -2.34
N HIS A 34 -7.51 -11.46 -1.72
CA HIS A 34 -8.73 -11.17 -2.46
C HIS A 34 -8.70 -9.76 -3.04
N HIS A 35 -7.88 -8.90 -2.46
CA HIS A 35 -7.75 -7.52 -2.92
C HIS A 35 -6.52 -7.35 -3.81
N ALA A 36 -5.48 -8.12 -3.53
CA ALA A 36 -4.24 -8.05 -4.30
C ALA A 36 -4.27 -9.02 -5.48
N GLU A 37 -5.44 -9.53 -5.83
CA GLU A 37 -5.58 -10.46 -6.93
C GLU A 37 -6.44 -9.87 -8.05
N LYS A 38 -7.51 -9.18 -7.65
CA LYS A 38 -8.42 -8.55 -8.61
C LYS A 38 -7.83 -7.26 -9.14
N HIS A 39 -7.46 -6.36 -8.23
CA HIS A 39 -6.88 -5.08 -8.61
C HIS A 39 -5.47 -5.25 -9.16
N PHE A 40 -4.68 -6.10 -8.51
CA PHE A 40 -3.31 -6.36 -8.93
C PHE A 40 -3.24 -7.59 -9.82
N PRO A 41 -2.50 -7.50 -10.94
CA PRO A 41 -2.35 -8.63 -11.88
C PRO A 41 -1.43 -9.71 -11.34
N LEU A 42 -1.14 -10.71 -12.17
CA LEU A 42 -0.28 -11.81 -11.77
C LEU A 42 1.12 -11.64 -12.36
N PRO A 43 2.12 -11.32 -11.52
CA PRO A 43 3.50 -11.13 -11.97
C PRO A 43 4.13 -12.43 -12.46
N SER A 44 5.35 -12.34 -12.97
CA SER A 44 6.07 -13.51 -13.48
C SER A 44 5.20 -14.30 -14.44
N SER A 45 4.37 -13.60 -15.20
CA SER A 45 3.49 -14.23 -16.18
C SER A 45 4.07 -14.16 -17.57
N ASN A 46 5.40 -14.21 -17.66
CA ASN A 46 6.10 -14.14 -18.95
C ASN A 46 7.59 -14.32 -18.77
N VAL A 47 8.13 -13.70 -17.72
CA VAL A 47 9.56 -13.78 -17.43
C VAL A 47 9.81 -14.44 -16.09
N SER A 48 11.01 -14.99 -15.92
CA SER A 48 11.38 -15.66 -14.67
C SER A 48 12.31 -14.77 -13.84
N VAL A 49 11.72 -13.91 -13.02
CA VAL A 49 12.50 -13.01 -12.17
C VAL A 49 12.06 -13.12 -10.71
N LYS A 50 13.03 -13.31 -9.82
CA LYS A 50 12.75 -13.44 -8.40
C LYS A 50 12.79 -12.07 -7.72
N GLY A 51 11.60 -11.50 -7.49
CA GLY A 51 11.52 -10.19 -6.85
C GLY A 51 10.71 -9.21 -7.64
N VAL A 52 9.76 -8.55 -6.99
CA VAL A 52 8.91 -7.57 -7.64
C VAL A 52 8.81 -6.29 -6.81
N LEU A 53 9.16 -5.16 -7.41
CA LEU A 53 9.10 -3.87 -6.72
C LEU A 53 7.93 -3.04 -7.22
N LEU A 54 7.25 -2.38 -6.29
CA LEU A 54 6.10 -1.55 -6.64
C LEU A 54 6.39 -0.08 -6.34
N ASN A 55 5.81 0.81 -7.14
CA ASN A 55 6.01 2.24 -6.96
C ASN A 55 4.68 2.96 -6.83
N PHE A 56 4.55 3.80 -5.80
CA PHE A 56 3.33 4.55 -5.56
C PHE A 56 3.58 6.05 -5.68
N GLU A 57 2.53 6.80 -6.01
CA GLU A 57 2.65 8.25 -6.17
C GLU A 57 1.89 8.96 -5.05
N ASP A 58 2.41 10.12 -4.65
CA ASP A 58 1.79 10.91 -3.59
C ASP A 58 1.18 12.19 -4.15
N VAL A 59 -0.05 12.48 -3.73
CA VAL A 59 -0.75 13.67 -4.19
C VAL A 59 0.04 14.95 -3.87
N ASN A 60 0.95 14.85 -2.90
CA ASN A 60 1.77 15.99 -2.51
C ASN A 60 3.10 16.00 -3.26
N GLY A 61 3.08 15.58 -4.52
CA GLY A 61 4.29 15.55 -5.32
C GLY A 61 5.40 14.77 -4.65
N LYS A 62 5.15 13.49 -4.38
CA LYS A 62 6.14 12.63 -3.75
C LYS A 62 6.06 11.21 -4.28
N VAL A 63 7.12 10.75 -4.93
CA VAL A 63 7.15 9.40 -5.49
C VAL A 63 7.69 8.40 -4.47
N TRP A 64 6.86 7.44 -4.09
CA TRP A 64 7.24 6.42 -3.13
C TRP A 64 7.67 5.14 -3.82
N ARG A 65 8.54 4.37 -3.18
CA ARG A 65 9.03 3.11 -3.74
C ARG A 65 8.94 2.00 -2.70
N PHE A 66 7.91 1.18 -2.79
CA PHE A 66 7.71 0.07 -1.85
C PHE A 66 8.18 -1.25 -2.47
N ARG A 67 8.23 -2.29 -1.65
CA ARG A 67 8.65 -3.61 -2.10
C ARG A 67 7.54 -4.63 -1.90
N TYR A 68 7.26 -5.42 -2.93
CA TYR A 68 6.23 -6.44 -2.86
C TYR A 68 6.83 -7.82 -2.66
N SER A 69 6.56 -8.43 -1.51
CA SER A 69 7.10 -9.76 -1.20
C SER A 69 6.01 -10.67 -0.66
N TYR A 70 6.24 -11.98 -0.79
CA TYR A 70 5.29 -12.98 -0.31
C TYR A 70 5.40 -13.15 1.20
N TRP A 71 4.29 -12.96 1.90
CA TRP A 71 4.27 -13.09 3.35
C TRP A 71 3.08 -13.89 3.84
N ASN A 72 3.10 -14.22 5.14
CA ASN A 72 2.02 -15.00 5.76
C ASN A 72 1.90 -16.37 5.10
N SER A 73 0.72 -16.71 4.57
CA SER A 73 0.51 -17.99 3.92
C SER A 73 0.83 -17.91 2.43
N SER A 74 1.88 -17.16 2.09
CA SER A 74 2.31 -17.00 0.70
C SER A 74 1.40 -16.04 -0.06
N GLN A 75 0.10 -16.30 -0.02
CA GLN A 75 -0.87 -15.47 -0.74
C GLN A 75 -1.00 -14.06 -0.13
N SER A 76 -0.31 -13.80 0.98
CA SER A 76 -0.39 -12.48 1.60
C SER A 76 0.80 -11.62 1.23
N TYR A 77 0.55 -10.52 0.53
CA TYR A 77 1.61 -9.60 0.11
C TYR A 77 1.84 -8.52 1.15
N VAL A 78 3.06 -8.05 1.24
CA VAL A 78 3.41 -7.01 2.20
C VAL A 78 4.29 -5.94 1.56
N LEU A 79 4.02 -4.69 1.90
CA LEU A 79 4.78 -3.57 1.37
C LEU A 79 5.82 -3.08 2.36
N THR A 80 7.00 -3.70 2.31
CA THR A 80 8.09 -3.34 3.22
C THR A 80 8.97 -2.23 2.62
N LYS A 81 10.02 -1.87 3.36
CA LYS A 81 10.95 -0.83 2.91
C LYS A 81 10.27 0.54 2.87
N GLY A 82 9.36 0.71 1.92
CA GLY A 82 8.67 1.99 1.79
C GLY A 82 7.82 2.32 3.00
N TRP A 83 7.43 1.29 3.75
CA TRP A 83 6.61 1.48 4.93
C TRP A 83 7.36 2.26 6.01
N SER A 84 8.57 1.79 6.33
CA SER A 84 9.40 2.44 7.35
C SER A 84 9.63 3.91 7.00
N ARG A 85 9.85 4.19 5.72
CA ARG A 85 10.08 5.55 5.26
C ARG A 85 8.79 6.34 5.20
N PHE A 86 7.69 5.65 4.92
CA PHE A 86 6.38 6.28 4.83
C PHE A 86 5.82 6.54 6.23
N VAL A 87 5.68 5.48 7.02
CA VAL A 87 5.16 5.60 8.37
C VAL A 87 5.93 6.63 9.19
N LYS A 88 7.22 6.77 8.89
CA LYS A 88 8.07 7.72 9.60
C LYS A 88 7.81 9.14 9.11
N GLU A 89 7.68 9.30 7.80
CA GLU A 89 7.44 10.61 7.20
C GLU A 89 6.14 11.22 7.75
N LYS A 90 5.03 10.54 7.49
CA LYS A 90 3.72 11.02 7.95
C LYS A 90 3.44 10.56 9.38
N ASN A 91 4.41 9.91 10.01
CA ASN A 91 4.25 9.44 11.38
C ASN A 91 3.01 8.55 11.51
N LEU A 92 2.81 7.68 10.52
CA LEU A 92 1.66 6.77 10.52
C LEU A 92 1.65 5.91 11.78
N ARG A 93 0.46 5.45 12.15
CA ARG A 93 0.30 4.61 13.34
C ARG A 93 -0.91 3.69 13.19
N ALA A 94 -1.13 2.86 14.21
CA ALA A 94 -2.26 1.93 14.21
C ALA A 94 -3.57 2.65 14.54
N GLY A 95 -4.64 2.25 13.86
CA GLY A 95 -5.93 2.86 14.10
C GLY A 95 -6.43 3.65 12.91
N ASP A 96 -5.50 4.11 12.07
CA ASP A 96 -5.87 4.89 10.90
C ASP A 96 -6.33 3.97 9.76
N VAL A 97 -6.56 4.57 8.60
CA VAL A 97 -7.02 3.81 7.43
C VAL A 97 -6.07 4.00 6.25
N VAL A 98 -5.83 2.93 5.51
CA VAL A 98 -4.94 2.98 4.35
C VAL A 98 -5.71 2.76 3.06
N SER A 99 -5.50 3.63 2.08
CA SER A 99 -6.17 3.53 0.80
C SER A 99 -5.15 3.48 -0.34
N PHE A 100 -5.56 2.91 -1.48
CA PHE A 100 -4.70 2.81 -2.64
C PHE A 100 -5.49 3.00 -3.93
N SER A 101 -4.89 3.70 -4.88
CA SER A 101 -5.54 3.96 -6.17
C SER A 101 -4.55 3.75 -7.31
N ARG A 102 -5.09 3.57 -8.52
CA ARG A 102 -4.26 3.36 -9.70
C ARG A 102 -4.76 4.20 -10.87
N SER A 103 -3.89 4.43 -11.85
CA SER A 103 -4.24 5.20 -13.03
C SER A 103 -4.95 4.34 -14.06
N ASN A 104 -6.02 4.89 -14.65
CA ASN A 104 -6.80 4.17 -15.65
C ASN A 104 -6.26 4.43 -17.06
N GLY A 105 -4.99 4.80 -17.16
CA GLY A 105 -4.39 5.08 -18.45
C GLY A 105 -3.64 3.89 -19.01
N GLN A 106 -2.43 4.12 -19.51
CA GLN A 106 -1.61 3.06 -20.07
C GLN A 106 -0.24 3.01 -19.40
N ASP A 107 -0.20 3.40 -18.13
CA ASP A 107 1.04 3.41 -17.37
C ASP A 107 0.83 2.80 -15.97
N GLN A 108 1.69 1.86 -15.61
CA GLN A 108 1.60 1.22 -14.31
C GLN A 108 2.03 2.17 -13.19
N GLN A 109 1.05 2.81 -12.56
CA GLN A 109 1.33 3.75 -11.48
C GLN A 109 0.32 3.58 -10.35
N LEU A 110 0.82 3.46 -9.13
CA LEU A 110 -0.04 3.30 -7.96
C LEU A 110 -0.14 4.59 -7.17
N TYR A 111 -0.91 4.57 -6.09
CA TYR A 111 -1.10 5.73 -5.24
C TYR A 111 -1.41 5.32 -3.81
N ILE A 112 -0.91 6.10 -2.85
CA ILE A 112 -1.14 5.82 -1.44
C ILE A 112 -1.97 6.91 -0.77
N GLY A 113 -2.81 6.51 0.17
CA GLY A 113 -3.66 7.47 0.87
C GLY A 113 -3.92 7.07 2.30
N TRP A 114 -4.05 8.06 3.17
CA TRP A 114 -4.29 7.81 4.59
C TRP A 114 -5.40 8.72 5.12
N LYS A 115 -5.91 8.40 6.30
CA LYS A 115 -6.97 9.17 6.92
C LYS A 115 -6.95 8.99 8.44
N SER A 116 -6.72 10.09 9.16
CA SER A 116 -6.68 10.04 10.62
C SER A 116 -7.81 10.88 11.21
N ARG A 117 -9.05 10.49 10.96
CA ARG A 117 -10.21 11.20 11.46
C ARG A 117 -10.62 10.66 12.82
N SER A 118 -10.95 11.56 13.73
CA SER A 118 -11.37 11.17 15.08
C SER A 118 -12.36 12.19 15.66
N GLY A 119 -13.63 11.99 15.37
CA GLY A 119 -14.65 12.90 15.87
C GLY A 119 -16.03 12.26 15.90
N SER A 120 -16.40 11.73 17.06
CA SER A 120 -17.70 11.08 17.22
C SER A 120 -18.82 12.12 17.26
N ASP A 121 -20.04 11.67 16.99
CA ASP A 121 -21.20 12.56 17.00
C ASP A 121 -21.52 13.04 18.41
N LEU A 122 -21.46 12.11 19.36
CA LEU A 122 -21.73 12.44 20.76
C LEU A 122 -20.65 13.36 21.33
N ASP A 123 -21.07 14.51 21.85
CA ASP A 123 -20.15 15.47 22.43
C ASP A 123 -19.50 14.91 23.69
N ALA A 124 -20.27 14.17 24.48
CA ALA A 124 -19.77 13.59 25.71
C ALA A 124 -19.67 12.06 25.58
N ARG A 8 -11.60 14.32 -10.20
CA ARG A 8 -10.75 13.13 -9.93
C ARG A 8 -10.42 12.38 -11.22
N SER A 9 -9.45 11.47 -11.14
CA SER A 9 -9.05 10.67 -12.30
C SER A 9 -8.80 9.22 -11.90
N ALA A 10 -8.06 9.04 -10.82
CA ALA A 10 -7.74 7.70 -10.33
C ALA A 10 -8.95 7.06 -9.67
N GLU A 11 -8.97 5.72 -9.67
CA GLU A 11 -10.07 4.98 -9.07
C GLU A 11 -9.60 4.22 -7.83
N ALA A 12 -10.42 4.22 -6.79
CA ALA A 12 -10.10 3.53 -5.55
C ALA A 12 -10.04 2.02 -5.76
N LEU A 13 -8.91 1.42 -5.40
CA LEU A 13 -8.73 -0.02 -5.55
C LEU A 13 -9.21 -0.76 -4.31
N PHE A 14 -8.54 -0.52 -3.18
CA PHE A 14 -8.90 -1.18 -1.93
C PHE A 14 -8.55 -0.29 -0.74
N GLU A 15 -9.23 -0.53 0.38
CA GLU A 15 -9.00 0.26 1.59
C GLU A 15 -8.91 -0.66 2.81
N LYS A 16 -7.71 -0.77 3.37
CA LYS A 16 -7.49 -1.61 4.55
C LYS A 16 -7.21 -0.76 5.79
N ALA A 17 -7.56 -1.28 6.95
CA ALA A 17 -7.36 -0.58 8.20
C ALA A 17 -6.07 -1.02 8.87
N VAL A 18 -5.26 -0.05 9.31
CA VAL A 18 -4.00 -0.34 9.97
C VAL A 18 -4.21 -0.72 11.43
N THR A 19 -3.59 -1.82 11.85
CA THR A 19 -3.71 -2.28 13.22
C THR A 19 -2.45 -1.97 14.02
N PRO A 20 -2.54 -2.02 15.36
CA PRO A 20 -1.40 -1.73 16.24
C PRO A 20 -0.29 -2.77 16.10
N SER A 21 0.41 -2.73 14.97
CA SER A 21 1.50 -3.66 14.71
C SER A 21 2.13 -3.38 13.34
N ASP A 22 1.29 -3.06 12.37
CA ASP A 22 1.76 -2.76 11.02
C ASP A 22 2.70 -1.56 11.01
N VAL A 23 2.55 -0.69 12.01
CA VAL A 23 3.38 0.51 12.10
C VAL A 23 4.32 0.42 13.30
N GLY A 24 4.72 -0.79 13.66
CA GLY A 24 5.63 -0.98 14.77
C GLY A 24 7.03 -1.31 14.33
N LYS A 25 7.75 -2.06 15.16
CA LYS A 25 9.13 -2.45 14.84
C LYS A 25 9.18 -3.20 13.52
N LEU A 26 8.20 -4.08 13.30
CA LEU A 26 8.14 -4.87 12.08
C LEU A 26 7.33 -4.14 11.02
N ASN A 27 7.78 -2.95 10.65
CA ASN A 27 7.10 -2.14 9.64
C ASN A 27 6.82 -2.94 8.37
N ARG A 28 5.55 -3.14 8.08
CA ARG A 28 5.15 -3.89 6.89
C ARG A 28 3.63 -3.95 6.77
N LEU A 29 3.11 -3.45 5.65
CA LEU A 29 1.67 -3.45 5.41
C LEU A 29 1.22 -4.81 4.89
N VAL A 30 0.03 -5.24 5.32
CA VAL A 30 -0.51 -6.53 4.89
C VAL A 30 -1.63 -6.35 3.87
N ILE A 31 -1.53 -7.08 2.76
CA ILE A 31 -2.53 -7.00 1.70
C ILE A 31 -2.99 -8.40 1.29
N PRO A 32 -4.31 -8.67 1.35
CA PRO A 32 -4.87 -9.97 0.96
C PRO A 32 -4.70 -10.26 -0.53
N LYS A 33 -5.00 -11.49 -0.93
CA LYS A 33 -4.89 -11.89 -2.33
C LYS A 33 -6.08 -11.38 -3.14
N HIS A 34 -7.25 -11.38 -2.52
CA HIS A 34 -8.47 -10.93 -3.19
C HIS A 34 -8.31 -9.50 -3.70
N HIS A 35 -7.43 -8.73 -3.06
CA HIS A 35 -7.18 -7.35 -3.45
C HIS A 35 -5.96 -7.23 -4.35
N ALA A 36 -5.04 -8.19 -4.21
CA ALA A 36 -3.81 -8.19 -5.00
C ALA A 36 -3.99 -8.97 -6.30
N GLU A 37 -5.24 -9.26 -6.67
CA GLU A 37 -5.54 -10.00 -7.88
C GLU A 37 -6.54 -9.25 -8.75
N LYS A 38 -7.60 -8.74 -8.12
CA LYS A 38 -8.63 -8.00 -8.83
C LYS A 38 -8.08 -6.68 -9.36
N HIS A 39 -7.08 -6.14 -8.67
CA HIS A 39 -6.47 -4.87 -9.06
C HIS A 39 -5.04 -5.09 -9.53
N PHE A 40 -4.30 -5.90 -8.79
CA PHE A 40 -2.91 -6.19 -9.12
C PHE A 40 -2.79 -7.47 -9.94
N PRO A 41 -1.73 -7.59 -10.75
CA PRO A 41 -1.50 -8.78 -11.59
C PRO A 41 -1.45 -10.07 -10.78
N LEU A 42 -0.88 -11.12 -11.37
CA LEU A 42 -0.76 -12.40 -10.70
C LEU A 42 0.70 -12.76 -10.46
N PRO A 43 0.96 -13.64 -9.48
CA PRO A 43 2.33 -14.06 -9.15
C PRO A 43 3.02 -14.77 -10.32
N SER A 44 4.13 -14.21 -10.77
CA SER A 44 4.88 -14.78 -11.88
C SER A 44 6.17 -15.42 -11.39
N SER A 45 6.98 -15.90 -12.34
CA SER A 45 8.25 -16.53 -11.99
C SER A 45 9.39 -15.52 -12.02
N ASN A 46 10.59 -15.98 -11.66
CA ASN A 46 11.76 -15.12 -11.65
C ASN A 46 12.67 -15.41 -12.83
N VAL A 47 12.23 -15.03 -14.02
CA VAL A 47 13.00 -15.25 -15.24
C VAL A 47 13.52 -13.93 -15.82
N SER A 48 12.73 -12.88 -15.65
CA SER A 48 13.10 -11.56 -16.15
C SER A 48 13.62 -10.67 -15.03
N VAL A 49 12.83 -10.55 -13.97
CA VAL A 49 13.21 -9.72 -12.82
C VAL A 49 13.33 -10.57 -11.56
N LYS A 50 14.23 -10.16 -10.67
CA LYS A 50 14.45 -10.89 -9.42
C LYS A 50 13.54 -10.35 -8.32
N GLY A 51 12.24 -10.29 -8.60
CA GLY A 51 11.29 -9.79 -7.63
C GLY A 51 10.27 -8.86 -8.25
N VAL A 52 9.42 -8.28 -7.41
CA VAL A 52 8.39 -7.36 -7.87
C VAL A 52 8.35 -6.09 -7.03
N LEU A 53 8.61 -4.96 -7.65
CA LEU A 53 8.61 -3.68 -6.95
C LEU A 53 7.48 -2.79 -7.44
N LEU A 54 6.79 -2.14 -6.49
CA LEU A 54 5.67 -1.26 -6.83
C LEU A 54 6.08 0.20 -6.70
N ASN A 55 5.38 1.07 -7.43
CA ASN A 55 5.67 2.49 -7.39
C ASN A 55 4.41 3.30 -7.09
N PHE A 56 4.39 3.95 -5.92
CA PHE A 56 3.24 4.74 -5.51
C PHE A 56 3.59 6.23 -5.52
N GLU A 57 2.60 7.07 -5.81
CA GLU A 57 2.80 8.51 -5.85
C GLU A 57 2.27 9.16 -4.57
N ASP A 58 2.66 10.42 -4.35
CA ASP A 58 2.22 11.15 -3.17
C ASP A 58 1.59 12.48 -3.57
N VAL A 59 0.46 12.80 -2.95
CA VAL A 59 -0.25 14.04 -3.24
C VAL A 59 0.64 15.26 -3.01
N ASN A 60 1.69 15.08 -2.21
CA ASN A 60 2.62 16.17 -1.92
C ASN A 60 3.80 16.16 -2.89
N GLY A 61 3.55 15.75 -4.12
CA GLY A 61 4.61 15.70 -5.12
C GLY A 61 5.80 14.88 -4.67
N LYS A 62 5.55 13.62 -4.32
CA LYS A 62 6.62 12.74 -3.88
C LYS A 62 6.34 11.29 -4.30
N VAL A 63 7.37 10.61 -4.78
CA VAL A 63 7.25 9.23 -5.22
C VAL A 63 7.68 8.26 -4.13
N TRP A 64 7.01 7.12 -4.04
CA TRP A 64 7.33 6.10 -3.04
C TRP A 64 7.57 4.74 -3.70
N ARG A 65 8.62 4.06 -3.24
CA ARG A 65 8.95 2.74 -3.78
C ARG A 65 8.84 1.66 -2.71
N PHE A 66 7.79 0.86 -2.80
CA PHE A 66 7.56 -0.21 -1.83
C PHE A 66 8.01 -1.55 -2.39
N ARG A 67 8.12 -2.54 -1.51
CA ARG A 67 8.55 -3.88 -1.93
C ARG A 67 7.43 -4.90 -1.71
N TYR A 68 7.12 -5.66 -2.77
CA TYR A 68 6.07 -6.67 -2.70
C TYR A 68 6.67 -8.06 -2.57
N SER A 69 6.46 -8.69 -1.42
CA SER A 69 6.99 -10.04 -1.17
C SER A 69 5.88 -10.99 -0.74
N TYR A 70 6.21 -12.27 -0.73
CA TYR A 70 5.24 -13.31 -0.33
C TYR A 70 5.37 -13.62 1.16
N TRP A 71 4.31 -13.31 1.91
CA TRP A 71 4.31 -13.56 3.34
C TRP A 71 3.24 -14.58 3.70
N ASN A 72 3.42 -15.24 4.85
CA ASN A 72 2.48 -16.25 5.32
C ASN A 72 2.48 -17.45 4.39
N SER A 73 1.96 -18.57 4.89
CA SER A 73 1.91 -19.81 4.10
C SER A 73 1.03 -19.64 2.86
N SER A 74 0.20 -18.60 2.85
CA SER A 74 -0.69 -18.34 1.72
C SER A 74 -0.25 -17.12 0.93
N GLN A 75 -1.14 -16.64 0.06
CA GLN A 75 -0.87 -15.49 -0.78
C GLN A 75 -1.01 -14.19 0.00
N SER A 76 -0.26 -14.08 1.09
CA SER A 76 -0.30 -12.88 1.92
C SER A 76 0.83 -11.93 1.53
N TYR A 77 0.52 -10.98 0.65
CA TYR A 77 1.52 -10.01 0.20
C TYR A 77 1.72 -8.91 1.22
N VAL A 78 2.91 -8.32 1.24
CA VAL A 78 3.22 -7.25 2.18
C VAL A 78 4.06 -6.16 1.51
N LEU A 79 3.86 -4.92 1.95
CA LEU A 79 4.59 -3.79 1.42
C LEU A 79 5.61 -3.29 2.44
N THR A 80 6.77 -3.94 2.47
CA THR A 80 7.82 -3.56 3.41
C THR A 80 8.77 -2.53 2.81
N LYS A 81 9.82 -2.18 3.56
CA LYS A 81 10.80 -1.21 3.10
C LYS A 81 10.21 0.18 3.02
N GLY A 82 9.33 0.40 2.03
CA GLY A 82 8.71 1.69 1.85
C GLY A 82 7.80 2.08 3.01
N TRP A 83 7.34 1.08 3.76
CA TRP A 83 6.45 1.33 4.89
C TRP A 83 7.17 2.09 5.99
N SER A 84 8.37 1.64 6.34
CA SER A 84 9.15 2.29 7.38
C SER A 84 9.43 3.75 7.05
N ARG A 85 9.87 4.00 5.82
CA ARG A 85 10.17 5.35 5.37
C ARG A 85 8.90 6.18 5.24
N PHE A 86 7.80 5.51 4.92
CA PHE A 86 6.52 6.20 4.75
C PHE A 86 5.87 6.49 6.11
N VAL A 87 5.68 5.44 6.90
CA VAL A 87 5.07 5.59 8.22
C VAL A 87 5.80 6.64 9.06
N LYS A 88 7.10 6.76 8.84
CA LYS A 88 7.91 7.71 9.57
C LYS A 88 7.73 9.13 9.03
N GLU A 89 7.72 9.25 7.71
CA GLU A 89 7.55 10.54 7.06
C GLU A 89 6.20 11.16 7.42
N LYS A 90 5.16 10.32 7.45
CA LYS A 90 3.82 10.80 7.78
C LYS A 90 3.45 10.48 9.23
N ASN A 91 4.35 9.79 9.93
CA ASN A 91 4.10 9.43 11.32
C ASN A 91 2.83 8.57 11.45
N LEU A 92 2.61 7.72 10.45
CA LEU A 92 1.44 6.85 10.44
C LEU A 92 1.42 5.95 11.67
N ARG A 93 0.22 5.74 12.22
CA ARG A 93 0.06 4.89 13.40
C ARG A 93 -1.18 4.02 13.28
N ALA A 94 -1.57 3.41 14.39
CA ALA A 94 -2.74 2.54 14.42
C ALA A 94 -4.03 3.36 14.50
N GLY A 95 -5.12 2.79 13.98
CA GLY A 95 -6.39 3.49 14.01
C GLY A 95 -6.72 4.16 12.70
N ASP A 96 -5.69 4.50 11.93
CA ASP A 96 -5.88 5.15 10.64
C ASP A 96 -6.24 4.14 9.57
N VAL A 97 -6.35 4.61 8.33
CA VAL A 97 -6.69 3.74 7.21
C VAL A 97 -5.66 3.86 6.09
N VAL A 98 -5.54 2.81 5.28
CA VAL A 98 -4.60 2.79 4.18
C VAL A 98 -5.30 2.44 2.86
N SER A 99 -5.66 3.46 2.10
CA SER A 99 -6.33 3.26 0.82
C SER A 99 -5.32 3.25 -0.33
N PHE A 100 -5.77 2.81 -1.49
CA PHE A 100 -4.90 2.73 -2.67
C PHE A 100 -5.72 2.85 -3.95
N SER A 101 -5.27 3.71 -4.85
CA SER A 101 -5.96 3.92 -6.12
C SER A 101 -5.00 3.73 -7.30
N ARG A 102 -5.56 3.56 -8.49
CA ARG A 102 -4.77 3.36 -9.69
C ARG A 102 -5.19 4.33 -10.80
N SER A 103 -4.29 4.58 -11.74
CA SER A 103 -4.57 5.48 -12.85
C SER A 103 -4.59 4.73 -14.18
N ASN A 104 -5.57 5.03 -15.02
CA ASN A 104 -5.68 4.39 -16.32
C ASN A 104 -4.86 5.13 -17.37
N GLY A 105 -3.56 5.22 -17.15
CA GLY A 105 -2.69 5.91 -18.09
C GLY A 105 -2.09 4.96 -19.11
N GLN A 106 -0.79 4.70 -18.98
CA GLN A 106 -0.09 3.81 -19.90
C GLN A 106 0.68 2.74 -19.15
N ASP A 107 1.39 3.14 -18.10
CA ASP A 107 2.16 2.21 -17.29
C ASP A 107 1.51 1.99 -15.94
N GLN A 108 2.13 1.15 -15.10
CA GLN A 108 1.60 0.86 -13.77
C GLN A 108 1.85 2.02 -12.83
N GLN A 109 0.83 2.85 -12.62
CA GLN A 109 0.93 3.99 -11.73
C GLN A 109 -0.06 3.89 -10.58
N LEU A 110 0.46 3.78 -9.36
CA LEU A 110 -0.39 3.68 -8.18
C LEU A 110 -0.31 4.95 -7.33
N TYR A 111 -1.16 5.03 -6.32
CA TYR A 111 -1.18 6.19 -5.44
C TYR A 111 -1.54 5.78 -4.01
N ILE A 112 -0.69 6.16 -3.06
CA ILE A 112 -0.92 5.83 -1.65
C ILE A 112 -1.81 6.87 -0.98
N GLY A 113 -2.64 6.42 -0.06
CA GLY A 113 -3.54 7.33 0.64
C GLY A 113 -3.84 6.86 2.05
N TRP A 114 -3.82 7.80 3.00
CA TRP A 114 -4.10 7.47 4.39
C TRP A 114 -5.24 8.34 4.93
N LYS A 115 -6.03 7.77 5.83
CA LYS A 115 -7.16 8.49 6.43
C LYS A 115 -7.06 8.49 7.95
N SER A 116 -7.60 9.54 8.56
CA SER A 116 -7.58 9.67 10.02
C SER A 116 -8.98 9.80 10.58
N ARG A 117 -9.08 10.11 11.87
CA ARG A 117 -10.37 10.26 12.52
C ARG A 117 -11.00 11.61 12.18
N SER A 118 -12.18 11.58 11.59
CA SER A 118 -12.89 12.80 11.22
C SER A 118 -14.17 12.96 12.03
N GLY A 119 -15.11 12.05 11.82
CA GLY A 119 -16.37 12.12 12.55
C GLY A 119 -16.27 11.53 13.95
N SER A 120 -17.01 12.10 14.89
CA SER A 120 -17.00 11.62 16.26
C SER A 120 -18.06 10.56 16.48
N ASP A 121 -19.27 10.84 16.03
CA ASP A 121 -20.38 9.91 16.17
C ASP A 121 -20.48 8.98 14.96
N LEU A 122 -20.82 9.56 13.81
CA LEU A 122 -20.93 8.78 12.58
C LEU A 122 -19.58 8.22 12.15
N ASP A 123 -19.56 6.98 11.72
CA ASP A 123 -18.34 6.33 11.27
C ASP A 123 -18.03 6.68 9.82
N ALA A 124 -19.06 6.71 8.99
CA ALA A 124 -18.89 7.04 7.58
C ALA A 124 -18.35 8.45 7.40
N ARG A 8 -5.35 11.93 -14.98
CA ARG A 8 -6.81 12.19 -14.82
C ARG A 8 -7.34 11.61 -13.52
N SER A 9 -6.55 11.74 -12.45
CA SER A 9 -6.94 11.22 -11.14
C SER A 9 -7.07 9.70 -11.17
N ALA A 10 -6.44 9.04 -10.22
CA ALA A 10 -6.48 7.58 -10.13
C ALA A 10 -7.81 7.11 -9.54
N GLU A 11 -8.04 5.79 -9.59
CA GLU A 11 -9.27 5.22 -9.07
C GLU A 11 -9.00 4.43 -7.79
N ALA A 12 -9.75 4.75 -6.74
CA ALA A 12 -9.59 4.07 -5.46
C ALA A 12 -9.89 2.57 -5.58
N LEU A 13 -8.85 1.75 -5.50
CA LEU A 13 -9.00 0.31 -5.60
C LEU A 13 -9.59 -0.27 -4.31
N PHE A 14 -8.84 -0.13 -3.21
CA PHE A 14 -9.28 -0.64 -1.92
C PHE A 14 -8.54 0.07 -0.79
N GLU A 15 -9.22 0.20 0.35
CA GLU A 15 -8.63 0.86 1.51
C GLU A 15 -8.63 -0.08 2.72
N LYS A 16 -7.43 -0.45 3.17
CA LYS A 16 -7.30 -1.35 4.32
C LYS A 16 -6.99 -0.56 5.58
N ALA A 17 -7.31 -1.15 6.73
CA ALA A 17 -7.05 -0.51 8.02
C ALA A 17 -5.67 -0.86 8.55
N VAL A 18 -4.93 0.17 8.98
CA VAL A 18 -3.59 -0.04 9.50
C VAL A 18 -3.64 -0.51 10.95
N THR A 19 -3.22 -1.75 11.18
CA THR A 19 -3.21 -2.32 12.52
C THR A 19 -1.88 -2.06 13.22
N PRO A 20 -1.86 -2.13 14.56
CA PRO A 20 -0.65 -1.89 15.36
C PRO A 20 0.54 -2.70 14.85
N SER A 21 0.27 -3.81 14.19
CA SER A 21 1.31 -4.67 13.65
C SER A 21 1.89 -4.08 12.36
N ASP A 22 1.05 -3.38 11.61
CA ASP A 22 1.47 -2.77 10.36
C ASP A 22 2.55 -1.71 10.60
N VAL A 23 2.48 -1.07 11.77
CA VAL A 23 3.46 -0.05 12.12
C VAL A 23 4.36 -0.52 13.26
N GLY A 24 4.61 -1.82 13.30
CA GLY A 24 5.46 -2.38 14.34
C GLY A 24 6.93 -2.05 14.13
N LYS A 25 7.80 -2.99 14.49
CA LYS A 25 9.24 -2.79 14.35
C LYS A 25 9.70 -3.22 12.96
N LEU A 26 9.09 -4.28 12.43
CA LEU A 26 9.45 -4.80 11.12
C LEU A 26 8.89 -3.91 10.02
N ASN A 27 7.71 -3.34 10.27
CA ASN A 27 7.06 -2.46 9.29
C ASN A 27 6.74 -3.22 8.01
N ARG A 28 5.50 -3.70 7.90
CA ARG A 28 5.07 -4.44 6.73
C ARG A 28 3.56 -4.28 6.52
N LEU A 29 3.19 -3.66 5.40
CA LEU A 29 1.78 -3.46 5.09
C LEU A 29 1.10 -4.78 4.75
N VAL A 30 -0.19 -4.89 5.05
CA VAL A 30 -0.94 -6.11 4.78
C VAL A 30 -1.90 -5.91 3.62
N ILE A 31 -1.92 -6.84 2.69
CA ILE A 31 -2.80 -6.77 1.53
C ILE A 31 -3.37 -8.15 1.18
N PRO A 32 -4.71 -8.29 1.25
CA PRO A 32 -5.39 -9.57 0.95
C PRO A 32 -5.07 -10.06 -0.46
N LYS A 33 -5.49 -11.29 -0.76
CA LYS A 33 -5.24 -11.88 -2.06
C LYS A 33 -6.40 -11.58 -3.02
N HIS A 34 -7.62 -11.53 -2.48
CA HIS A 34 -8.80 -11.25 -3.29
C HIS A 34 -8.67 -9.91 -4.00
N HIS A 35 -7.94 -8.98 -3.39
CA HIS A 35 -7.75 -7.65 -3.97
C HIS A 35 -6.49 -7.61 -4.82
N ALA A 36 -5.50 -8.44 -4.46
CA ALA A 36 -4.24 -8.49 -5.19
C ALA A 36 -4.35 -9.39 -6.44
N GLU A 37 -5.50 -10.04 -6.60
CA GLU A 37 -5.72 -10.93 -7.74
C GLU A 37 -6.64 -10.28 -8.77
N LYS A 38 -7.56 -9.45 -8.28
CA LYS A 38 -8.50 -8.76 -9.15
C LYS A 38 -7.91 -7.47 -9.71
N HIS A 39 -7.03 -6.85 -8.92
CA HIS A 39 -6.39 -5.60 -9.32
C HIS A 39 -4.94 -5.83 -9.72
N PHE A 40 -4.17 -6.42 -8.82
CA PHE A 40 -2.76 -6.69 -9.08
C PHE A 40 -2.60 -8.02 -9.83
N PRO A 41 -1.54 -8.14 -10.64
CA PRO A 41 -1.27 -9.37 -11.41
C PRO A 41 -0.80 -10.52 -10.53
N LEU A 42 -0.49 -11.65 -11.15
CA LEU A 42 -0.02 -12.83 -10.43
C LEU A 42 0.93 -13.65 -11.28
N PRO A 43 1.95 -14.27 -10.65
CA PRO A 43 2.93 -15.10 -11.36
C PRO A 43 2.28 -16.18 -12.22
N SER A 44 3.07 -16.82 -13.06
CA SER A 44 2.56 -17.89 -13.92
C SER A 44 3.64 -18.90 -14.23
N SER A 45 4.66 -18.99 -13.38
CA SER A 45 5.76 -19.92 -13.56
C SER A 45 6.42 -19.73 -14.92
N ASN A 46 7.57 -19.08 -14.94
CA ASN A 46 8.30 -18.83 -16.18
C ASN A 46 9.73 -19.35 -16.09
N VAL A 47 10.54 -18.71 -15.24
CA VAL A 47 11.92 -19.11 -15.06
C VAL A 47 12.38 -18.86 -13.63
N SER A 48 12.08 -17.68 -13.12
CA SER A 48 12.47 -17.32 -11.76
C SER A 48 11.61 -16.15 -11.25
N VAL A 49 11.84 -15.76 -10.00
CA VAL A 49 11.10 -14.67 -9.39
C VAL A 49 11.92 -13.97 -8.32
N LYS A 50 12.42 -12.78 -8.64
CA LYS A 50 13.22 -12.00 -7.71
C LYS A 50 12.34 -11.08 -6.86
N GLY A 51 11.23 -10.64 -7.44
CA GLY A 51 10.32 -9.77 -6.73
C GLY A 51 9.85 -8.60 -7.60
N VAL A 52 8.60 -8.19 -7.39
CA VAL A 52 8.03 -7.08 -8.15
C VAL A 52 7.99 -5.81 -7.33
N LEU A 53 8.54 -4.73 -7.88
CA LEU A 53 8.57 -3.44 -7.19
C LEU A 53 7.34 -2.62 -7.55
N LEU A 54 6.78 -1.96 -6.54
CA LEU A 54 5.59 -1.13 -6.74
C LEU A 54 5.91 0.35 -6.49
N ASN A 55 5.33 1.21 -7.31
CA ASN A 55 5.56 2.65 -7.20
C ASN A 55 4.30 3.36 -6.70
N PHE A 56 4.39 3.92 -5.50
CA PHE A 56 3.26 4.62 -4.90
C PHE A 56 3.52 6.13 -4.89
N GLU A 57 2.63 6.88 -5.55
CA GLU A 57 2.77 8.32 -5.61
C GLU A 57 1.98 8.99 -4.49
N ASP A 58 2.31 10.25 -4.21
CA ASP A 58 1.64 11.01 -3.16
C ASP A 58 0.81 12.15 -3.76
N VAL A 59 -0.47 12.18 -3.42
CA VAL A 59 -1.37 13.22 -3.92
C VAL A 59 -0.86 14.62 -3.57
N ASN A 60 -0.02 14.70 -2.55
CA ASN A 60 0.54 15.98 -2.12
C ASN A 60 1.70 16.40 -3.00
N GLY A 61 2.36 15.42 -3.62
CA GLY A 61 3.47 15.71 -4.49
C GLY A 61 4.75 15.00 -4.07
N LYS A 62 4.66 13.69 -3.90
CA LYS A 62 5.81 12.89 -3.49
C LYS A 62 5.80 11.54 -4.17
N VAL A 63 6.99 10.93 -4.28
CA VAL A 63 7.12 9.63 -4.91
C VAL A 63 7.63 8.59 -3.92
N TRP A 64 6.89 7.50 -3.77
CA TRP A 64 7.27 6.43 -2.85
C TRP A 64 7.54 5.13 -3.61
N ARG A 65 8.50 4.36 -3.13
CA ARG A 65 8.85 3.09 -3.75
C ARG A 65 8.99 1.99 -2.70
N PHE A 66 8.05 1.05 -2.72
CA PHE A 66 8.06 -0.06 -1.78
C PHE A 66 8.40 -1.38 -2.49
N ARG A 67 8.45 -2.46 -1.71
CA ARG A 67 8.76 -3.78 -2.26
C ARG A 67 7.62 -4.76 -2.01
N TYR A 68 7.37 -5.62 -2.99
CA TYR A 68 6.31 -6.63 -2.89
C TYR A 68 6.91 -7.99 -2.59
N SER A 69 6.36 -8.68 -1.58
CA SER A 69 6.85 -10.00 -1.21
C SER A 69 5.73 -10.89 -0.66
N TYR A 70 5.90 -12.20 -0.78
CA TYR A 70 4.92 -13.15 -0.30
C TYR A 70 5.06 -13.35 1.20
N TRP A 71 3.94 -13.42 1.91
CA TRP A 71 3.95 -13.60 3.36
C TRP A 71 2.85 -14.54 3.82
N ASN A 72 2.84 -14.82 5.12
CA ASN A 72 1.85 -15.70 5.72
C ASN A 72 1.93 -17.10 5.13
N SER A 73 3.10 -17.46 4.61
CA SER A 73 3.30 -18.78 4.01
C SER A 73 2.16 -19.12 3.06
N SER A 74 1.55 -18.08 2.48
CA SER A 74 0.44 -18.25 1.57
C SER A 74 0.25 -17.00 0.71
N GLN A 75 -0.96 -16.78 0.21
CA GLN A 75 -1.24 -15.62 -0.63
C GLN A 75 -1.45 -14.35 0.19
N SER A 76 -0.51 -14.03 1.08
CA SER A 76 -0.61 -12.82 1.88
C SER A 76 0.44 -11.82 1.43
N TYR A 77 0.02 -10.87 0.61
CA TYR A 77 0.92 -9.85 0.08
C TYR A 77 1.17 -8.74 1.10
N VAL A 78 2.41 -8.26 1.13
CA VAL A 78 2.79 -7.19 2.06
C VAL A 78 3.84 -6.28 1.43
N LEU A 79 3.77 -5.00 1.76
CA LEU A 79 4.73 -4.03 1.24
C LEU A 79 5.82 -3.75 2.26
N THR A 80 6.90 -4.53 2.19
CA THR A 80 8.03 -4.36 3.10
C THR A 80 9.06 -3.39 2.54
N LYS A 81 9.98 -2.95 3.38
CA LYS A 81 11.03 -2.03 2.97
C LYS A 81 10.42 -0.73 2.43
N GLY A 82 10.56 0.35 3.18
CA GLY A 82 10.03 1.63 2.76
C GLY A 82 8.85 2.07 3.61
N TRP A 83 8.07 1.10 4.09
CA TRP A 83 6.91 1.41 4.92
C TRP A 83 7.33 2.15 6.18
N SER A 84 8.53 1.84 6.68
CA SER A 84 9.05 2.49 7.88
C SER A 84 9.31 3.98 7.63
N ARG A 85 9.95 4.27 6.50
CA ARG A 85 10.26 5.65 6.14
C ARG A 85 8.98 6.45 5.93
N PHE A 86 7.99 5.81 5.32
CA PHE A 86 6.70 6.46 5.06
C PHE A 86 6.01 6.83 6.37
N VAL A 87 5.81 5.83 7.23
CA VAL A 87 5.16 6.05 8.51
C VAL A 87 5.91 7.09 9.34
N LYS A 88 7.22 7.13 9.16
CA LYS A 88 8.05 8.08 9.90
C LYS A 88 7.91 9.48 9.29
N GLU A 89 7.86 9.55 7.97
CA GLU A 89 7.73 10.82 7.27
C GLU A 89 6.40 11.49 7.59
N LYS A 90 5.33 10.73 7.52
CA LYS A 90 3.99 11.25 7.80
C LYS A 90 3.59 10.96 9.25
N ASN A 91 4.51 10.42 10.04
CA ASN A 91 4.24 10.10 11.43
C ASN A 91 2.99 9.22 11.57
N LEU A 92 2.77 8.37 10.57
CA LEU A 92 1.62 7.48 10.57
C LEU A 92 1.63 6.57 11.80
N ARG A 93 0.46 6.08 12.18
CA ARG A 93 0.34 5.21 13.35
C ARG A 93 -0.91 4.33 13.23
N ALA A 94 -1.10 3.47 14.23
CA ALA A 94 -2.25 2.58 14.24
C ALA A 94 -3.55 3.34 14.53
N GLY A 95 -4.66 2.79 14.07
CA GLY A 95 -5.94 3.43 14.29
C GLY A 95 -6.34 4.35 13.14
N ASP A 96 -5.85 4.03 11.94
CA ASP A 96 -6.15 4.84 10.76
C ASP A 96 -6.45 3.95 9.56
N VAL A 97 -6.66 4.57 8.40
CA VAL A 97 -6.96 3.83 7.19
C VAL A 97 -5.93 4.12 6.10
N VAL A 98 -5.68 3.14 5.23
CA VAL A 98 -4.72 3.30 4.15
C VAL A 98 -5.36 2.96 2.80
N SER A 99 -5.75 4.01 2.07
CA SER A 99 -6.37 3.83 0.77
C SER A 99 -5.32 3.57 -0.30
N PHE A 100 -5.75 3.02 -1.43
CA PHE A 100 -4.84 2.71 -2.53
C PHE A 100 -5.54 2.85 -3.88
N SER A 101 -5.04 3.73 -4.72
CA SER A 101 -5.62 3.95 -6.03
C SER A 101 -4.64 3.53 -7.14
N ARG A 102 -5.11 3.55 -8.38
CA ARG A 102 -4.29 3.17 -9.51
C ARG A 102 -4.58 4.05 -10.72
N SER A 103 -3.64 4.07 -11.67
CA SER A 103 -3.80 4.87 -12.88
C SER A 103 -4.01 4.00 -14.10
N ASN A 104 -4.95 4.37 -14.96
CA ASN A 104 -5.24 3.61 -16.16
C ASN A 104 -4.36 4.06 -17.32
N GLY A 105 -3.04 4.02 -17.11
CA GLY A 105 -2.11 4.43 -18.14
C GLY A 105 -0.82 3.64 -18.10
N GLN A 106 -0.08 3.78 -17.00
CA GLN A 106 1.19 3.07 -16.84
C GLN A 106 0.98 1.68 -16.26
N ASP A 107 -0.24 1.39 -15.81
CA ASP A 107 -0.57 0.10 -15.23
C ASP A 107 0.09 -0.07 -13.87
N GLN A 108 1.42 -0.10 -13.86
CA GLN A 108 2.18 -0.27 -12.63
C GLN A 108 2.37 1.07 -11.93
N GLN A 109 1.26 1.73 -11.61
CA GLN A 109 1.30 3.03 -10.94
C GLN A 109 0.26 3.10 -9.83
N LEU A 110 0.71 2.87 -8.60
CA LEU A 110 -0.19 2.89 -7.44
C LEU A 110 -0.23 4.29 -6.83
N TYR A 111 -1.11 4.47 -5.84
CA TYR A 111 -1.25 5.74 -5.17
C TYR A 111 -1.70 5.55 -3.72
N ILE A 112 -0.84 5.92 -2.79
CA ILE A 112 -1.15 5.77 -1.36
C ILE A 112 -2.03 6.92 -0.87
N GLY A 113 -3.06 6.57 -0.11
CA GLY A 113 -3.97 7.58 0.41
C GLY A 113 -4.44 7.26 1.81
N TRP A 114 -3.70 7.75 2.81
CA TRP A 114 -4.05 7.50 4.21
C TRP A 114 -5.23 8.37 4.63
N LYS A 115 -5.74 8.12 5.83
CA LYS A 115 -6.88 8.88 6.35
C LYS A 115 -6.86 8.88 7.88
N SER A 116 -6.72 10.06 8.46
CA SER A 116 -6.69 10.20 9.92
C SER A 116 -8.03 10.70 10.44
N ARG A 117 -8.75 9.82 11.14
CA ARG A 117 -10.05 10.17 11.70
C ARG A 117 -9.89 10.98 12.99
N SER A 118 -10.34 12.22 12.95
CA SER A 118 -10.25 13.10 14.13
C SER A 118 -11.63 13.47 14.64
N GLY A 119 -12.55 13.72 13.71
CA GLY A 119 -13.91 14.08 14.09
C GLY A 119 -14.89 12.94 13.90
N SER A 120 -15.83 12.80 14.83
CA SER A 120 -16.83 11.74 14.75
C SER A 120 -18.06 12.22 13.99
N ASP A 121 -18.38 13.50 14.12
CA ASP A 121 -19.54 14.08 13.45
C ASP A 121 -19.17 14.55 12.04
N LEU A 122 -17.91 14.96 11.87
CA LEU A 122 -17.44 15.43 10.58
C LEU A 122 -17.61 14.36 9.50
N ASP A 123 -17.40 14.76 8.25
CA ASP A 123 -17.55 13.84 7.12
C ASP A 123 -16.34 12.91 7.04
N ALA A 124 -16.54 11.73 6.46
CA ALA A 124 -15.47 10.75 6.32
C ALA A 124 -15.29 10.34 4.86
N ARG A 8 -5.57 11.52 -13.93
CA ARG A 8 -7.01 11.92 -13.93
C ARG A 8 -7.92 10.71 -14.08
N SER A 9 -9.15 10.84 -13.60
CA SER A 9 -10.12 9.76 -13.67
C SER A 9 -9.61 8.50 -12.96
N ALA A 10 -8.87 8.71 -11.87
CA ALA A 10 -8.31 7.60 -11.11
C ALA A 10 -9.41 6.84 -10.37
N GLU A 11 -9.11 5.61 -9.98
CA GLU A 11 -10.06 4.77 -9.27
C GLU A 11 -9.39 4.04 -8.12
N ALA A 12 -10.08 3.97 -6.98
CA ALA A 12 -9.55 3.29 -5.80
C ALA A 12 -9.66 1.78 -5.95
N LEU A 13 -8.57 1.08 -5.64
CA LEU A 13 -8.55 -0.37 -5.74
C LEU A 13 -9.13 -1.02 -4.48
N PHE A 14 -8.56 -0.69 -3.33
CA PHE A 14 -9.03 -1.24 -2.06
C PHE A 14 -8.55 -0.38 -0.89
N GLU A 15 -9.33 -0.36 0.18
CA GLU A 15 -8.99 0.42 1.37
C GLU A 15 -9.18 -0.40 2.64
N LYS A 16 -8.14 -0.48 3.45
CA LYS A 16 -8.20 -1.23 4.69
C LYS A 16 -7.58 -0.43 5.84
N ALA A 17 -7.86 -0.87 7.07
CA ALA A 17 -7.34 -0.19 8.26
C ALA A 17 -6.04 -0.84 8.73
N VAL A 18 -5.07 -0.01 9.08
CA VAL A 18 -3.78 -0.50 9.55
C VAL A 18 -3.82 -0.82 11.04
N THR A 19 -3.54 -2.07 11.38
CA THR A 19 -3.55 -2.52 12.76
C THR A 19 -2.26 -2.11 13.48
N PRO A 20 -2.30 -2.03 14.82
CA PRO A 20 -1.14 -1.64 15.62
C PRO A 20 0.09 -2.51 15.30
N SER A 21 -0.16 -3.73 14.85
CA SER A 21 0.92 -4.65 14.52
C SER A 21 1.60 -4.26 13.20
N ASP A 22 0.80 -3.76 12.26
CA ASP A 22 1.32 -3.35 10.97
C ASP A 22 2.38 -2.26 11.10
N VAL A 23 2.37 -1.58 12.25
CA VAL A 23 3.33 -0.50 12.49
C VAL A 23 4.22 -0.81 13.69
N GLY A 24 4.70 -2.05 13.78
CA GLY A 24 5.55 -2.44 14.88
C GLY A 24 5.72 -3.94 15.01
N LYS A 25 4.92 -4.55 15.87
CA LYS A 25 4.97 -5.98 16.11
C LYS A 25 5.03 -6.77 14.79
N LEU A 26 4.10 -6.48 13.89
CA LEU A 26 4.04 -7.15 12.61
C LEU A 26 4.87 -6.42 11.55
N ASN A 27 4.87 -5.09 11.63
CA ASN A 27 5.62 -4.27 10.69
C ASN A 27 5.17 -4.53 9.27
N ARG A 28 5.62 -3.70 8.34
CA ARG A 28 5.25 -3.85 6.93
C ARG A 28 3.75 -3.73 6.75
N LEU A 29 3.31 -3.49 5.52
CA LEU A 29 1.90 -3.35 5.22
C LEU A 29 1.30 -4.68 4.76
N VAL A 30 0.04 -4.90 5.10
CA VAL A 30 -0.64 -6.14 4.71
C VAL A 30 -1.72 -5.88 3.67
N ILE A 31 -1.96 -6.86 2.81
CA ILE A 31 -2.95 -6.73 1.76
C ILE A 31 -3.57 -8.09 1.42
N PRO A 32 -4.91 -8.18 1.40
CA PRO A 32 -5.61 -9.44 1.09
C PRO A 32 -5.19 -10.02 -0.26
N LYS A 33 -5.64 -11.22 -0.54
CA LYS A 33 -5.31 -11.91 -1.79
C LYS A 33 -6.32 -11.58 -2.89
N HIS A 34 -7.60 -11.80 -2.59
CA HIS A 34 -8.66 -11.55 -3.55
C HIS A 34 -8.53 -10.16 -4.19
N HIS A 35 -7.92 -9.24 -3.46
CA HIS A 35 -7.72 -7.88 -3.96
C HIS A 35 -6.37 -7.74 -4.64
N ALA A 36 -5.41 -8.57 -4.25
CA ALA A 36 -4.07 -8.53 -4.82
C ALA A 36 -4.00 -9.34 -6.11
N GLU A 37 -5.14 -9.86 -6.56
CA GLU A 37 -5.18 -10.65 -7.79
C GLU A 37 -6.13 -10.03 -8.81
N LYS A 38 -7.26 -9.52 -8.33
CA LYS A 38 -8.25 -8.89 -9.21
C LYS A 38 -7.79 -7.51 -9.65
N HIS A 39 -7.14 -6.79 -8.74
CA HIS A 39 -6.66 -5.45 -9.03
C HIS A 39 -5.16 -5.47 -9.36
N PHE A 40 -4.36 -5.97 -8.43
CA PHE A 40 -2.92 -6.06 -8.61
C PHE A 40 -2.57 -7.21 -9.56
N PRO A 41 -1.42 -7.09 -10.27
CA PRO A 41 -0.98 -8.12 -11.20
C PRO A 41 -0.96 -9.51 -10.56
N LEU A 42 -0.79 -10.53 -11.40
CA LEU A 42 -0.75 -11.91 -10.92
C LEU A 42 0.65 -12.49 -11.04
N PRO A 43 1.41 -12.54 -9.92
CA PRO A 43 2.77 -13.07 -9.91
C PRO A 43 2.82 -14.56 -10.24
N SER A 44 2.53 -14.89 -11.50
CA SER A 44 2.54 -16.28 -11.95
C SER A 44 3.14 -16.40 -13.34
N SER A 45 4.06 -15.49 -13.66
CA SER A 45 4.72 -15.48 -14.96
C SER A 45 6.17 -15.04 -14.83
N ASN A 46 6.39 -13.93 -14.11
CA ASN A 46 7.73 -13.41 -13.92
C ASN A 46 8.34 -13.94 -12.63
N VAL A 47 8.24 -15.25 -12.44
CA VAL A 47 8.79 -15.89 -11.24
C VAL A 47 10.29 -16.10 -11.36
N SER A 48 11.05 -15.17 -10.81
CA SER A 48 12.52 -15.23 -10.85
C SER A 48 13.14 -14.44 -9.71
N VAL A 49 12.65 -13.22 -9.51
CA VAL A 49 13.15 -12.37 -8.45
C VAL A 49 12.18 -12.32 -7.27
N LYS A 50 12.63 -12.78 -6.11
CA LYS A 50 11.80 -12.79 -4.90
C LYS A 50 11.63 -11.37 -4.36
N GLY A 51 10.62 -10.67 -4.86
CA GLY A 51 10.35 -9.33 -4.40
C GLY A 51 10.13 -8.36 -5.55
N VAL A 52 8.88 -7.98 -5.79
CA VAL A 52 8.54 -7.06 -6.87
C VAL A 52 8.65 -5.61 -6.39
N LEU A 53 8.67 -4.68 -7.33
CA LEU A 53 8.77 -3.26 -6.99
C LEU A 53 7.52 -2.51 -7.45
N LEU A 54 7.20 -1.44 -6.73
CA LEU A 54 6.03 -0.62 -7.07
C LEU A 54 6.33 0.86 -6.89
N ASN A 55 5.53 1.71 -7.52
CA ASN A 55 5.71 3.15 -7.43
C ASN A 55 4.42 3.84 -7.02
N PHE A 56 4.34 4.23 -5.75
CA PHE A 56 3.15 4.91 -5.23
C PHE A 56 3.38 6.41 -5.13
N GLU A 57 2.69 7.17 -5.97
CA GLU A 57 2.81 8.63 -5.96
C GLU A 57 2.14 9.23 -4.74
N ASP A 58 2.45 10.51 -4.47
CA ASP A 58 1.87 11.20 -3.33
C ASP A 58 1.28 12.54 -3.75
N VAL A 59 0.13 12.89 -3.17
CA VAL A 59 -0.54 14.14 -3.48
C VAL A 59 0.38 15.34 -3.29
N ASN A 60 1.42 15.17 -2.47
CA ASN A 60 2.37 16.24 -2.22
C ASN A 60 3.57 16.15 -3.16
N GLY A 61 3.32 15.68 -4.39
CA GLY A 61 4.39 15.55 -5.36
C GLY A 61 5.56 14.73 -4.85
N LYS A 62 5.26 13.56 -4.30
CA LYS A 62 6.31 12.68 -3.77
C LYS A 62 6.12 11.25 -4.27
N VAL A 63 7.21 10.62 -4.68
CA VAL A 63 7.17 9.26 -5.19
C VAL A 63 7.69 8.28 -4.15
N TRP A 64 6.89 7.27 -3.83
CA TRP A 64 7.27 6.26 -2.85
C TRP A 64 7.50 4.91 -3.52
N ARG A 65 8.74 4.44 -3.48
CA ARG A 65 9.09 3.15 -4.08
C ARG A 65 9.09 2.04 -3.03
N PHE A 66 8.01 1.25 -3.02
CA PHE A 66 7.89 0.15 -2.07
C PHE A 66 8.22 -1.18 -2.74
N ARG A 67 8.45 -2.21 -1.91
CA ARG A 67 8.77 -3.53 -2.42
C ARG A 67 7.63 -4.51 -2.12
N TYR A 68 7.14 -5.16 -3.16
CA TYR A 68 6.05 -6.11 -3.01
C TYR A 68 6.56 -7.46 -2.52
N SER A 69 6.33 -7.75 -1.25
CA SER A 69 6.77 -9.01 -0.66
C SER A 69 5.63 -10.02 -0.65
N TYR A 70 5.94 -11.26 -0.27
CA TYR A 70 4.93 -12.32 -0.22
C TYR A 70 5.12 -13.20 1.01
N TRP A 71 4.11 -13.22 1.88
CA TRP A 71 4.17 -14.03 3.09
C TRP A 71 3.21 -15.22 2.99
N ASN A 72 3.56 -16.31 3.65
CA ASN A 72 2.73 -17.51 3.64
C ASN A 72 2.66 -18.10 2.23
N SER A 73 2.29 -19.38 2.14
CA SER A 73 2.20 -20.06 0.86
C SER A 73 1.04 -19.50 0.02
N SER A 74 1.33 -18.45 -0.73
CA SER A 74 0.31 -17.82 -1.58
C SER A 74 -0.93 -17.44 -0.78
N GLN A 75 -0.75 -17.26 0.53
CA GLN A 75 -1.87 -16.90 1.40
C GLN A 75 -2.05 -15.39 1.54
N SER A 76 -1.09 -14.73 2.19
CA SER A 76 -1.18 -13.29 2.41
C SER A 76 -0.13 -12.52 1.61
N TYR A 77 -0.40 -11.23 1.41
CA TYR A 77 0.50 -10.35 0.68
C TYR A 77 0.93 -9.19 1.57
N VAL A 78 2.12 -8.66 1.33
CA VAL A 78 2.63 -7.53 2.13
C VAL A 78 3.55 -6.63 1.31
N LEU A 79 3.81 -5.44 1.84
CA LEU A 79 4.67 -4.47 1.19
C LEU A 79 5.85 -4.11 2.08
N THR A 80 7.00 -4.71 1.81
CA THR A 80 8.20 -4.45 2.59
C THR A 80 9.01 -3.30 2.01
N LYS A 81 9.92 -2.74 2.80
CA LYS A 81 10.76 -1.64 2.36
C LYS A 81 9.93 -0.41 2.04
N GLY A 82 10.32 0.73 2.61
CA GLY A 82 9.60 1.96 2.37
C GLY A 82 8.57 2.26 3.45
N TRP A 83 8.06 1.22 4.08
CA TRP A 83 7.06 1.37 5.13
C TRP A 83 7.60 2.20 6.28
N SER A 84 8.78 1.84 6.78
CA SER A 84 9.40 2.56 7.88
C SER A 84 9.61 4.03 7.53
N ARG A 85 10.15 4.29 6.35
CA ARG A 85 10.41 5.65 5.90
C ARG A 85 9.10 6.40 5.70
N PHE A 86 8.04 5.68 5.34
CA PHE A 86 6.75 6.28 5.10
C PHE A 86 6.02 6.57 6.42
N VAL A 87 5.89 5.54 7.25
CA VAL A 87 5.23 5.69 8.54
C VAL A 87 5.87 6.78 9.39
N LYS A 88 7.16 7.01 9.16
CA LYS A 88 7.90 8.04 9.90
C LYS A 88 7.73 9.41 9.25
N GLU A 89 7.73 9.43 7.92
CA GLU A 89 7.57 10.67 7.19
C GLU A 89 6.23 11.32 7.47
N LYS A 90 5.20 10.49 7.65
CA LYS A 90 3.85 10.99 7.93
C LYS A 90 3.47 10.76 9.39
N ASN A 91 4.36 10.11 10.15
CA ASN A 91 4.10 9.84 11.57
C ASN A 91 2.85 8.96 11.73
N LEU A 92 2.65 8.05 10.78
CA LEU A 92 1.50 7.15 10.82
C LEU A 92 1.51 6.31 12.09
N ARG A 93 0.33 5.96 12.57
CA ARG A 93 0.20 5.15 13.78
C ARG A 93 -0.95 4.16 13.65
N ALA A 94 -1.21 3.42 14.73
CA ALA A 94 -2.29 2.44 14.73
C ALA A 94 -3.66 3.12 14.77
N GLY A 95 -4.66 2.45 14.21
CA GLY A 95 -6.00 3.00 14.18
C GLY A 95 -6.21 3.95 13.01
N ASP A 96 -5.46 3.74 11.95
CA ASP A 96 -5.58 4.58 10.75
C ASP A 96 -6.03 3.76 9.55
N VAL A 97 -6.23 4.43 8.42
CA VAL A 97 -6.66 3.76 7.21
C VAL A 97 -5.68 4.00 6.06
N VAL A 98 -5.50 2.99 5.23
CA VAL A 98 -4.58 3.09 4.09
C VAL A 98 -5.26 2.69 2.79
N SER A 99 -5.63 3.68 1.99
CA SER A 99 -6.30 3.42 0.72
C SER A 99 -5.29 3.34 -0.42
N PHE A 100 -5.70 2.73 -1.52
CA PHE A 100 -4.83 2.58 -2.69
C PHE A 100 -5.64 2.67 -3.98
N SER A 101 -5.21 3.55 -4.88
CA SER A 101 -5.89 3.74 -6.16
C SER A 101 -4.92 3.55 -7.32
N ARG A 102 -5.46 3.20 -8.48
CA ARG A 102 -4.64 2.99 -9.68
C ARG A 102 -5.17 3.81 -10.84
N SER A 103 -4.27 4.20 -11.74
CA SER A 103 -4.65 5.00 -12.89
C SER A 103 -4.54 4.17 -14.18
N ASN A 104 -5.63 4.12 -14.93
CA ASN A 104 -5.66 3.36 -16.18
C ASN A 104 -5.20 4.23 -17.35
N GLY A 105 -4.02 4.81 -17.21
CA GLY A 105 -3.48 5.65 -18.27
C GLY A 105 -2.59 4.89 -19.22
N GLN A 106 -1.44 5.49 -19.55
CA GLN A 106 -0.49 4.85 -20.47
C GLN A 106 0.60 4.11 -19.69
N ASP A 107 0.93 4.62 -18.51
CA ASP A 107 1.95 4.00 -17.67
C ASP A 107 1.36 3.54 -16.34
N GLN A 108 2.01 2.57 -15.70
CA GLN A 108 1.55 2.05 -14.43
C GLN A 108 1.95 2.98 -13.28
N GLN A 109 0.95 3.59 -12.66
CA GLN A 109 1.20 4.52 -11.56
C GLN A 109 0.14 4.34 -10.46
N LEU A 110 0.60 4.06 -9.24
CA LEU A 110 -0.30 3.86 -8.12
C LEU A 110 -0.33 5.10 -7.22
N TYR A 111 -1.09 5.03 -6.15
CA TYR A 111 -1.21 6.14 -5.21
C TYR A 111 -1.49 5.65 -3.80
N ILE A 112 -0.77 6.19 -2.82
CA ILE A 112 -0.94 5.81 -1.43
C ILE A 112 -1.66 6.91 -0.65
N GLY A 113 -2.91 6.63 -0.27
CA GLY A 113 -3.69 7.60 0.48
C GLY A 113 -3.99 7.15 1.89
N TRP A 114 -3.65 7.98 2.86
CA TRP A 114 -3.89 7.65 4.27
C TRP A 114 -4.99 8.52 4.85
N LYS A 115 -5.73 7.96 5.80
CA LYS A 115 -6.83 8.68 6.45
C LYS A 115 -6.58 8.84 7.94
N SER A 116 -6.47 10.09 8.39
CA SER A 116 -6.23 10.38 9.79
C SER A 116 -7.55 10.60 10.53
N ARG A 117 -7.99 9.58 11.26
CA ARG A 117 -9.23 9.66 12.02
C ARG A 117 -9.01 10.34 13.37
N SER A 118 -7.79 10.25 13.88
CA SER A 118 -7.46 10.85 15.17
C SER A 118 -7.08 12.32 15.01
N GLY A 119 -8.00 13.10 14.42
CA GLY A 119 -7.76 14.50 14.22
C GLY A 119 -8.19 15.35 15.40
N SER A 120 -7.63 16.55 15.50
CA SER A 120 -7.97 17.46 16.59
C SER A 120 -9.27 18.19 16.31
N ASP A 121 -10.02 18.50 17.36
CA ASP A 121 -11.29 19.19 17.23
C ASP A 121 -11.09 20.70 17.32
N LEU A 122 -10.12 21.13 18.12
CA LEU A 122 -9.82 22.55 18.28
C LEU A 122 -9.00 23.07 17.11
N ASP A 123 -7.92 22.36 16.80
CA ASP A 123 -7.05 22.76 15.71
C ASP A 123 -7.49 22.10 14.40
N ALA A 124 -7.54 22.90 13.33
CA ALA A 124 -7.95 22.40 12.03
C ALA A 124 -6.74 22.09 11.15
N ARG A 8 -8.26 15.50 -13.90
CA ARG A 8 -7.66 14.17 -13.69
C ARG A 8 -8.07 13.56 -12.35
N SER A 9 -8.22 12.25 -12.32
CA SER A 9 -8.61 11.55 -11.09
C SER A 9 -8.22 10.08 -11.15
N ALA A 10 -7.69 9.57 -10.06
CA ALA A 10 -7.28 8.16 -9.98
C ALA A 10 -8.44 7.28 -9.55
N GLU A 11 -8.27 5.97 -9.74
CA GLU A 11 -9.31 5.01 -9.37
C GLU A 11 -8.90 4.20 -8.14
N ALA A 12 -9.70 4.28 -7.09
CA ALA A 12 -9.42 3.56 -5.86
C ALA A 12 -9.64 2.06 -6.03
N LEU A 13 -8.63 1.27 -5.66
CA LEU A 13 -8.72 -0.18 -5.78
C LEU A 13 -9.39 -0.79 -4.55
N PHE A 14 -8.79 -0.59 -3.39
CA PHE A 14 -9.34 -1.11 -2.14
C PHE A 14 -8.77 -0.37 -0.94
N GLU A 15 -9.40 -0.55 0.21
CA GLU A 15 -8.96 0.11 1.45
C GLU A 15 -8.82 -0.90 2.58
N LYS A 16 -7.96 -0.59 3.54
CA LYS A 16 -7.74 -1.46 4.68
C LYS A 16 -7.42 -0.65 5.94
N ALA A 17 -7.91 -1.12 7.07
CA ALA A 17 -7.67 -0.44 8.35
C ALA A 17 -6.34 -0.85 8.94
N VAL A 18 -5.50 0.14 9.23
CA VAL A 18 -4.19 -0.11 9.81
C VAL A 18 -4.29 -0.37 11.31
N THR A 19 -3.54 -1.35 11.80
CA THR A 19 -3.55 -1.69 13.22
C THR A 19 -2.18 -1.43 13.84
N PRO A 20 -2.12 -1.29 15.17
CA PRO A 20 -0.86 -1.05 15.89
C PRO A 20 0.24 -2.02 15.48
N SER A 21 -0.16 -3.19 15.02
CA SER A 21 0.80 -4.22 14.59
C SER A 21 1.42 -3.85 13.25
N ASP A 22 0.60 -3.32 12.34
CA ASP A 22 1.07 -2.94 11.02
C ASP A 22 2.17 -1.87 11.12
N VAL A 23 1.94 -0.88 11.98
CA VAL A 23 2.91 0.20 12.17
C VAL A 23 3.64 0.04 13.50
N GLY A 24 3.81 -1.20 13.94
CA GLY A 24 4.49 -1.46 15.19
C GLY A 24 5.91 -1.96 14.99
N LYS A 25 6.24 -3.06 15.65
CA LYS A 25 7.57 -3.66 15.54
C LYS A 25 7.76 -4.35 14.20
N LEU A 26 6.65 -4.83 13.63
CA LEU A 26 6.70 -5.52 12.35
C LEU A 26 7.30 -4.63 11.26
N ASN A 27 6.87 -3.37 11.23
CA ASN A 27 7.37 -2.42 10.26
C ASN A 27 7.09 -2.90 8.83
N ARG A 28 6.00 -3.65 8.66
CA ARG A 28 5.63 -4.16 7.36
C ARG A 28 4.12 -4.06 7.15
N LEU A 29 3.70 -3.78 5.92
CA LEU A 29 2.29 -3.67 5.61
C LEU A 29 1.76 -4.97 4.99
N VAL A 30 0.58 -5.39 5.44
CA VAL A 30 -0.04 -6.61 4.95
C VAL A 30 -1.15 -6.30 3.93
N ILE A 31 -1.38 -7.22 3.01
CA ILE A 31 -2.41 -7.06 2.00
C ILE A 31 -3.01 -8.39 1.59
N PRO A 32 -4.35 -8.54 1.72
CA PRO A 32 -5.04 -9.78 1.35
C PRO A 32 -4.90 -10.11 -0.12
N LYS A 33 -5.33 -11.31 -0.51
CA LYS A 33 -5.24 -11.75 -1.89
C LYS A 33 -6.50 -11.36 -2.67
N HIS A 34 -7.66 -11.45 -2.03
CA HIS A 34 -8.92 -11.11 -2.67
C HIS A 34 -8.91 -9.67 -3.19
N HIS A 35 -8.03 -8.84 -2.63
CA HIS A 35 -7.92 -7.44 -3.05
C HIS A 35 -6.70 -7.23 -3.93
N ALA A 36 -5.66 -8.01 -3.70
CA ALA A 36 -4.43 -7.92 -4.48
C ALA A 36 -4.46 -8.84 -5.70
N GLU A 37 -5.65 -9.34 -6.04
CA GLU A 37 -5.80 -10.23 -7.18
C GLU A 37 -6.67 -9.59 -8.26
N LYS A 38 -7.66 -8.82 -7.83
CA LYS A 38 -8.56 -8.14 -8.76
C LYS A 38 -7.88 -6.98 -9.46
N HIS A 39 -6.97 -6.31 -8.73
CA HIS A 39 -6.25 -5.17 -9.28
C HIS A 39 -4.79 -5.54 -9.55
N PHE A 40 -4.05 -5.87 -8.49
CA PHE A 40 -2.66 -6.24 -8.62
C PHE A 40 -2.51 -7.56 -9.37
N PRO A 41 -1.94 -7.52 -10.59
CA PRO A 41 -1.75 -8.73 -11.41
C PRO A 41 -1.03 -9.84 -10.64
N LEU A 42 -0.80 -10.96 -11.31
CA LEU A 42 -0.12 -12.10 -10.71
C LEU A 42 1.01 -12.61 -11.60
N PRO A 43 2.01 -13.27 -11.02
CA PRO A 43 3.15 -13.80 -11.77
C PRO A 43 2.72 -14.82 -12.81
N SER A 44 2.27 -14.33 -13.97
CA SER A 44 1.83 -15.21 -15.05
C SER A 44 2.06 -14.55 -16.41
N SER A 45 3.09 -13.71 -16.48
CA SER A 45 3.43 -13.03 -17.73
C SER A 45 4.94 -12.88 -17.88
N ASN A 46 5.65 -14.00 -17.77
CA ASN A 46 7.10 -13.99 -17.89
C ASN A 46 7.74 -13.18 -16.77
N VAL A 47 8.01 -13.85 -15.65
CA VAL A 47 8.63 -13.18 -14.51
C VAL A 47 10.11 -13.54 -14.39
N SER A 48 10.93 -12.55 -14.07
CA SER A 48 12.36 -12.76 -13.93
C SER A 48 12.80 -12.61 -12.47
N VAL A 49 12.14 -11.71 -11.75
CA VAL A 49 12.46 -11.48 -10.34
C VAL A 49 11.22 -11.59 -9.46
N LYS A 50 11.38 -12.21 -8.30
CA LYS A 50 10.27 -12.38 -7.37
C LYS A 50 9.87 -11.03 -6.77
N GLY A 51 10.64 -10.57 -5.79
CA GLY A 51 10.35 -9.29 -5.16
C GLY A 51 10.32 -8.15 -6.15
N VAL A 52 9.11 -7.73 -6.53
CA VAL A 52 8.95 -6.64 -7.48
C VAL A 52 9.11 -5.29 -6.80
N LEU A 53 8.86 -4.23 -7.55
CA LEU A 53 8.97 -2.87 -7.03
C LEU A 53 7.77 -2.04 -7.47
N LEU A 54 6.94 -1.63 -6.50
CA LEU A 54 5.76 -0.84 -6.79
C LEU A 54 6.09 0.66 -6.77
N ASN A 55 5.42 1.41 -7.61
CA ASN A 55 5.64 2.85 -7.70
C ASN A 55 4.41 3.62 -7.21
N PHE A 56 4.35 3.88 -5.91
CA PHE A 56 3.23 4.60 -5.33
C PHE A 56 3.55 6.09 -5.20
N GLU A 57 2.63 6.93 -5.66
CA GLU A 57 2.80 8.37 -5.60
C GLU A 57 2.06 8.96 -4.41
N ASP A 58 2.38 10.21 -4.09
CA ASP A 58 1.75 10.90 -2.96
C ASP A 58 0.94 12.10 -3.43
N VAL A 59 -0.33 12.14 -3.04
CA VAL A 59 -1.21 13.23 -3.43
C VAL A 59 -0.66 14.58 -2.98
N ASN A 60 0.23 14.57 -1.99
CA ASN A 60 0.83 15.79 -1.48
C ASN A 60 1.96 16.27 -2.39
N GLY A 61 2.43 15.40 -3.28
CA GLY A 61 3.49 15.75 -4.19
C GLY A 61 4.80 15.07 -3.84
N LYS A 62 4.78 13.75 -3.75
CA LYS A 62 5.97 12.98 -3.43
C LYS A 62 5.94 11.61 -4.09
N VAL A 63 7.08 10.93 -4.10
CA VAL A 63 7.18 9.61 -4.69
C VAL A 63 7.47 8.55 -3.63
N TRP A 64 7.00 7.34 -3.87
CA TRP A 64 7.20 6.24 -2.93
C TRP A 64 7.44 4.92 -3.67
N ARG A 65 8.30 4.09 -3.12
CA ARG A 65 8.61 2.80 -3.74
C ARG A 65 8.61 1.68 -2.68
N PHE A 66 7.70 0.73 -2.85
CA PHE A 66 7.58 -0.38 -1.92
C PHE A 66 7.92 -1.70 -2.61
N ARG A 67 8.17 -2.73 -1.82
CA ARG A 67 8.51 -4.05 -2.36
C ARG A 67 7.34 -5.01 -2.20
N TYR A 68 7.14 -5.87 -3.20
CA TYR A 68 6.07 -6.86 -3.17
C TYR A 68 6.63 -8.27 -3.02
N SER A 69 6.26 -8.94 -1.93
CA SER A 69 6.74 -10.30 -1.68
C SER A 69 5.62 -11.22 -1.21
N TYR A 70 5.84 -12.52 -1.34
CA TYR A 70 4.86 -13.53 -0.94
C TYR A 70 5.05 -13.89 0.53
N TRP A 71 4.12 -13.44 1.37
CA TRP A 71 4.20 -13.73 2.80
C TRP A 71 3.22 -14.83 3.20
N ASN A 72 3.54 -15.51 4.29
CA ASN A 72 2.69 -16.59 4.79
C ASN A 72 2.56 -17.71 3.76
N SER A 73 2.29 -18.91 4.23
CA SER A 73 2.14 -20.07 3.34
C SER A 73 1.07 -19.81 2.27
N SER A 74 0.16 -18.88 2.55
CA SER A 74 -0.90 -18.54 1.63
C SER A 74 -0.55 -17.29 0.82
N GLN A 75 -1.52 -16.84 0.01
CA GLN A 75 -1.33 -15.67 -0.82
C GLN A 75 -1.41 -14.38 -0.01
N SER A 76 -0.59 -14.28 1.02
CA SER A 76 -0.57 -13.08 1.86
C SER A 76 0.46 -12.09 1.34
N TYR A 77 0.02 -11.18 0.48
CA TYR A 77 0.91 -10.19 -0.09
C TYR A 77 1.17 -9.05 0.88
N VAL A 78 2.44 -8.79 1.16
CA VAL A 78 2.83 -7.72 2.08
C VAL A 78 3.78 -6.74 1.39
N LEU A 79 3.72 -5.48 1.82
CA LEU A 79 4.57 -4.45 1.25
C LEU A 79 5.73 -4.14 2.18
N THR A 80 6.85 -4.83 1.98
CA THR A 80 8.04 -4.63 2.79
C THR A 80 8.94 -3.56 2.20
N LYS A 81 9.85 -3.03 3.02
CA LYS A 81 10.77 -2.00 2.56
C LYS A 81 10.02 -0.74 2.15
N GLY A 82 10.45 0.40 2.68
CA GLY A 82 9.80 1.66 2.34
C GLY A 82 8.75 2.07 3.36
N TRP A 83 8.17 1.08 4.03
CA TRP A 83 7.15 1.33 5.04
C TRP A 83 7.68 2.25 6.14
N SER A 84 8.87 1.91 6.64
CA SER A 84 9.50 2.70 7.71
C SER A 84 9.69 4.15 7.26
N ARG A 85 10.22 4.33 6.05
CA ARG A 85 10.45 5.65 5.51
C ARG A 85 9.15 6.41 5.32
N PHE A 86 8.08 5.66 5.05
CA PHE A 86 6.76 6.26 4.84
C PHE A 86 6.11 6.61 6.18
N VAL A 87 5.91 5.61 7.02
CA VAL A 87 5.30 5.80 8.33
C VAL A 87 6.05 6.86 9.14
N LYS A 88 7.35 6.97 8.89
CA LYS A 88 8.18 7.94 9.60
C LYS A 88 8.01 9.33 9.01
N GLU A 89 7.98 9.41 7.68
CA GLU A 89 7.82 10.68 6.99
C GLU A 89 6.53 11.38 7.42
N LYS A 90 5.40 10.72 7.16
CA LYS A 90 4.09 11.27 7.50
C LYS A 90 3.70 10.90 8.93
N ASN A 91 4.60 10.26 9.67
CA ASN A 91 4.33 9.86 11.04
C ASN A 91 3.06 9.03 11.12
N LEU A 92 2.88 8.11 10.17
CA LEU A 92 1.71 7.26 10.14
C LEU A 92 1.59 6.44 11.42
N ARG A 93 0.38 6.03 11.75
CA ARG A 93 0.13 5.24 12.94
C ARG A 93 -1.17 4.45 12.82
N ALA A 94 -1.54 3.76 13.89
CA ALA A 94 -2.75 2.95 13.90
C ALA A 94 -3.99 3.84 13.95
N GLY A 95 -5.13 3.27 13.57
CA GLY A 95 -6.38 4.03 13.57
C GLY A 95 -6.72 4.57 12.21
N ASP A 96 -5.70 4.81 11.38
CA ASP A 96 -5.91 5.33 10.04
C ASP A 96 -6.32 4.22 9.08
N VAL A 97 -6.55 4.58 7.82
CA VAL A 97 -6.95 3.62 6.81
C VAL A 97 -6.02 3.69 5.59
N VAL A 98 -5.30 2.60 5.34
CA VAL A 98 -4.39 2.54 4.21
C VAL A 98 -5.12 2.17 2.93
N SER A 99 -5.38 3.16 2.10
CA SER A 99 -6.08 2.93 0.83
C SER A 99 -5.11 3.04 -0.34
N PHE A 100 -5.34 2.22 -1.37
CA PHE A 100 -4.49 2.22 -2.55
C PHE A 100 -5.32 2.39 -3.82
N SER A 101 -4.85 3.26 -4.72
CA SER A 101 -5.55 3.50 -5.97
C SER A 101 -4.59 3.35 -7.16
N ARG A 102 -5.06 3.76 -8.34
CA ARG A 102 -4.26 3.66 -9.54
C ARG A 102 -4.65 4.75 -10.55
N SER A 103 -3.72 5.09 -11.44
CA SER A 103 -3.98 6.12 -12.45
C SER A 103 -4.74 5.52 -13.63
N ASN A 104 -4.91 6.33 -14.67
CA ASN A 104 -5.63 5.89 -15.87
C ASN A 104 -4.66 5.27 -16.88
N GLY A 105 -3.87 4.31 -16.41
CA GLY A 105 -2.92 3.64 -17.29
C GLY A 105 -2.72 2.18 -16.93
N GLN A 106 -2.05 1.44 -17.81
CA GLN A 106 -1.81 0.03 -17.60
C GLN A 106 -0.65 -0.17 -16.62
N ASP A 107 -0.93 0.02 -15.33
CA ASP A 107 0.08 -0.13 -14.29
C ASP A 107 1.24 0.83 -14.52
N GLN A 108 0.92 2.07 -14.88
CA GLN A 108 1.93 3.08 -15.12
C GLN A 108 2.42 3.70 -13.81
N GLN A 109 1.52 3.79 -12.83
CA GLN A 109 1.86 4.35 -11.53
C GLN A 109 0.73 4.13 -10.53
N LEU A 110 1.09 3.86 -9.28
CA LEU A 110 0.11 3.61 -8.23
C LEU A 110 -0.07 4.87 -7.37
N TYR A 111 -0.98 4.79 -6.41
CA TYR A 111 -1.25 5.91 -5.52
C TYR A 111 -1.54 5.42 -4.10
N ILE A 112 -0.91 6.06 -3.12
CA ILE A 112 -1.09 5.70 -1.72
C ILE A 112 -1.76 6.82 -0.94
N GLY A 113 -2.77 6.48 -0.16
CA GLY A 113 -3.48 7.47 0.63
C GLY A 113 -3.97 6.92 1.97
N TRP A 114 -3.73 7.68 3.03
CA TRP A 114 -4.15 7.26 4.37
C TRP A 114 -5.35 8.07 4.83
N LYS A 115 -6.22 7.43 5.62
CA LYS A 115 -7.41 8.09 6.13
C LYS A 115 -7.35 8.22 7.65
N SER A 116 -7.04 9.44 8.12
CA SER A 116 -6.95 9.70 9.54
C SER A 116 -8.33 9.98 10.15
N ARG A 117 -8.42 9.95 11.47
CA ARG A 117 -9.67 10.21 12.16
C ARG A 117 -9.90 11.71 12.32
N SER A 118 -10.94 12.21 11.66
CA SER A 118 -11.27 13.64 11.73
C SER A 118 -12.03 13.95 13.01
N GLY A 119 -12.87 13.01 13.44
CA GLY A 119 -13.64 13.20 14.65
C GLY A 119 -14.53 12.02 14.98
N SER A 120 -15.47 11.72 14.09
CA SER A 120 -16.37 10.60 14.29
C SER A 120 -15.79 9.32 13.70
N ASP A 121 -16.48 8.20 13.94
CA ASP A 121 -16.03 6.91 13.43
C ASP A 121 -16.52 6.67 12.02
N LEU A 122 -17.71 7.19 11.71
CA LEU A 122 -18.30 7.04 10.39
C LEU A 122 -17.54 7.87 9.36
N ASP A 123 -17.84 7.64 8.08
CA ASP A 123 -17.18 8.36 7.00
C ASP A 123 -17.96 9.63 6.65
N ALA A 124 -17.23 10.71 6.39
CA ALA A 124 -17.84 11.99 6.04
C ALA A 124 -17.98 12.13 4.54
N ARG A 8 -9.73 8.64 -16.57
CA ARG A 8 -8.89 9.84 -16.37
C ARG A 8 -8.42 9.96 -14.91
N SER A 9 -9.37 10.01 -14.00
CA SER A 9 -9.06 10.11 -12.57
C SER A 9 -8.75 8.74 -11.99
N ALA A 10 -7.71 8.68 -11.17
CA ALA A 10 -7.31 7.43 -10.54
C ALA A 10 -8.35 6.97 -9.52
N GLU A 11 -8.87 5.76 -9.73
CA GLU A 11 -9.88 5.20 -8.84
C GLU A 11 -9.23 4.32 -7.77
N ALA A 12 -9.73 4.44 -6.55
CA ALA A 12 -9.20 3.66 -5.43
C ALA A 12 -9.54 2.17 -5.59
N LEU A 13 -8.56 1.32 -5.36
CA LEU A 13 -8.76 -0.13 -5.48
C LEU A 13 -9.37 -0.69 -4.20
N PHE A 14 -8.69 -0.48 -3.08
CA PHE A 14 -9.18 -0.96 -1.79
C PHE A 14 -8.53 -0.20 -0.64
N GLU A 15 -9.31 0.10 0.39
CA GLU A 15 -8.81 0.83 1.54
C GLU A 15 -8.87 -0.04 2.79
N LYS A 16 -7.75 -0.66 3.15
CA LYS A 16 -7.68 -1.51 4.33
C LYS A 16 -7.29 -0.71 5.56
N ALA A 17 -7.94 -1.00 6.69
CA ALA A 17 -7.67 -0.30 7.93
C ALA A 17 -6.42 -0.85 8.61
N VAL A 18 -5.50 0.05 8.95
CA VAL A 18 -4.25 -0.35 9.60
C VAL A 18 -4.47 -0.60 11.10
N THR A 19 -4.23 -1.83 11.53
CA THR A 19 -4.40 -2.19 12.93
C THR A 19 -3.14 -1.87 13.73
N PRO A 20 -3.25 -1.87 15.08
CA PRO A 20 -2.11 -1.58 15.96
C PRO A 20 -1.01 -2.63 15.84
N SER A 21 -0.33 -2.65 14.70
CA SER A 21 0.75 -3.60 14.47
C SER A 21 1.41 -3.34 13.12
N ASP A 22 0.60 -3.02 12.12
CA ASP A 22 1.10 -2.76 10.77
C ASP A 22 1.77 -1.39 10.70
N VAL A 23 2.78 -1.18 11.51
CA VAL A 23 3.51 0.09 11.55
C VAL A 23 4.89 -0.07 12.18
N GLY A 24 4.93 -0.82 13.28
CA GLY A 24 6.19 -1.05 13.97
C GLY A 24 6.25 -2.39 14.65
N LYS A 25 5.18 -2.77 15.33
CA LYS A 25 5.11 -4.05 16.02
C LYS A 25 5.17 -5.20 15.02
N LEU A 26 4.34 -5.13 13.98
CA LEU A 26 4.30 -6.18 12.97
C LEU A 26 5.28 -5.88 11.84
N ASN A 27 5.57 -4.59 11.63
CA ASN A 27 6.49 -4.17 10.59
C ASN A 27 5.97 -4.56 9.21
N ARG A 28 6.35 -3.78 8.19
CA ARG A 28 5.91 -4.04 6.83
C ARG A 28 4.40 -3.94 6.71
N LEU A 29 3.93 -3.64 5.50
CA LEU A 29 2.50 -3.52 5.25
C LEU A 29 1.90 -4.85 4.83
N VAL A 30 0.63 -5.06 5.17
CA VAL A 30 -0.06 -6.30 4.83
C VAL A 30 -1.26 -6.02 3.93
N ILE A 31 -1.43 -6.85 2.91
CA ILE A 31 -2.54 -6.68 1.98
C ILE A 31 -3.30 -8.00 1.78
N PRO A 32 -4.64 -7.98 1.94
CA PRO A 32 -5.47 -9.18 1.77
C PRO A 32 -5.21 -9.89 0.44
N LYS A 33 -5.76 -11.08 0.30
CA LYS A 33 -5.59 -11.86 -0.92
C LYS A 33 -6.69 -11.55 -1.94
N HIS A 34 -7.88 -11.26 -1.43
CA HIS A 34 -9.02 -10.96 -2.29
C HIS A 34 -8.82 -9.62 -3.01
N HIS A 35 -7.96 -8.77 -2.44
CA HIS A 35 -7.69 -7.46 -3.04
C HIS A 35 -6.44 -7.51 -3.90
N ALA A 36 -5.53 -8.42 -3.57
CA ALA A 36 -4.28 -8.55 -4.32
C ALA A 36 -4.43 -9.55 -5.48
N GLU A 37 -5.66 -9.87 -5.83
CA GLU A 37 -5.92 -10.81 -6.92
C GLU A 37 -6.79 -10.16 -8.00
N LYS A 38 -7.81 -9.43 -7.57
CA LYS A 38 -8.71 -8.76 -8.49
C LYS A 38 -8.07 -7.49 -9.06
N HIS A 39 -7.49 -6.68 -8.17
CA HIS A 39 -6.84 -5.45 -8.57
C HIS A 39 -5.45 -5.71 -9.13
N PHE A 40 -4.54 -6.15 -8.25
CA PHE A 40 -3.17 -6.44 -8.65
C PHE A 40 -3.11 -7.70 -9.51
N PRO A 41 -2.69 -7.57 -10.78
CA PRO A 41 -2.59 -8.73 -11.70
C PRO A 41 -1.72 -9.84 -11.13
N LEU A 42 -1.38 -10.80 -11.97
CA LEU A 42 -0.54 -11.92 -11.55
C LEU A 42 0.77 -11.95 -12.33
N PRO A 43 1.88 -12.36 -11.68
CA PRO A 43 3.19 -12.43 -12.33
C PRO A 43 3.17 -13.27 -13.60
N SER A 44 4.36 -13.58 -14.11
CA SER A 44 4.47 -14.37 -15.33
C SER A 44 5.86 -14.99 -15.44
N SER A 45 6.06 -15.81 -16.47
CA SER A 45 7.34 -16.46 -16.69
C SER A 45 8.46 -15.44 -16.89
N ASN A 46 9.36 -15.34 -15.91
CA ASN A 46 10.46 -14.40 -15.98
C ASN A 46 11.42 -14.59 -14.81
N VAL A 47 12.46 -13.76 -14.75
CA VAL A 47 13.44 -13.83 -13.69
C VAL A 47 13.12 -12.82 -12.58
N SER A 48 13.16 -13.29 -11.34
CA SER A 48 12.89 -12.44 -10.19
C SER A 48 13.77 -12.80 -9.01
N VAL A 49 14.97 -12.21 -8.96
CA VAL A 49 15.91 -12.46 -7.88
C VAL A 49 16.12 -11.23 -7.02
N LYS A 50 16.04 -10.06 -7.63
CA LYS A 50 16.22 -8.81 -6.91
C LYS A 50 14.94 -8.43 -6.16
N GLY A 51 13.80 -8.75 -6.75
CA GLY A 51 12.53 -8.44 -6.12
C GLY A 51 11.66 -7.56 -6.98
N VAL A 52 10.49 -7.18 -6.46
CA VAL A 52 9.55 -6.33 -7.19
C VAL A 52 9.49 -4.94 -6.59
N LEU A 53 9.01 -3.98 -7.39
CA LEU A 53 8.90 -2.60 -6.93
C LEU A 53 7.56 -2.00 -7.32
N LEU A 54 6.99 -1.19 -6.44
CA LEU A 54 5.70 -0.55 -6.70
C LEU A 54 5.83 0.97 -6.62
N ASN A 55 5.35 1.66 -7.66
CA ASN A 55 5.41 3.11 -7.71
C ASN A 55 4.16 3.72 -7.06
N PHE A 56 4.37 4.44 -5.96
CA PHE A 56 3.26 5.08 -5.25
C PHE A 56 3.45 6.59 -5.21
N GLU A 57 2.48 7.32 -5.75
CA GLU A 57 2.54 8.78 -5.79
C GLU A 57 1.96 9.37 -4.50
N ASP A 58 2.27 10.63 -4.25
CA ASP A 58 1.78 11.31 -3.06
C ASP A 58 1.13 12.65 -3.42
N VAL A 59 -0.08 12.86 -2.94
CA VAL A 59 -0.81 14.10 -3.22
C VAL A 59 -0.08 15.32 -2.68
N ASN A 60 0.86 15.09 -1.76
CA ASN A 60 1.64 16.17 -1.18
C ASN A 60 2.95 16.39 -1.93
N GLY A 61 2.90 16.23 -3.25
CA GLY A 61 4.10 16.41 -4.06
C GLY A 61 5.25 15.55 -3.59
N LYS A 62 5.05 14.25 -3.56
CA LYS A 62 6.09 13.32 -3.13
C LYS A 62 5.92 11.96 -3.79
N VAL A 63 7.03 11.25 -3.98
CA VAL A 63 7.00 9.94 -4.60
C VAL A 63 7.38 8.85 -3.59
N TRP A 64 6.99 7.61 -3.89
CA TRP A 64 7.30 6.49 -3.01
C TRP A 64 7.55 5.22 -3.83
N ARG A 65 8.33 4.30 -3.25
CA ARG A 65 8.65 3.06 -3.92
C ARG A 65 8.78 1.92 -2.90
N PHE A 66 7.79 1.04 -2.88
CA PHE A 66 7.79 -0.09 -1.96
C PHE A 66 8.12 -1.39 -2.68
N ARG A 67 8.56 -2.39 -1.93
CA ARG A 67 8.92 -3.68 -2.51
C ARG A 67 7.82 -4.71 -2.26
N TYR A 68 7.45 -5.45 -3.29
CA TYR A 68 6.41 -6.46 -3.19
C TYR A 68 6.95 -7.74 -2.58
N SER A 69 6.35 -8.16 -1.47
CA SER A 69 6.78 -9.38 -0.79
C SER A 69 5.65 -10.41 -0.77
N TYR A 70 5.89 -11.55 -1.41
CA TYR A 70 4.89 -12.61 -1.46
C TYR A 70 5.18 -13.68 -0.41
N TRP A 71 4.32 -13.77 0.59
CA TRP A 71 4.47 -14.75 1.66
C TRP A 71 3.64 -15.98 1.38
N ASN A 72 4.26 -17.15 1.51
CA ASN A 72 3.58 -18.42 1.26
C ASN A 72 3.21 -18.57 -0.21
N SER A 73 2.38 -19.55 -0.53
CA SER A 73 1.96 -19.80 -1.90
C SER A 73 0.64 -19.11 -2.19
N SER A 74 0.71 -17.93 -2.82
CA SER A 74 -0.49 -17.17 -3.16
C SER A 74 -1.35 -16.91 -1.92
N GLN A 75 -0.70 -16.77 -0.77
CA GLN A 75 -1.40 -16.53 0.48
C GLN A 75 -1.59 -15.03 0.74
N SER A 76 -0.59 -14.40 1.34
CA SER A 76 -0.65 -12.98 1.66
C SER A 76 0.24 -12.15 0.74
N TYR A 77 -0.02 -10.85 0.71
CA TYR A 77 0.76 -9.93 -0.12
C TYR A 77 1.22 -8.72 0.69
N VAL A 78 2.37 -8.85 1.33
CA VAL A 78 2.91 -7.77 2.15
C VAL A 78 3.89 -6.90 1.36
N LEU A 79 4.02 -5.65 1.79
CA LEU A 79 4.93 -4.71 1.13
C LEU A 79 6.08 -4.33 2.06
N THR A 80 7.21 -5.01 1.90
CA THR A 80 8.38 -4.75 2.72
C THR A 80 9.28 -3.68 2.09
N LYS A 81 10.20 -3.16 2.89
CA LYS A 81 11.12 -2.13 2.41
C LYS A 81 10.38 -0.87 1.99
N GLY A 82 10.70 0.24 2.63
CA GLY A 82 10.07 1.50 2.31
C GLY A 82 8.91 1.83 3.24
N TRP A 83 8.29 0.79 3.80
CA TRP A 83 7.17 0.98 4.70
C TRP A 83 7.57 1.77 5.93
N SER A 84 8.64 1.32 6.59
CA SER A 84 9.14 2.00 7.79
C SER A 84 9.47 3.46 7.51
N ARG A 85 10.02 3.72 6.33
CA ARG A 85 10.38 5.07 5.94
C ARG A 85 9.13 5.92 5.69
N PHE A 86 8.08 5.28 5.19
CA PHE A 86 6.83 5.97 4.91
C PHE A 86 6.08 6.30 6.20
N VAL A 87 5.82 5.28 7.00
CA VAL A 87 5.11 5.46 8.26
C VAL A 87 5.82 6.48 9.15
N LYS A 88 7.14 6.56 9.03
CA LYS A 88 7.93 7.50 9.82
C LYS A 88 7.88 8.89 9.22
N GLU A 89 7.93 8.96 7.89
CA GLU A 89 7.89 10.24 7.19
C GLU A 89 6.57 10.95 7.44
N LYS A 90 5.46 10.23 7.29
CA LYS A 90 4.14 10.79 7.50
C LYS A 90 3.66 10.59 8.94
N ASN A 91 4.49 9.95 9.75
CA ASN A 91 4.14 9.69 11.15
C ASN A 91 2.87 8.85 11.25
N LEU A 92 2.66 8.00 10.26
CA LEU A 92 1.48 7.14 10.23
C LEU A 92 1.41 6.26 11.48
N ARG A 93 0.20 5.99 11.95
CA ARG A 93 0.00 5.16 13.13
C ARG A 93 -1.32 4.40 13.05
N ALA A 94 -1.54 3.51 14.01
CA ALA A 94 -2.76 2.72 14.05
C ALA A 94 -4.00 3.61 14.14
N GLY A 95 -5.07 3.21 13.48
CA GLY A 95 -6.30 3.97 13.50
C GLY A 95 -6.63 4.57 12.14
N ASP A 96 -5.61 4.82 11.34
CA ASP A 96 -5.80 5.40 10.02
C ASP A 96 -6.22 4.32 9.01
N VAL A 97 -6.37 4.72 7.76
CA VAL A 97 -6.76 3.80 6.70
C VAL A 97 -5.88 3.94 5.47
N VAL A 98 -5.14 2.88 5.15
CA VAL A 98 -4.25 2.90 4.00
C VAL A 98 -5.01 2.58 2.71
N SER A 99 -5.21 3.60 1.88
CA SER A 99 -5.92 3.43 0.62
C SER A 99 -4.94 3.29 -0.54
N PHE A 100 -5.31 2.48 -1.52
CA PHE A 100 -4.47 2.26 -2.69
C PHE A 100 -5.28 2.37 -3.98
N SER A 101 -4.84 3.23 -4.88
CA SER A 101 -5.53 3.44 -6.15
C SER A 101 -4.69 2.90 -7.31
N ARG A 102 -5.25 2.96 -8.51
CA ARG A 102 -4.56 2.48 -9.70
C ARG A 102 -4.85 3.38 -10.90
N SER A 103 -3.85 3.56 -11.75
CA SER A 103 -4.00 4.40 -12.94
C SER A 103 -4.64 3.60 -14.08
N ASN A 104 -5.34 4.31 -14.96
CA ASN A 104 -6.00 3.69 -16.09
C ASN A 104 -5.07 3.61 -17.30
N GLY A 105 -4.17 4.58 -17.40
CA GLY A 105 -3.23 4.60 -18.51
C GLY A 105 -1.94 3.89 -18.18
N GLN A 106 -1.42 4.12 -16.98
CA GLN A 106 -0.18 3.49 -16.53
C GLN A 106 -0.45 2.43 -15.47
N ASP A 107 -0.42 1.16 -15.89
CA ASP A 107 -0.65 0.05 -14.97
C ASP A 107 0.41 0.01 -13.89
N GLN A 108 1.63 0.41 -14.24
CA GLN A 108 2.73 0.41 -13.30
C GLN A 108 2.83 1.75 -12.57
N GLN A 109 1.69 2.23 -12.08
CA GLN A 109 1.65 3.49 -11.36
C GLN A 109 0.46 3.54 -10.40
N LEU A 110 0.73 3.38 -9.12
CA LEU A 110 -0.31 3.40 -8.11
C LEU A 110 -0.28 4.70 -7.30
N TYR A 111 -1.18 4.82 -6.35
CA TYR A 111 -1.26 6.03 -5.52
C TYR A 111 -1.62 5.66 -4.08
N ILE A 112 -0.79 6.10 -3.14
CA ILE A 112 -1.01 5.83 -1.72
C ILE A 112 -1.76 6.99 -1.05
N GLY A 113 -2.61 6.66 -0.09
CA GLY A 113 -3.36 7.68 0.62
C GLY A 113 -3.83 7.21 1.98
N TRP A 114 -3.64 8.06 2.99
CA TRP A 114 -4.06 7.73 4.35
C TRP A 114 -5.33 8.48 4.72
N LYS A 115 -6.11 7.89 5.63
CA LYS A 115 -7.36 8.50 6.07
C LYS A 115 -7.36 8.67 7.60
N SER A 116 -7.68 9.88 8.05
CA SER A 116 -7.72 10.17 9.48
C SER A 116 -9.05 9.72 10.08
N ARG A 117 -9.30 10.14 11.32
CA ARG A 117 -10.54 9.78 12.01
C ARG A 117 -11.76 10.28 11.25
N SER A 118 -12.64 9.36 10.88
CA SER A 118 -13.84 9.69 10.14
C SER A 118 -15.09 9.38 10.96
N GLY A 119 -15.05 8.26 11.67
CA GLY A 119 -16.18 7.87 12.48
C GLY A 119 -17.32 7.29 11.65
N SER A 120 -17.35 5.96 11.55
CA SER A 120 -18.39 5.29 10.76
C SER A 120 -19.60 4.96 11.64
N ASP A 121 -19.35 4.26 12.74
CA ASP A 121 -20.41 3.88 13.66
C ASP A 121 -20.60 4.94 14.74
N LEU A 122 -19.51 5.51 15.22
CA LEU A 122 -19.56 6.54 16.25
C LEU A 122 -20.40 7.72 15.80
N ASP A 123 -20.33 8.04 14.51
CA ASP A 123 -21.08 9.15 13.94
C ASP A 123 -22.45 8.69 13.45
N ALA A 124 -22.46 7.68 12.60
CA ALA A 124 -23.71 7.14 12.06
C ALA A 124 -23.54 5.70 11.60
N ARG A 8 -7.19 13.34 -15.66
CA ARG A 8 -6.60 12.02 -15.31
C ARG A 8 -7.62 11.11 -14.66
N SER A 9 -7.99 11.44 -13.42
CA SER A 9 -8.96 10.65 -12.67
C SER A 9 -8.46 9.22 -12.47
N ALA A 10 -7.83 8.98 -11.32
CA ALA A 10 -7.30 7.67 -11.00
C ALA A 10 -8.42 6.67 -10.77
N GLU A 11 -8.06 5.48 -10.29
CA GLU A 11 -9.04 4.43 -10.02
C GLU A 11 -8.84 3.83 -8.64
N ALA A 12 -9.81 4.05 -7.76
CA ALA A 12 -9.74 3.53 -6.40
C ALA A 12 -9.76 2.01 -6.39
N LEU A 13 -8.64 1.41 -5.98
CA LEU A 13 -8.53 -0.05 -5.94
C LEU A 13 -9.22 -0.60 -4.69
N PHE A 14 -8.69 -0.27 -3.53
CA PHE A 14 -9.25 -0.73 -2.26
C PHE A 14 -8.80 0.16 -1.10
N GLU A 15 -9.34 -0.12 0.08
CA GLU A 15 -8.99 0.66 1.26
C GLU A 15 -9.09 -0.20 2.53
N LYS A 16 -7.95 -0.63 3.04
CA LYS A 16 -7.91 -1.46 4.24
C LYS A 16 -7.47 -0.65 5.46
N ALA A 17 -7.97 -1.03 6.63
CA ALA A 17 -7.63 -0.34 7.86
C ALA A 17 -6.32 -0.86 8.45
N VAL A 18 -5.45 0.06 8.85
CA VAL A 18 -4.16 -0.31 9.42
C VAL A 18 -4.28 -0.58 10.92
N THR A 19 -3.53 -1.55 11.41
CA THR A 19 -3.55 -1.90 12.82
C THR A 19 -2.15 -1.84 13.43
N PRO A 20 -2.06 -1.88 14.77
CA PRO A 20 -0.77 -1.84 15.48
C PRO A 20 0.23 -2.85 14.94
N SER A 21 -0.29 -3.95 14.38
CA SER A 21 0.55 -5.00 13.83
C SER A 21 1.20 -4.54 12.53
N ASP A 22 0.49 -3.70 11.78
CA ASP A 22 1.00 -3.19 10.50
C ASP A 22 2.14 -2.21 10.73
N VAL A 23 2.08 -1.48 11.85
CA VAL A 23 3.10 -0.50 12.19
C VAL A 23 3.70 -0.79 13.56
N GLY A 24 3.88 -2.08 13.87
CA GLY A 24 4.44 -2.47 15.14
C GLY A 24 5.68 -3.34 15.00
N LYS A 25 5.64 -4.52 15.61
CA LYS A 25 6.75 -5.45 15.55
C LYS A 25 7.04 -5.86 14.10
N LEU A 26 5.98 -5.92 13.29
CA LEU A 26 6.12 -6.30 11.89
C LEU A 26 6.86 -5.23 11.11
N ASN A 27 6.50 -3.97 11.33
CA ASN A 27 7.13 -2.85 10.64
C ASN A 27 6.96 -2.98 9.13
N ARG A 28 5.84 -3.57 8.71
CA ARG A 28 5.56 -3.75 7.29
C ARG A 28 4.07 -3.63 7.02
N LEU A 29 3.70 -3.57 5.74
CA LEU A 29 2.30 -3.45 5.35
C LEU A 29 1.77 -4.79 4.86
N VAL A 30 0.49 -5.04 5.14
CA VAL A 30 -0.15 -6.29 4.72
C VAL A 30 -1.38 -6.01 3.87
N ILE A 31 -1.52 -6.77 2.78
CA ILE A 31 -2.67 -6.62 1.88
C ILE A 31 -3.36 -7.94 1.65
N PRO A 32 -4.70 -8.00 1.79
CA PRO A 32 -5.47 -9.23 1.59
C PRO A 32 -5.19 -9.87 0.23
N LYS A 33 -5.77 -11.03 0.00
CA LYS A 33 -5.58 -11.75 -1.26
C LYS A 33 -6.64 -11.35 -2.28
N HIS A 34 -7.84 -11.02 -1.78
CA HIS A 34 -8.93 -10.63 -2.66
C HIS A 34 -8.64 -9.30 -3.34
N HIS A 35 -7.82 -8.46 -2.71
CA HIS A 35 -7.46 -7.17 -3.26
C HIS A 35 -6.12 -7.24 -3.98
N ALA A 36 -5.19 -8.02 -3.42
CA ALA A 36 -3.86 -8.17 -4.00
C ALA A 36 -3.89 -9.10 -5.22
N GLU A 37 -5.04 -9.72 -5.47
CA GLU A 37 -5.18 -10.63 -6.60
C GLU A 37 -6.18 -10.09 -7.62
N LYS A 38 -7.28 -9.54 -7.13
CA LYS A 38 -8.32 -8.99 -7.99
C LYS A 38 -7.81 -7.75 -8.72
N HIS A 39 -6.91 -7.02 -8.09
CA HIS A 39 -6.34 -5.81 -8.68
C HIS A 39 -4.85 -6.00 -8.99
N PHE A 40 -4.06 -6.20 -7.94
CA PHE A 40 -2.62 -6.39 -8.10
C PHE A 40 -2.31 -7.69 -8.85
N PRO A 41 -1.78 -7.59 -10.08
CA PRO A 41 -1.45 -8.77 -10.88
C PRO A 41 -0.22 -9.51 -10.36
N LEU A 42 -0.24 -10.83 -10.45
CA LEU A 42 0.87 -11.64 -9.97
C LEU A 42 0.83 -13.04 -10.60
N PRO A 43 1.87 -13.40 -11.39
CA PRO A 43 1.94 -14.71 -12.03
C PRO A 43 1.80 -15.86 -11.04
N SER A 44 2.08 -17.07 -11.51
CA SER A 44 1.99 -18.26 -10.67
C SER A 44 3.33 -18.57 -10.01
N SER A 45 4.31 -18.95 -10.83
CA SER A 45 5.64 -19.27 -10.33
C SER A 45 5.58 -20.27 -9.19
N ASN A 46 6.74 -20.61 -8.63
CA ASN A 46 6.82 -21.56 -7.53
C ASN A 46 7.25 -20.85 -6.24
N VAL A 47 8.39 -20.17 -6.30
CA VAL A 47 8.93 -19.47 -5.15
C VAL A 47 9.79 -18.28 -5.57
N SER A 48 9.68 -17.19 -4.84
CA SER A 48 10.45 -15.99 -5.14
C SER A 48 11.32 -15.59 -3.96
N VAL A 49 12.03 -14.48 -4.10
CA VAL A 49 12.92 -13.98 -3.05
C VAL A 49 12.87 -12.47 -2.95
N LYS A 50 13.29 -11.80 -4.03
CA LYS A 50 13.29 -10.34 -4.06
C LYS A 50 11.91 -9.80 -4.38
N GLY A 51 11.15 -10.54 -5.17
CA GLY A 51 9.81 -10.12 -5.53
C GLY A 51 9.80 -9.07 -6.62
N VAL A 52 9.18 -7.93 -6.35
CA VAL A 52 9.11 -6.85 -7.32
C VAL A 52 9.00 -5.49 -6.62
N LEU A 53 9.17 -4.42 -7.40
CA LEU A 53 9.10 -3.06 -6.85
C LEU A 53 7.78 -2.40 -7.23
N LEU A 54 7.41 -1.37 -6.48
CA LEU A 54 6.17 -0.64 -6.74
C LEU A 54 6.35 0.85 -6.49
N ASN A 55 5.75 1.67 -7.34
CA ASN A 55 5.84 3.12 -7.21
C ASN A 55 4.52 3.72 -6.75
N PHE A 56 4.52 4.31 -5.57
CA PHE A 56 3.31 4.93 -5.02
C PHE A 56 3.47 6.44 -4.90
N GLU A 57 2.70 7.18 -5.69
CA GLU A 57 2.76 8.63 -5.68
C GLU A 57 2.06 9.19 -4.45
N ASP A 58 2.25 10.49 -4.20
CA ASP A 58 1.63 11.14 -3.05
C ASP A 58 0.77 12.32 -3.50
N VAL A 59 -0.42 12.44 -2.91
CA VAL A 59 -1.33 13.53 -3.25
C VAL A 59 -0.70 14.89 -2.97
N ASN A 60 0.29 14.90 -2.07
CA ASN A 60 0.97 16.14 -1.71
C ASN A 60 2.01 16.53 -2.76
N GLY A 61 2.30 15.61 -3.68
CA GLY A 61 3.28 15.87 -4.71
C GLY A 61 4.60 15.18 -4.45
N LYS A 62 4.54 13.89 -4.14
CA LYS A 62 5.74 13.11 -3.88
C LYS A 62 5.69 11.76 -4.60
N VAL A 63 6.80 11.04 -4.57
CA VAL A 63 6.88 9.74 -5.23
C VAL A 63 7.52 8.70 -4.32
N TRP A 64 6.70 7.79 -3.79
CA TRP A 64 7.18 6.75 -2.90
C TRP A 64 7.40 5.44 -3.66
N ARG A 65 8.23 4.57 -3.09
CA ARG A 65 8.53 3.28 -3.72
C ARG A 65 8.61 2.18 -2.68
N PHE A 66 7.75 1.18 -2.80
CA PHE A 66 7.72 0.06 -1.88
C PHE A 66 8.01 -1.26 -2.60
N ARG A 67 8.54 -2.23 -1.88
CA ARG A 67 8.85 -3.54 -2.45
C ARG A 67 7.74 -4.54 -2.16
N TYR A 68 7.29 -5.22 -3.21
CA TYR A 68 6.23 -6.21 -3.07
C TYR A 68 6.78 -7.53 -2.54
N SER A 69 5.99 -8.21 -1.71
CA SER A 69 6.40 -9.49 -1.13
C SER A 69 5.22 -10.46 -1.08
N TYR A 70 5.51 -11.70 -0.71
CA TYR A 70 4.48 -12.72 -0.62
C TYR A 70 4.65 -13.57 0.64
N TRP A 71 3.77 -13.35 1.61
CA TRP A 71 3.83 -14.09 2.87
C TRP A 71 2.72 -15.13 2.95
N ASN A 72 2.76 -15.94 4.00
CA ASN A 72 1.75 -16.99 4.20
C ASN A 72 1.84 -18.05 3.11
N SER A 73 2.96 -18.10 2.41
CA SER A 73 3.17 -19.08 1.36
C SER A 73 2.28 -18.79 0.14
N SER A 74 2.52 -17.65 -0.50
CA SER A 74 1.75 -17.25 -1.67
C SER A 74 0.28 -17.00 -1.35
N GLN A 75 -0.06 -16.92 -0.07
CA GLN A 75 -1.43 -16.68 0.33
C GLN A 75 -1.73 -15.18 0.48
N SER A 76 -1.19 -14.58 1.53
CA SER A 76 -1.40 -13.16 1.79
C SER A 76 -0.30 -12.32 1.15
N TYR A 77 -0.63 -11.07 0.81
CA TYR A 77 0.34 -10.17 0.20
C TYR A 77 0.81 -9.13 1.20
N VAL A 78 2.03 -8.62 1.01
CA VAL A 78 2.60 -7.62 1.90
C VAL A 78 3.50 -6.66 1.15
N LEU A 79 3.83 -5.54 1.80
CA LEU A 79 4.69 -4.53 1.19
C LEU A 79 5.87 -4.20 2.11
N THR A 80 6.97 -4.92 1.93
CA THR A 80 8.16 -4.70 2.75
C THR A 80 9.08 -3.67 2.13
N LYS A 81 10.00 -3.15 2.93
CA LYS A 81 10.95 -2.14 2.47
C LYS A 81 10.24 -0.87 2.03
N GLY A 82 10.62 0.25 2.62
CA GLY A 82 10.00 1.52 2.28
C GLY A 82 8.87 1.90 3.20
N TRP A 83 8.26 0.89 3.83
CA TRP A 83 7.15 1.13 4.75
C TRP A 83 7.58 2.03 5.90
N SER A 84 8.69 1.67 6.55
CA SER A 84 9.21 2.45 7.67
C SER A 84 9.48 3.89 7.26
N ARG A 85 10.20 4.05 6.16
CA ARG A 85 10.53 5.39 5.66
C ARG A 85 9.28 6.23 5.44
N PHE A 86 8.16 5.56 5.19
CA PHE A 86 6.89 6.24 4.96
C PHE A 86 6.19 6.57 6.27
N VAL A 87 5.89 5.54 7.05
CA VAL A 87 5.22 5.71 8.34
C VAL A 87 5.92 6.76 9.19
N LYS A 88 7.24 6.80 9.10
CA LYS A 88 8.03 7.77 9.87
C LYS A 88 7.90 9.18 9.28
N GLU A 89 8.02 9.26 7.96
CA GLU A 89 7.92 10.55 7.27
C GLU A 89 6.52 11.14 7.45
N LYS A 90 5.50 10.31 7.26
CA LYS A 90 4.11 10.76 7.38
C LYS A 90 3.61 10.62 8.82
N ASN A 91 4.44 10.03 9.69
CA ASN A 91 4.08 9.84 11.09
C ASN A 91 2.83 8.98 11.21
N LEU A 92 2.67 8.04 10.28
CA LEU A 92 1.52 7.15 10.28
C LEU A 92 1.52 6.26 11.52
N ARG A 93 0.33 5.84 11.94
CA ARG A 93 0.19 4.99 13.11
C ARG A 93 -1.03 4.08 12.99
N ALA A 94 -1.26 3.26 14.00
CA ALA A 94 -2.39 2.34 14.01
C ALA A 94 -3.71 3.10 14.20
N GLY A 95 -4.79 2.56 13.65
CA GLY A 95 -6.09 3.19 13.76
C GLY A 95 -6.48 3.94 12.51
N ASP A 96 -5.51 4.28 11.68
CA ASP A 96 -5.76 5.01 10.44
C ASP A 96 -6.26 4.06 9.35
N VAL A 97 -6.49 4.60 8.16
CA VAL A 97 -6.97 3.81 7.04
C VAL A 97 -6.06 3.99 5.83
N VAL A 98 -5.50 2.88 5.35
CA VAL A 98 -4.61 2.91 4.20
C VAL A 98 -5.35 2.53 2.92
N SER A 99 -5.28 3.40 1.92
CA SER A 99 -5.95 3.15 0.65
C SER A 99 -4.93 3.12 -0.49
N PHE A 100 -5.38 2.69 -1.67
CA PHE A 100 -4.51 2.61 -2.84
C PHE A 100 -5.32 2.73 -4.12
N SER A 101 -4.77 3.45 -5.10
CA SER A 101 -5.43 3.64 -6.38
C SER A 101 -4.42 3.65 -7.53
N ARG A 102 -4.91 3.47 -8.74
CA ARG A 102 -4.05 3.44 -9.93
C ARG A 102 -4.77 4.04 -11.13
N SER A 103 -4.00 4.52 -12.10
CA SER A 103 -4.56 5.09 -13.31
C SER A 103 -4.42 4.14 -14.49
N ASN A 104 -5.55 3.90 -15.17
CA ASN A 104 -5.56 2.98 -16.32
C ASN A 104 -5.26 3.75 -17.61
N GLY A 105 -4.16 4.48 -17.62
CA GLY A 105 -3.78 5.25 -18.80
C GLY A 105 -2.35 5.74 -18.73
N GLN A 106 -1.78 6.04 -19.90
CA GLN A 106 -0.41 6.52 -19.98
C GLN A 106 0.57 5.45 -19.53
N ASP A 107 0.70 5.28 -18.22
CA ASP A 107 1.60 4.29 -17.64
C ASP A 107 1.13 3.84 -16.27
N GLN A 108 1.53 2.65 -15.86
CA GLN A 108 1.14 2.09 -14.57
C GLN A 108 1.66 2.97 -13.44
N GLN A 109 0.74 3.55 -12.67
CA GLN A 109 1.10 4.40 -11.55
C GLN A 109 0.15 4.20 -10.37
N LEU A 110 0.73 3.86 -9.21
CA LEU A 110 -0.07 3.62 -8.01
C LEU A 110 0.03 4.82 -7.07
N TYR A 111 -0.96 4.95 -6.19
CA TYR A 111 -0.99 6.05 -5.23
C TYR A 111 -1.37 5.54 -3.84
N ILE A 112 -0.86 6.20 -2.82
CA ILE A 112 -1.14 5.82 -1.43
C ILE A 112 -1.95 6.89 -0.72
N GLY A 113 -2.83 6.46 0.19
CA GLY A 113 -3.66 7.40 0.92
C GLY A 113 -3.95 6.95 2.33
N TRP A 114 -3.68 7.82 3.30
CA TRP A 114 -3.91 7.49 4.70
C TRP A 114 -5.06 8.31 5.27
N LYS A 115 -5.62 7.85 6.38
CA LYS A 115 -6.73 8.55 7.03
C LYS A 115 -6.54 8.62 8.53
N SER A 116 -6.38 9.83 9.05
CA SER A 116 -6.18 10.04 10.47
C SER A 116 -7.34 10.82 11.09
N ARG A 117 -7.60 10.60 12.37
CA ARG A 117 -8.68 11.28 13.06
C ARG A 117 -8.38 12.76 13.21
N SER A 118 -7.10 13.10 13.32
CA SER A 118 -6.68 14.49 13.46
C SER A 118 -5.27 14.69 12.89
N GLY A 119 -5.20 14.98 11.60
CA GLY A 119 -3.92 15.20 10.96
C GLY A 119 -3.61 16.66 10.75
N SER A 120 -3.97 17.18 9.59
CA SER A 120 -3.73 18.58 9.26
C SER A 120 -4.75 19.48 9.95
N ASP A 121 -4.72 20.77 9.61
CA ASP A 121 -5.64 21.74 10.20
C ASP A 121 -6.92 21.84 9.38
N LEU A 122 -6.81 21.61 8.08
CA LEU A 122 -7.96 21.68 7.19
C LEU A 122 -9.04 20.70 7.62
N ASP A 123 -8.63 19.51 8.03
CA ASP A 123 -9.56 18.48 8.47
C ASP A 123 -9.82 18.59 9.97
N ALA A 124 -11.04 18.26 10.39
CA ALA A 124 -11.41 18.32 11.79
C ALA A 124 -12.45 17.25 12.14
N ARG A 8 -7.09 11.64 -15.80
CA ARG A 8 -7.05 12.79 -14.85
C ARG A 8 -7.30 12.33 -13.42
N SER A 9 -8.47 11.73 -13.19
CA SER A 9 -8.84 11.25 -11.87
C SER A 9 -8.56 9.75 -11.74
N ALA A 10 -7.75 9.38 -10.77
CA ALA A 10 -7.42 7.98 -10.54
C ALA A 10 -8.60 7.22 -9.95
N GLU A 11 -8.45 5.90 -9.84
CA GLU A 11 -9.51 5.06 -9.30
C GLU A 11 -9.04 4.36 -8.03
N ALA A 12 -9.81 4.51 -6.95
CA ALA A 12 -9.47 3.88 -5.68
C ALA A 12 -9.70 2.38 -5.73
N LEU A 13 -8.62 1.61 -5.58
CA LEU A 13 -8.69 0.16 -5.62
C LEU A 13 -9.37 -0.37 -4.36
N PHE A 14 -8.77 -0.10 -3.21
CA PHE A 14 -9.31 -0.55 -1.93
C PHE A 14 -8.75 0.27 -0.78
N GLU A 15 -9.32 0.07 0.40
CA GLU A 15 -8.87 0.80 1.59
C GLU A 15 -9.09 -0.03 2.85
N LYS A 16 -8.02 -0.67 3.32
CA LYS A 16 -8.10 -1.50 4.51
C LYS A 16 -7.57 -0.75 5.73
N ALA A 17 -7.88 -1.26 6.92
CA ALA A 17 -7.44 -0.64 8.16
C ALA A 17 -6.05 -1.13 8.55
N VAL A 18 -5.28 -0.26 9.17
CA VAL A 18 -3.92 -0.60 9.61
C VAL A 18 -3.92 -1.12 11.04
N THR A 19 -3.33 -2.29 11.24
CA THR A 19 -3.26 -2.89 12.56
C THR A 19 -1.95 -2.54 13.27
N PRO A 20 -1.90 -2.72 14.60
CA PRO A 20 -0.70 -2.42 15.38
C PRO A 20 0.54 -3.12 14.85
N SER A 21 0.33 -4.27 14.20
CA SER A 21 1.44 -5.04 13.65
C SER A 21 1.99 -4.38 12.39
N ASP A 22 1.09 -3.75 11.63
CA ASP A 22 1.49 -3.07 10.40
C ASP A 22 2.52 -1.99 10.67
N VAL A 23 2.48 -1.42 11.88
CA VAL A 23 3.42 -0.38 12.27
C VAL A 23 4.12 -0.72 13.58
N GLY A 24 4.44 -2.00 13.75
CA GLY A 24 5.11 -2.44 14.97
C GLY A 24 6.62 -2.32 14.87
N LYS A 25 7.32 -3.26 15.50
CA LYS A 25 8.77 -3.26 15.49
C LYS A 25 9.31 -3.59 14.10
N LEU A 26 8.57 -4.42 13.37
CA LEU A 26 8.96 -4.82 12.02
C LEU A 26 8.62 -3.73 11.02
N ASN A 27 7.48 -3.08 11.21
CA ASN A 27 7.03 -2.02 10.32
C ASN A 27 6.87 -2.54 8.89
N ARG A 28 5.71 -3.11 8.60
CA ARG A 28 5.42 -3.64 7.28
C ARG A 28 3.93 -3.57 6.96
N LEU A 29 3.61 -3.23 5.72
CA LEU A 29 2.21 -3.12 5.30
C LEU A 29 1.68 -4.47 4.84
N VAL A 30 0.40 -4.73 5.13
CA VAL A 30 -0.24 -5.98 4.73
C VAL A 30 -1.34 -5.74 3.72
N ILE A 31 -1.37 -6.58 2.68
CA ILE A 31 -2.38 -6.46 1.63
C ILE A 31 -3.24 -7.72 1.56
N PRO A 32 -4.57 -7.59 1.72
CA PRO A 32 -5.49 -8.73 1.66
C PRO A 32 -5.42 -9.46 0.33
N LYS A 33 -5.86 -10.71 0.32
CA LYS A 33 -5.83 -11.52 -0.90
C LYS A 33 -6.97 -11.13 -1.84
N HIS A 34 -8.09 -10.71 -1.27
CA HIS A 34 -9.25 -10.31 -2.07
C HIS A 34 -8.99 -9.03 -2.84
N HIS A 35 -7.90 -8.33 -2.52
CA HIS A 35 -7.56 -7.09 -3.21
C HIS A 35 -6.28 -7.25 -4.02
N ALA A 36 -5.39 -8.13 -3.57
CA ALA A 36 -4.13 -8.35 -4.27
C ALA A 36 -4.27 -9.43 -5.35
N GLU A 37 -5.50 -9.83 -5.63
CA GLU A 37 -5.76 -10.84 -6.65
C GLU A 37 -6.66 -10.30 -7.75
N LYS A 38 -7.67 -9.54 -7.34
CA LYS A 38 -8.62 -8.95 -8.28
C LYS A 38 -8.05 -7.68 -8.92
N HIS A 39 -7.58 -6.78 -8.06
CA HIS A 39 -7.01 -5.52 -8.54
C HIS A 39 -5.58 -5.72 -9.02
N PHE A 40 -4.68 -6.05 -8.10
CA PHE A 40 -3.28 -6.27 -8.45
C PHE A 40 -3.10 -7.62 -9.13
N PRO A 41 -2.28 -7.67 -10.21
CA PRO A 41 -2.03 -8.91 -10.95
C PRO A 41 -1.11 -9.86 -10.21
N LEU A 42 -0.83 -11.00 -10.82
CA LEU A 42 0.04 -12.00 -10.20
C LEU A 42 1.15 -12.42 -11.17
N PRO A 43 2.24 -11.64 -11.24
CA PRO A 43 3.37 -11.94 -12.14
C PRO A 43 4.17 -13.14 -11.66
N SER A 44 4.54 -14.01 -12.60
CA SER A 44 5.31 -15.20 -12.29
C SER A 44 6.79 -15.00 -12.64
N SER A 45 7.04 -14.50 -13.84
CA SER A 45 8.39 -14.25 -14.31
C SER A 45 9.19 -15.56 -14.40
N ASN A 46 9.74 -15.82 -15.58
CA ASN A 46 10.52 -17.02 -15.80
C ASN A 46 12.02 -16.73 -15.70
N VAL A 47 12.36 -15.75 -14.88
CA VAL A 47 13.75 -15.36 -14.68
C VAL A 47 14.14 -15.42 -13.21
N SER A 48 15.43 -15.42 -12.93
CA SER A 48 15.93 -15.47 -11.56
C SER A 48 15.86 -14.10 -10.91
N VAL A 49 14.64 -13.66 -10.59
CA VAL A 49 14.43 -12.37 -9.96
C VAL A 49 13.55 -12.49 -8.72
N LYS A 50 14.20 -12.54 -7.56
CA LYS A 50 13.48 -12.67 -6.29
C LYS A 50 13.07 -11.30 -5.75
N GLY A 51 11.77 -11.04 -5.74
CA GLY A 51 11.27 -9.77 -5.24
C GLY A 51 10.86 -8.83 -6.35
N VAL A 52 9.65 -8.27 -6.23
CA VAL A 52 9.12 -7.35 -7.23
C VAL A 52 8.98 -5.94 -6.64
N LEU A 53 9.37 -4.94 -7.41
CA LEU A 53 9.28 -3.55 -6.96
C LEU A 53 7.99 -2.90 -7.45
N LEU A 54 7.52 -1.91 -6.70
CA LEU A 54 6.30 -1.19 -7.05
C LEU A 54 6.48 0.31 -6.88
N ASN A 55 6.03 1.07 -7.86
CA ASN A 55 6.14 2.53 -7.82
C ASN A 55 4.86 3.16 -7.29
N PHE A 56 5.01 4.16 -6.42
CA PHE A 56 3.87 4.85 -5.85
C PHE A 56 4.08 6.37 -5.89
N GLU A 57 2.97 7.12 -5.83
CA GLU A 57 3.04 8.57 -5.85
C GLU A 57 2.17 9.18 -4.76
N ASP A 58 2.43 10.45 -4.44
CA ASP A 58 1.67 11.14 -3.41
C ASP A 58 0.91 12.33 -4.00
N VAL A 59 -0.30 12.57 -3.49
CA VAL A 59 -1.13 13.67 -3.96
C VAL A 59 -0.46 15.02 -3.75
N ASN A 60 0.54 15.06 -2.87
CA ASN A 60 1.27 16.29 -2.59
C ASN A 60 2.52 16.41 -3.45
N GLY A 61 2.42 15.95 -4.69
CA GLY A 61 3.55 16.02 -5.61
C GLY A 61 4.79 15.36 -5.05
N LYS A 62 4.68 14.08 -4.70
CA LYS A 62 5.80 13.34 -4.15
C LYS A 62 5.85 11.92 -4.71
N VAL A 63 7.01 11.29 -4.60
CA VAL A 63 7.18 9.92 -5.09
C VAL A 63 7.36 8.94 -3.94
N TRP A 64 7.10 7.67 -4.22
CA TRP A 64 7.22 6.63 -3.20
C TRP A 64 7.54 5.27 -3.85
N ARG A 65 8.28 4.43 -3.14
CA ARG A 65 8.64 3.12 -3.65
C ARG A 65 8.71 2.10 -2.51
N PHE A 66 8.15 0.92 -2.76
CA PHE A 66 8.14 -0.14 -1.75
C PHE A 66 8.46 -1.49 -2.39
N ARG A 67 8.81 -2.47 -1.56
CA ARG A 67 9.14 -3.80 -2.05
C ARG A 67 7.96 -4.75 -1.84
N TYR A 68 7.35 -5.19 -2.93
CA TYR A 68 6.21 -6.10 -2.87
C TYR A 68 6.69 -7.54 -2.64
N SER A 69 6.35 -8.09 -1.49
CA SER A 69 6.74 -9.46 -1.15
C SER A 69 5.53 -10.38 -1.11
N TYR A 70 5.78 -11.65 -0.79
CA TYR A 70 4.70 -12.64 -0.72
C TYR A 70 4.79 -13.44 0.58
N TRP A 71 3.78 -13.30 1.43
CA TRP A 71 3.76 -14.02 2.70
C TRP A 71 2.76 -15.17 2.67
N ASN A 72 2.99 -16.18 3.51
CA ASN A 72 2.12 -17.34 3.57
C ASN A 72 2.14 -18.10 2.25
N SER A 73 3.33 -18.54 1.85
CA SER A 73 3.49 -19.28 0.60
C SER A 73 3.15 -18.39 -0.59
N SER A 74 1.86 -18.24 -0.86
CA SER A 74 1.39 -17.41 -1.97
C SER A 74 -0.06 -17.00 -1.78
N GLN A 75 -0.50 -16.98 -0.53
CA GLN A 75 -1.88 -16.61 -0.20
C GLN A 75 -2.00 -15.11 0.06
N SER A 76 -1.28 -14.61 1.05
CA SER A 76 -1.33 -13.19 1.40
C SER A 76 -0.19 -12.41 0.75
N TYR A 77 -0.30 -11.09 0.81
CA TYR A 77 0.72 -10.22 0.24
C TYR A 77 1.13 -9.14 1.23
N VAL A 78 2.34 -8.61 1.09
CA VAL A 78 2.83 -7.57 1.99
C VAL A 78 3.82 -6.66 1.29
N LEU A 79 3.98 -5.45 1.83
CA LEU A 79 4.90 -4.47 1.26
C LEU A 79 6.02 -4.15 2.25
N THR A 80 7.14 -4.84 2.13
CA THR A 80 8.27 -4.63 3.01
C THR A 80 9.21 -3.55 2.46
N LYS A 81 10.02 -2.97 3.34
CA LYS A 81 10.95 -1.92 2.94
C LYS A 81 10.22 -0.70 2.41
N GLY A 82 10.60 0.47 2.92
CA GLY A 82 9.97 1.70 2.48
C GLY A 82 8.84 2.13 3.41
N TRP A 83 8.07 1.16 3.87
CA TRP A 83 6.95 1.44 4.77
C TRP A 83 7.43 2.16 6.03
N SER A 84 8.63 1.81 6.48
CA SER A 84 9.21 2.42 7.68
C SER A 84 9.39 3.92 7.48
N ARG A 85 9.90 4.30 6.31
CA ARG A 85 10.13 5.71 6.01
C ARG A 85 8.81 6.45 5.86
N PHE A 86 7.87 5.85 5.12
CA PHE A 86 6.56 6.46 4.90
C PHE A 86 5.84 6.68 6.23
N VAL A 87 5.63 5.60 6.97
CA VAL A 87 4.95 5.67 8.27
C VAL A 87 5.61 6.70 9.17
N LYS A 88 6.91 6.87 9.03
CA LYS A 88 7.66 7.82 9.84
C LYS A 88 7.52 9.23 9.28
N GLU A 89 7.58 9.36 7.95
CA GLU A 89 7.46 10.65 7.30
C GLU A 89 6.05 11.21 7.47
N LYS A 90 5.07 10.31 7.52
CA LYS A 90 3.68 10.71 7.67
C LYS A 90 3.19 10.49 9.10
N ASN A 91 4.05 9.92 9.95
CA ASN A 91 3.69 9.66 11.34
C ASN A 91 2.47 8.74 11.43
N LEU A 92 2.33 7.86 10.46
CA LEU A 92 1.21 6.92 10.43
C LEU A 92 1.23 6.01 11.65
N ARG A 93 0.05 5.79 12.23
CA ARG A 93 -0.06 4.94 13.41
C ARG A 93 -1.24 3.98 13.28
N ALA A 94 -1.47 3.18 14.31
CA ALA A 94 -2.56 2.21 14.30
C ALA A 94 -3.91 2.91 14.47
N GLY A 95 -4.97 2.26 13.98
CA GLY A 95 -6.29 2.83 14.08
C GLY A 95 -6.67 3.66 12.87
N ASP A 96 -5.85 3.61 11.83
CA ASP A 96 -6.11 4.37 10.61
C ASP A 96 -6.41 3.43 9.44
N VAL A 97 -6.59 4.01 8.26
CA VAL A 97 -6.89 3.23 7.06
C VAL A 97 -5.96 3.62 5.91
N VAL A 98 -5.54 2.62 5.14
CA VAL A 98 -4.64 2.85 4.01
C VAL A 98 -5.37 2.60 2.69
N SER A 99 -5.42 3.63 1.85
CA SER A 99 -6.08 3.51 0.56
C SER A 99 -5.05 3.41 -0.56
N PHE A 100 -5.43 2.73 -1.64
CA PHE A 100 -4.54 2.55 -2.79
C PHE A 100 -5.31 2.66 -4.10
N SER A 101 -4.74 3.41 -5.04
CA SER A 101 -5.37 3.59 -6.35
C SER A 101 -4.43 3.18 -7.48
N ARG A 102 -4.89 3.32 -8.71
CA ARG A 102 -4.08 2.98 -9.87
C ARG A 102 -4.46 3.83 -11.08
N SER A 103 -3.48 4.10 -11.93
CA SER A 103 -3.72 4.91 -13.12
C SER A 103 -3.98 4.02 -14.34
N ASN A 104 -5.12 4.23 -14.98
CA ASN A 104 -5.49 3.45 -16.16
C ASN A 104 -4.99 4.10 -17.45
N GLY A 105 -4.01 4.99 -17.32
CA GLY A 105 -3.46 5.66 -18.49
C GLY A 105 -2.43 4.82 -19.21
N GLN A 106 -1.33 5.45 -19.61
CA GLN A 106 -0.26 4.76 -20.31
C GLN A 106 0.94 4.53 -19.40
N ASP A 107 1.16 5.47 -18.48
CA ASP A 107 2.27 5.37 -17.55
C ASP A 107 1.84 4.68 -16.25
N GLN A 108 2.45 3.53 -15.98
CA GLN A 108 2.13 2.78 -14.77
C GLN A 108 2.57 3.53 -13.52
N GLN A 109 1.61 3.82 -12.65
CA GLN A 109 1.90 4.54 -11.41
C GLN A 109 0.74 4.41 -10.42
N LEU A 110 1.07 4.15 -9.17
CA LEU A 110 0.05 4.01 -8.13
C LEU A 110 0.09 5.19 -7.17
N TYR A 111 -0.77 5.16 -6.15
CA TYR A 111 -0.83 6.22 -5.16
C TYR A 111 -1.21 5.67 -3.79
N ILE A 112 -0.81 6.39 -2.75
CA ILE A 112 -1.11 5.97 -1.37
C ILE A 112 -1.86 7.07 -0.62
N GLY A 113 -3.05 6.73 -0.11
CA GLY A 113 -3.84 7.69 0.62
C GLY A 113 -4.16 7.22 2.03
N TRP A 114 -3.79 8.04 3.01
CA TRP A 114 -4.05 7.71 4.41
C TRP A 114 -5.13 8.60 5.00
N LYS A 115 -5.93 8.04 5.91
CA LYS A 115 -6.99 8.79 6.55
C LYS A 115 -7.05 8.49 8.05
N SER A 116 -7.17 9.54 8.85
CA SER A 116 -7.22 9.38 10.30
C SER A 116 -7.90 10.59 10.94
N ARG A 117 -9.20 10.50 11.16
CA ARG A 117 -9.97 11.58 11.75
C ARG A 117 -9.69 11.67 13.25
N SER A 118 -9.23 12.84 13.70
CA SER A 118 -8.93 13.05 15.11
C SER A 118 -9.81 14.15 15.69
N GLY A 119 -9.66 15.36 15.18
CA GLY A 119 -10.45 16.48 15.66
C GLY A 119 -9.95 17.81 15.14
N SER A 120 -10.75 18.86 15.33
CA SER A 120 -10.38 20.20 14.88
C SER A 120 -9.36 20.83 15.81
N ASP A 121 -8.56 21.76 15.27
CA ASP A 121 -7.55 22.44 16.05
C ASP A 121 -8.11 23.68 16.73
N LEU A 122 -8.99 24.38 16.01
CA LEU A 122 -9.60 25.59 16.55
C LEU A 122 -10.60 25.25 17.65
N ASP A 123 -11.20 26.28 18.24
CA ASP A 123 -12.17 26.10 19.30
C ASP A 123 -13.40 25.35 18.80
N ALA A 124 -14.22 24.87 19.73
CA ALA A 124 -15.44 24.15 19.38
C ALA A 124 -16.50 25.09 18.83
N ARG A 8 -10.67 11.09 -15.42
CA ARG A 8 -9.81 12.05 -14.66
C ARG A 8 -9.45 11.50 -13.29
N SER A 9 -8.24 11.80 -12.83
CA SER A 9 -7.77 11.34 -11.53
C SER A 9 -7.75 9.81 -11.47
N ALA A 10 -6.98 9.28 -10.53
CA ALA A 10 -6.88 7.83 -10.37
C ALA A 10 -8.15 7.26 -9.76
N GLU A 11 -8.19 5.94 -9.60
CA GLU A 11 -9.35 5.25 -9.03
C GLU A 11 -8.93 4.42 -7.81
N ALA A 12 -9.72 4.53 -6.75
CA ALA A 12 -9.44 3.78 -5.52
C ALA A 12 -9.62 2.28 -5.75
N LEU A 13 -8.63 1.51 -5.32
CA LEU A 13 -8.66 0.06 -5.48
C LEU A 13 -9.33 -0.60 -4.28
N PHE A 14 -8.72 -0.43 -3.11
CA PHE A 14 -9.25 -1.01 -1.88
C PHE A 14 -8.84 -0.17 -0.66
N GLU A 15 -9.69 -0.18 0.36
CA GLU A 15 -9.42 0.58 1.58
C GLU A 15 -9.32 -0.34 2.78
N LYS A 16 -8.10 -0.53 3.28
CA LYS A 16 -7.85 -1.39 4.42
C LYS A 16 -7.36 -0.57 5.61
N ALA A 17 -7.81 -0.94 6.80
CA ALA A 17 -7.41 -0.25 8.02
C ALA A 17 -6.06 -0.75 8.53
N VAL A 18 -5.29 0.13 9.15
CA VAL A 18 -3.99 -0.23 9.68
C VAL A 18 -4.05 -0.49 11.19
N THR A 19 -3.54 -1.63 11.60
CA THR A 19 -3.53 -2.00 13.02
C THR A 19 -2.19 -1.66 13.67
N PRO A 20 -2.18 -1.53 15.00
CA PRO A 20 -0.94 -1.21 15.75
C PRO A 20 0.21 -2.12 15.37
N SER A 21 -0.10 -3.32 14.90
CA SER A 21 0.91 -4.28 14.51
C SER A 21 1.49 -3.96 13.13
N ASP A 22 0.73 -3.20 12.34
CA ASP A 22 1.17 -2.81 11.00
C ASP A 22 1.93 -1.49 11.02
N VAL A 23 2.71 -1.27 12.08
CA VAL A 23 3.48 -0.04 12.21
C VAL A 23 4.63 -0.22 13.22
N GLY A 24 5.10 -1.45 13.35
CA GLY A 24 6.19 -1.73 14.27
C GLY A 24 6.29 -3.19 14.63
N LYS A 25 5.15 -3.82 14.84
CA LYS A 25 5.12 -5.24 15.19
C LYS A 25 5.39 -6.11 13.97
N LEU A 26 4.76 -5.78 12.86
CA LEU A 26 4.94 -6.52 11.61
C LEU A 26 6.08 -5.94 10.79
N ASN A 27 6.31 -4.63 10.94
CA ASN A 27 7.37 -3.95 10.20
C ASN A 27 7.12 -4.00 8.70
N ARG A 28 5.86 -4.26 8.32
CA ARG A 28 5.49 -4.33 6.91
C ARG A 28 3.99 -4.13 6.75
N LEU A 29 3.56 -3.85 5.52
CA LEU A 29 2.15 -3.64 5.24
C LEU A 29 1.50 -4.93 4.74
N VAL A 30 0.30 -5.21 5.24
CA VAL A 30 -0.42 -6.41 4.84
C VAL A 30 -1.51 -6.09 3.83
N ILE A 31 -1.75 -7.01 2.89
CA ILE A 31 -2.76 -6.83 1.87
C ILE A 31 -3.42 -8.15 1.51
N PRO A 32 -4.76 -8.25 1.67
CA PRO A 32 -5.51 -9.47 1.36
C PRO A 32 -5.21 -10.00 -0.05
N LYS A 33 -5.25 -11.31 -0.20
CA LYS A 33 -4.98 -11.93 -1.49
C LYS A 33 -6.05 -11.57 -2.51
N HIS A 34 -7.30 -11.46 -2.05
CA HIS A 34 -8.42 -11.12 -2.93
C HIS A 34 -8.34 -9.67 -3.39
N HIS A 35 -7.52 -8.87 -2.71
CA HIS A 35 -7.35 -7.47 -3.05
C HIS A 35 -6.12 -7.25 -3.92
N ALA A 36 -5.07 -8.02 -3.63
CA ALA A 36 -3.82 -7.91 -4.38
C ALA A 36 -3.81 -8.85 -5.58
N GLU A 37 -4.97 -9.37 -5.96
CA GLU A 37 -5.08 -10.28 -7.09
C GLU A 37 -6.01 -9.74 -8.16
N LYS A 38 -7.12 -9.16 -7.72
CA LYS A 38 -8.10 -8.58 -8.63
C LYS A 38 -7.68 -7.20 -9.12
N HIS A 39 -6.89 -6.51 -8.32
CA HIS A 39 -6.41 -5.17 -8.66
C HIS A 39 -4.92 -5.20 -9.02
N PHE A 40 -4.19 -6.14 -8.44
CA PHE A 40 -2.76 -6.27 -8.69
C PHE A 40 -2.45 -7.50 -9.52
N PRO A 41 -2.54 -7.40 -10.86
CA PRO A 41 -2.28 -8.52 -11.77
C PRO A 41 -0.78 -8.75 -11.97
N LEU A 42 -0.06 -8.98 -10.86
CA LEU A 42 1.38 -9.22 -10.92
C LEU A 42 1.77 -10.41 -10.06
N PRO A 43 1.18 -11.59 -10.34
CA PRO A 43 1.47 -12.82 -9.57
C PRO A 43 2.87 -13.35 -9.86
N SER A 44 3.29 -14.36 -9.10
CA SER A 44 4.60 -14.96 -9.27
C SER A 44 4.55 -16.45 -8.95
N SER A 45 5.39 -17.22 -9.63
CA SER A 45 5.45 -18.67 -9.42
C SER A 45 6.81 -19.09 -8.89
N ASN A 46 7.87 -18.52 -9.46
CA ASN A 46 9.23 -18.83 -9.03
C ASN A 46 9.88 -17.63 -8.37
N VAL A 47 9.81 -17.57 -7.05
CA VAL A 47 10.39 -16.47 -6.29
C VAL A 47 11.34 -16.99 -5.22
N SER A 48 12.53 -16.39 -5.14
CA SER A 48 13.53 -16.80 -4.17
C SER A 48 14.47 -15.64 -3.85
N VAL A 49 15.04 -15.04 -4.88
CA VAL A 49 15.96 -13.92 -4.71
C VAL A 49 15.39 -12.64 -5.33
N LYS A 50 14.76 -12.78 -6.49
CA LYS A 50 14.18 -11.64 -7.18
C LYS A 50 12.81 -11.29 -6.59
N GLY A 51 12.15 -10.31 -7.19
CA GLY A 51 10.85 -9.89 -6.71
C GLY A 51 10.23 -8.81 -7.58
N VAL A 52 9.32 -8.04 -6.99
CA VAL A 52 8.65 -6.96 -7.71
C VAL A 52 8.81 -5.63 -6.97
N LEU A 53 8.63 -4.53 -7.70
CA LEU A 53 8.75 -3.20 -7.12
C LEU A 53 7.58 -2.31 -7.53
N LEU A 54 6.94 -1.71 -6.54
CA LEU A 54 5.80 -0.83 -6.81
C LEU A 54 6.20 0.64 -6.66
N ASN A 55 5.33 1.53 -7.11
CA ASN A 55 5.59 2.97 -7.04
C ASN A 55 4.31 3.75 -6.80
N PHE A 56 4.16 4.27 -5.59
CA PHE A 56 2.97 5.04 -5.23
C PHE A 56 3.30 6.53 -5.17
N GLU A 57 2.44 7.34 -5.78
CA GLU A 57 2.63 8.79 -5.81
C GLU A 57 1.82 9.46 -4.71
N ASP A 58 2.25 10.65 -4.31
CA ASP A 58 1.57 11.40 -3.26
C ASP A 58 0.95 12.68 -3.82
N VAL A 59 -0.26 13.00 -3.36
CA VAL A 59 -0.96 14.19 -3.81
C VAL A 59 -0.13 15.45 -3.61
N ASN A 60 0.83 15.38 -2.69
CA ASN A 60 1.70 16.53 -2.41
C ASN A 60 2.99 16.44 -3.22
N GLY A 61 2.90 15.88 -4.42
CA GLY A 61 4.06 15.76 -5.28
C GLY A 61 5.20 15.00 -4.60
N LYS A 62 4.95 13.75 -4.24
CA LYS A 62 5.97 12.92 -3.59
C LYS A 62 5.87 11.48 -4.05
N VAL A 63 6.99 10.93 -4.50
CA VAL A 63 7.04 9.54 -4.97
C VAL A 63 7.36 8.58 -3.82
N TRP A 64 6.83 7.37 -3.91
CA TRP A 64 7.06 6.37 -2.88
C TRP A 64 7.42 5.02 -3.51
N ARG A 65 8.40 4.33 -2.93
CA ARG A 65 8.84 3.05 -3.43
C ARG A 65 8.62 1.96 -2.39
N PHE A 66 8.01 0.85 -2.81
CA PHE A 66 7.74 -0.26 -1.91
C PHE A 66 8.05 -1.59 -2.59
N ARG A 67 8.83 -2.43 -1.91
CA ARG A 67 9.20 -3.74 -2.45
C ARG A 67 8.09 -4.75 -2.20
N TYR A 68 7.68 -5.44 -3.26
CA TYR A 68 6.62 -6.44 -3.14
C TYR A 68 7.16 -7.76 -2.60
N SER A 69 6.50 -8.29 -1.59
CA SER A 69 6.91 -9.54 -0.97
C SER A 69 5.75 -10.53 -0.90
N TYR A 70 6.08 -11.81 -0.97
CA TYR A 70 5.06 -12.86 -0.92
C TYR A 70 5.17 -13.68 0.36
N TRP A 71 4.20 -13.54 1.25
CA TRP A 71 4.20 -14.27 2.51
C TRP A 71 3.07 -15.29 2.55
N ASN A 72 3.06 -16.12 3.59
CA ASN A 72 2.04 -17.15 3.75
C ASN A 72 2.15 -18.23 2.68
N SER A 73 3.29 -18.27 2.00
CA SER A 73 3.53 -19.26 0.94
C SER A 73 2.70 -18.95 -0.30
N SER A 74 3.01 -17.83 -0.95
CA SER A 74 2.30 -17.42 -2.16
C SER A 74 0.82 -17.15 -1.90
N GLN A 75 0.44 -17.06 -0.63
CA GLN A 75 -0.96 -16.79 -0.28
C GLN A 75 -1.22 -15.30 -0.15
N SER A 76 -0.77 -14.71 0.94
CA SER A 76 -0.97 -13.29 1.19
C SER A 76 0.11 -12.44 0.51
N TYR A 77 -0.18 -11.15 0.38
CA TYR A 77 0.75 -10.22 -0.25
C TYR A 77 1.10 -9.07 0.70
N VAL A 78 2.39 -8.89 0.95
CA VAL A 78 2.84 -7.83 1.84
C VAL A 78 3.85 -6.92 1.15
N LEU A 79 4.00 -5.70 1.68
CA LEU A 79 4.93 -4.72 1.11
C LEU A 79 6.11 -4.50 2.05
N THR A 80 7.23 -5.14 1.74
CA THR A 80 8.42 -5.01 2.56
C THR A 80 9.30 -3.86 2.07
N LYS A 81 10.08 -3.29 2.98
CA LYS A 81 10.97 -2.18 2.65
C LYS A 81 10.19 -0.96 2.17
N GLY A 82 10.52 0.20 2.71
CA GLY A 82 9.84 1.42 2.33
C GLY A 82 8.69 1.76 3.26
N TRP A 83 7.98 0.74 3.72
CA TRP A 83 6.85 0.95 4.62
C TRP A 83 7.26 1.72 5.87
N SER A 84 8.40 1.34 6.43
CA SER A 84 8.91 2.00 7.64
C SER A 84 9.22 3.46 7.36
N ARG A 85 9.70 3.75 6.15
CA ARG A 85 10.03 5.12 5.76
C ARG A 85 8.77 5.99 5.68
N PHE A 86 7.70 5.41 5.11
CA PHE A 86 6.45 6.14 4.97
C PHE A 86 5.81 6.41 6.33
N VAL A 87 5.59 5.34 7.09
CA VAL A 87 4.98 5.46 8.42
C VAL A 87 5.70 6.51 9.27
N LYS A 88 7.00 6.68 9.02
CA LYS A 88 7.79 7.64 9.78
C LYS A 88 7.67 9.04 9.17
N GLU A 89 7.72 9.11 7.85
CA GLU A 89 7.62 10.39 7.15
C GLU A 89 6.25 11.03 7.39
N LYS A 90 5.19 10.27 7.12
CA LYS A 90 3.83 10.76 7.29
C LYS A 90 3.36 10.59 8.73
N ASN A 91 4.24 10.06 9.59
CA ASN A 91 3.90 9.86 11.00
C ASN A 91 2.67 8.97 11.14
N LEU A 92 2.50 8.04 10.20
CA LEU A 92 1.37 7.13 10.21
C LEU A 92 1.33 6.32 11.52
N ARG A 93 0.13 6.10 12.03
CA ARG A 93 -0.05 5.35 13.27
C ARG A 93 -1.28 4.44 13.18
N ALA A 94 -1.50 3.66 14.24
CA ALA A 94 -2.63 2.74 14.28
C ALA A 94 -3.94 3.52 14.43
N GLY A 95 -5.04 2.89 14.02
CA GLY A 95 -6.34 3.52 14.11
C GLY A 95 -6.76 4.16 12.81
N ASP A 96 -5.79 4.58 12.01
CA ASP A 96 -6.07 5.22 10.72
C ASP A 96 -6.38 4.16 9.66
N VAL A 97 -6.45 4.61 8.41
CA VAL A 97 -6.75 3.71 7.30
C VAL A 97 -5.75 3.90 6.16
N VAL A 98 -5.41 2.80 5.49
CA VAL A 98 -4.47 2.84 4.38
C VAL A 98 -5.16 2.50 3.07
N SER A 99 -5.57 3.52 2.33
CA SER A 99 -6.25 3.33 1.05
C SER A 99 -5.25 3.38 -0.10
N PHE A 100 -5.53 2.61 -1.16
CA PHE A 100 -4.66 2.57 -2.32
C PHE A 100 -5.47 2.70 -3.61
N SER A 101 -5.02 3.59 -4.49
CA SER A 101 -5.70 3.81 -5.76
C SER A 101 -4.86 3.32 -6.93
N ARG A 102 -5.35 3.54 -8.14
CA ARG A 102 -4.64 3.12 -9.34
C ARG A 102 -4.99 4.01 -10.53
N SER A 103 -4.02 4.23 -11.40
CA SER A 103 -4.23 5.07 -12.58
C SER A 103 -4.95 4.30 -13.68
N ASN A 104 -5.47 5.03 -14.67
CA ASN A 104 -6.19 4.41 -15.78
C ASN A 104 -5.22 4.02 -16.90
N GLY A 105 -4.21 3.23 -16.54
CA GLY A 105 -3.23 2.79 -17.52
C GLY A 105 -2.17 1.89 -16.92
N GLN A 106 -2.33 0.59 -17.12
CA GLN A 106 -1.36 -0.38 -16.58
C GLN A 106 -1.32 -0.31 -15.06
N ASP A 107 -0.77 -1.36 -14.45
CA ASP A 107 -0.67 -1.42 -12.99
C ASP A 107 0.72 -1.00 -12.52
N GLN A 108 1.36 -0.13 -13.30
CA GLN A 108 2.70 0.35 -12.97
C GLN A 108 2.63 1.61 -12.11
N GLN A 109 1.59 2.41 -12.34
CA GLN A 109 1.40 3.64 -11.58
C GLN A 109 0.34 3.47 -10.50
N LEU A 110 0.74 3.72 -9.26
CA LEU A 110 -0.16 3.60 -8.12
C LEU A 110 -0.14 4.85 -7.25
N TYR A 111 -0.93 4.85 -6.19
CA TYR A 111 -0.98 5.99 -5.28
C TYR A 111 -1.28 5.54 -3.85
N ILE A 112 -0.72 6.25 -2.88
CA ILE A 112 -0.91 5.92 -1.47
C ILE A 112 -1.73 6.99 -0.78
N GLY A 113 -2.92 6.61 -0.31
CA GLY A 113 -3.79 7.54 0.38
C GLY A 113 -4.17 7.07 1.77
N TRP A 114 -4.06 7.96 2.74
CA TRP A 114 -4.39 7.63 4.12
C TRP A 114 -5.44 8.60 4.69
N LYS A 115 -6.31 8.09 5.54
CA LYS A 115 -7.36 8.90 6.15
C LYS A 115 -7.17 8.99 7.65
N SER A 116 -7.40 10.17 8.21
CA SER A 116 -7.26 10.39 9.65
C SER A 116 -8.59 10.16 10.37
N ARG A 117 -9.23 9.02 10.08
CA ARG A 117 -10.50 8.69 10.70
C ARG A 117 -10.30 8.21 12.13
N SER A 118 -10.80 9.00 13.09
CA SER A 118 -10.70 8.65 14.49
C SER A 118 -11.98 8.96 15.24
N GLY A 119 -12.52 10.15 15.02
CA GLY A 119 -13.76 10.54 15.67
C GLY A 119 -13.89 12.04 15.84
N SER A 120 -14.94 12.61 15.26
CA SER A 120 -15.18 14.05 15.34
C SER A 120 -15.48 14.47 16.77
N ASP A 121 -15.52 15.78 17.00
CA ASP A 121 -15.80 16.32 18.32
C ASP A 121 -17.30 16.49 18.53
N LEU A 122 -17.95 17.15 17.59
CA LEU A 122 -19.39 17.38 17.66
C LEU A 122 -20.16 16.07 17.63
N ASP A 123 -19.60 15.07 16.94
CA ASP A 123 -20.23 13.77 16.83
C ASP A 123 -20.41 13.13 18.21
N ALA A 124 -19.32 13.03 18.95
CA ALA A 124 -19.35 12.44 20.29
C ALA A 124 -19.16 13.51 21.36
N ARG A 8 -8.78 13.59 -6.25
CA ARG A 8 -8.37 12.31 -6.88
C ARG A 8 -8.92 12.18 -8.29
N SER A 9 -8.05 11.86 -9.25
CA SER A 9 -8.44 11.71 -10.64
C SER A 9 -8.58 10.24 -11.01
N ALA A 10 -7.77 9.40 -10.38
CA ALA A 10 -7.80 7.96 -10.64
C ALA A 10 -8.85 7.27 -9.80
N GLU A 11 -8.99 5.96 -9.99
CA GLU A 11 -9.97 5.17 -9.24
C GLU A 11 -9.28 4.30 -8.21
N ALA A 12 -9.91 4.17 -7.04
CA ALA A 12 -9.36 3.36 -5.96
C ALA A 12 -9.55 1.87 -6.24
N LEU A 13 -8.58 1.06 -5.83
CA LEU A 13 -8.64 -0.39 -6.04
C LEU A 13 -9.30 -1.07 -4.85
N PHE A 14 -8.81 -0.77 -3.65
CA PHE A 14 -9.35 -1.37 -2.44
C PHE A 14 -9.00 -0.52 -1.21
N GLU A 15 -9.90 -0.49 -0.24
CA GLU A 15 -9.70 0.28 0.98
C GLU A 15 -9.61 -0.64 2.19
N LYS A 16 -8.58 -0.44 3.01
CA LYS A 16 -8.39 -1.25 4.21
C LYS A 16 -7.90 -0.39 5.38
N ALA A 17 -7.80 -1.00 6.55
CA ALA A 17 -7.33 -0.30 7.74
C ALA A 17 -5.99 -0.85 8.22
N VAL A 18 -5.17 0.03 8.79
CA VAL A 18 -3.86 -0.36 9.28
C VAL A 18 -3.95 -0.88 10.72
N THR A 19 -3.48 -2.11 10.92
CA THR A 19 -3.50 -2.72 12.24
C THR A 19 -2.23 -2.42 13.02
N PRO A 20 -2.26 -2.60 14.35
CA PRO A 20 -1.10 -2.34 15.21
C PRO A 20 0.14 -3.08 14.75
N SER A 21 -0.06 -4.23 14.10
CA SER A 21 1.04 -5.04 13.61
C SER A 21 1.67 -4.41 12.36
N ASP A 22 0.85 -3.73 11.57
CA ASP A 22 1.33 -3.09 10.35
C ASP A 22 2.37 -2.03 10.67
N VAL A 23 2.24 -1.40 11.83
CA VAL A 23 3.18 -0.37 12.25
C VAL A 23 3.85 -0.73 13.58
N GLY A 24 3.61 -1.95 14.05
CA GLY A 24 4.22 -2.38 15.30
C GLY A 24 5.60 -2.97 15.10
N LYS A 25 5.96 -3.93 15.95
CA LYS A 25 7.26 -4.57 15.87
C LYS A 25 7.39 -5.39 14.58
N LEU A 26 6.26 -5.90 14.10
CA LEU A 26 6.24 -6.71 12.89
C LEU A 26 6.60 -5.85 11.67
N ASN A 27 6.12 -4.61 11.67
CA ASN A 27 6.38 -3.69 10.57
C ASN A 27 5.83 -4.24 9.25
N ARG A 28 6.13 -3.54 8.16
CA ARG A 28 5.67 -3.96 6.84
C ARG A 28 4.15 -3.80 6.72
N LEU A 29 3.67 -3.65 5.49
CA LEU A 29 2.24 -3.48 5.25
C LEU A 29 1.61 -4.82 4.86
N VAL A 30 0.34 -5.00 5.24
CA VAL A 30 -0.38 -6.22 4.93
C VAL A 30 -1.48 -5.96 3.91
N ILE A 31 -1.74 -6.95 3.05
CA ILE A 31 -2.77 -6.83 2.04
C ILE A 31 -3.47 -8.17 1.79
N PRO A 32 -4.80 -8.22 1.89
CA PRO A 32 -5.57 -9.45 1.67
C PRO A 32 -5.27 -10.09 0.32
N LYS A 33 -5.80 -11.29 0.11
CA LYS A 33 -5.59 -12.00 -1.15
C LYS A 33 -6.67 -11.65 -2.17
N HIS A 34 -7.87 -11.36 -1.67
CA HIS A 34 -8.98 -11.01 -2.55
C HIS A 34 -8.81 -9.62 -3.15
N HIS A 35 -7.83 -8.87 -2.66
CA HIS A 35 -7.57 -7.53 -3.16
C HIS A 35 -6.25 -7.47 -3.92
N ALA A 36 -5.17 -7.88 -3.27
CA ALA A 36 -3.85 -7.88 -3.89
C ALA A 36 -3.78 -8.83 -5.08
N GLU A 37 -4.65 -9.84 -5.07
CA GLU A 37 -4.67 -10.83 -6.14
C GLU A 37 -5.74 -10.49 -7.18
N LYS A 38 -6.84 -9.90 -6.71
CA LYS A 38 -7.93 -9.52 -7.60
C LYS A 38 -7.59 -8.27 -8.39
N HIS A 39 -6.97 -7.30 -7.73
CA HIS A 39 -6.59 -6.05 -8.38
C HIS A 39 -5.18 -6.14 -8.94
N PHE A 40 -4.20 -6.21 -8.06
CA PHE A 40 -2.80 -6.30 -8.46
C PHE A 40 -2.50 -7.67 -9.08
N PRO A 41 -1.83 -7.70 -10.24
CA PRO A 41 -1.49 -8.96 -10.91
C PRO A 41 -0.34 -9.70 -10.23
N LEU A 42 -0.16 -10.96 -10.58
CA LEU A 42 0.90 -11.77 -9.99
C LEU A 42 1.84 -12.30 -11.08
N PRO A 43 3.16 -12.27 -10.83
CA PRO A 43 4.16 -12.75 -11.79
C PRO A 43 4.02 -14.24 -12.08
N SER A 44 3.29 -14.57 -13.15
CA SER A 44 3.08 -15.96 -13.54
C SER A 44 4.37 -16.57 -14.08
N SER A 45 5.25 -15.73 -14.61
CA SER A 45 6.51 -16.19 -15.17
C SER A 45 7.30 -17.01 -14.16
N ASN A 46 8.49 -17.45 -14.54
CA ASN A 46 9.33 -18.24 -13.66
C ASN A 46 10.72 -17.62 -13.52
N VAL A 47 11.23 -17.06 -14.60
CA VAL A 47 12.55 -16.44 -14.61
C VAL A 47 12.50 -15.04 -14.00
N SER A 48 11.35 -14.38 -14.12
CA SER A 48 11.17 -13.04 -13.58
C SER A 48 10.03 -13.00 -12.58
N VAL A 49 10.23 -13.61 -11.42
CA VAL A 49 9.22 -13.64 -10.38
C VAL A 49 9.72 -12.99 -9.10
N LYS A 50 11.00 -13.17 -8.81
CA LYS A 50 11.61 -12.59 -7.61
C LYS A 50 12.16 -11.20 -7.90
N GLY A 51 11.53 -10.18 -7.32
CA GLY A 51 11.98 -8.82 -7.53
C GLY A 51 10.94 -7.97 -8.24
N VAL A 52 10.02 -7.41 -7.46
CA VAL A 52 8.96 -6.57 -8.00
C VAL A 52 8.69 -5.36 -7.11
N LEU A 53 8.75 -4.17 -7.70
CA LEU A 53 8.51 -2.94 -6.95
C LEU A 53 7.30 -2.19 -7.52
N LEU A 54 6.71 -1.34 -6.69
CA LEU A 54 5.55 -0.55 -7.09
C LEU A 54 5.77 0.93 -6.84
N ASN A 55 5.54 1.74 -7.86
CA ASN A 55 5.72 3.19 -7.74
C ASN A 55 4.45 3.86 -7.23
N PHE A 56 4.56 4.52 -6.09
CA PHE A 56 3.43 5.21 -5.48
C PHE A 56 3.70 6.70 -5.38
N GLU A 57 2.82 7.51 -5.97
CA GLU A 57 2.96 8.96 -5.93
C GLU A 57 2.23 9.55 -4.73
N ASP A 58 2.66 10.74 -4.31
CA ASP A 58 2.05 11.41 -3.18
C ASP A 58 1.40 12.73 -3.60
N VAL A 59 0.18 12.97 -3.13
CA VAL A 59 -0.55 14.18 -3.47
C VAL A 59 0.26 15.43 -3.14
N ASN A 60 1.19 15.29 -2.20
CA ASN A 60 2.03 16.42 -1.79
C ASN A 60 3.18 16.64 -2.78
N GLY A 61 3.27 15.78 -3.79
CA GLY A 61 4.32 15.91 -4.78
C GLY A 61 5.57 15.13 -4.40
N LYS A 62 5.38 13.88 -4.02
CA LYS A 62 6.51 13.03 -3.62
C LYS A 62 6.32 11.61 -4.15
N VAL A 63 7.40 11.03 -4.67
CA VAL A 63 7.35 9.67 -5.20
C VAL A 63 7.91 8.67 -4.20
N TRP A 64 7.14 7.62 -3.94
CA TRP A 64 7.56 6.58 -3.00
C TRP A 64 7.93 5.30 -3.73
N ARG A 65 8.74 4.47 -3.09
CA ARG A 65 9.19 3.21 -3.68
C ARG A 65 9.05 2.07 -2.68
N PHE A 66 7.98 1.29 -2.82
CA PHE A 66 7.74 0.17 -1.93
C PHE A 66 8.04 -1.15 -2.63
N ARG A 67 8.43 -2.16 -1.84
CA ARG A 67 8.76 -3.47 -2.39
C ARG A 67 7.64 -4.47 -2.13
N TYR A 68 7.19 -5.13 -3.18
CA TYR A 68 6.11 -6.11 -3.06
C TYR A 68 6.66 -7.46 -2.61
N SER A 69 6.03 -8.04 -1.60
CA SER A 69 6.48 -9.33 -1.07
C SER A 69 5.29 -10.25 -0.85
N TYR A 70 5.58 -11.51 -0.50
CA TYR A 70 4.54 -12.50 -0.26
C TYR A 70 4.73 -13.16 1.10
N TRP A 71 3.77 -12.95 2.00
CA TRP A 71 3.84 -13.52 3.34
C TRP A 71 2.86 -14.67 3.50
N ASN A 72 3.16 -15.58 4.43
CA ASN A 72 2.30 -16.73 4.69
C ASN A 72 2.27 -17.65 3.45
N SER A 73 3.44 -18.16 3.08
CA SER A 73 3.55 -19.03 1.92
C SER A 73 3.15 -18.29 0.65
N SER A 74 1.85 -18.20 0.41
CA SER A 74 1.34 -17.50 -0.78
C SER A 74 -0.13 -17.14 -0.60
N GLN A 75 -0.58 -17.04 0.64
CA GLN A 75 -1.97 -16.70 0.94
C GLN A 75 -2.18 -15.20 1.08
N SER A 76 -1.32 -14.55 1.87
CA SER A 76 -1.45 -13.11 2.08
C SER A 76 -0.34 -12.33 1.37
N TYR A 77 -0.58 -11.05 1.17
CA TYR A 77 0.39 -10.18 0.50
C TYR A 77 0.88 -9.11 1.46
N VAL A 78 2.07 -8.57 1.19
CA VAL A 78 2.64 -7.53 2.04
C VAL A 78 3.53 -6.59 1.23
N LEU A 79 3.69 -5.37 1.74
CA LEU A 79 4.51 -4.36 1.08
C LEU A 79 5.69 -3.96 1.96
N THR A 80 6.78 -4.71 1.85
CA THR A 80 7.97 -4.44 2.65
C THR A 80 8.83 -3.35 1.99
N LYS A 81 9.73 -2.77 2.78
CA LYS A 81 10.61 -1.71 2.28
C LYS A 81 9.80 -0.49 1.87
N GLY A 82 10.15 0.67 2.44
CA GLY A 82 9.45 1.89 2.11
C GLY A 82 8.40 2.25 3.15
N TRP A 83 7.82 1.23 3.78
CA TRP A 83 6.80 1.44 4.80
C TRP A 83 7.38 2.14 6.03
N SER A 84 8.58 1.73 6.42
CA SER A 84 9.25 2.31 7.58
C SER A 84 9.40 3.82 7.42
N ARG A 85 10.22 4.24 6.45
CA ARG A 85 10.45 5.65 6.20
C ARG A 85 9.14 6.39 5.98
N PHE A 86 8.17 5.70 5.38
CA PHE A 86 6.86 6.28 5.12
C PHE A 86 6.10 6.52 6.42
N VAL A 87 5.96 5.47 7.22
CA VAL A 87 5.26 5.56 8.49
C VAL A 87 5.94 6.56 9.43
N LYS A 88 7.25 6.71 9.26
CA LYS A 88 8.01 7.64 10.09
C LYS A 88 7.90 9.06 9.56
N GLU A 89 7.82 9.20 8.25
CA GLU A 89 7.69 10.50 7.61
C GLU A 89 6.42 11.21 8.08
N LYS A 90 5.30 10.50 8.05
CA LYS A 90 4.03 11.07 8.46
C LYS A 90 3.65 10.64 9.87
N ASN A 91 4.56 9.92 10.54
CA ASN A 91 4.31 9.45 11.90
C ASN A 91 3.05 8.61 11.96
N LEU A 92 2.75 7.90 10.87
CA LEU A 92 1.57 7.06 10.80
C LEU A 92 1.59 5.99 11.88
N ARG A 93 0.43 5.63 12.38
CA ARG A 93 0.32 4.61 13.42
C ARG A 93 -0.95 3.77 13.25
N ALA A 94 -1.17 2.84 14.16
CA ALA A 94 -2.35 1.98 14.11
C ALA A 94 -3.63 2.79 14.34
N GLY A 95 -4.72 2.34 13.74
CA GLY A 95 -5.99 3.03 13.89
C GLY A 95 -6.36 3.83 12.66
N ASP A 96 -5.38 4.17 11.84
CA ASP A 96 -5.61 4.94 10.63
C ASP A 96 -6.14 4.04 9.50
N VAL A 97 -6.40 4.65 8.36
CA VAL A 97 -6.91 3.91 7.20
C VAL A 97 -5.98 4.06 6.00
N VAL A 98 -5.75 2.95 5.30
CA VAL A 98 -4.87 2.96 4.13
C VAL A 98 -5.66 2.63 2.86
N SER A 99 -5.64 3.54 1.90
CA SER A 99 -6.34 3.35 0.64
C SER A 99 -5.37 3.36 -0.53
N PHE A 100 -5.52 2.40 -1.44
CA PHE A 100 -4.66 2.30 -2.61
C PHE A 100 -5.47 2.41 -3.90
N SER A 101 -4.98 3.22 -4.82
CA SER A 101 -5.65 3.42 -6.10
C SER A 101 -4.70 3.12 -7.26
N ARG A 102 -5.23 3.19 -8.48
CA ARG A 102 -4.43 2.93 -9.68
C ARG A 102 -4.95 3.74 -10.87
N SER A 103 -4.08 3.92 -11.87
CA SER A 103 -4.45 4.67 -13.06
C SER A 103 -5.27 3.81 -14.02
N ASN A 104 -6.26 4.42 -14.66
CA ASN A 104 -7.11 3.70 -15.61
C ASN A 104 -6.55 3.78 -17.03
N GLY A 105 -5.25 4.01 -17.15
CA GLY A 105 -4.62 4.10 -18.46
C GLY A 105 -3.48 3.12 -18.62
N GLN A 106 -2.40 3.58 -19.26
CA GLN A 106 -1.24 2.73 -19.48
C GLN A 106 -0.12 3.06 -18.49
N ASP A 107 0.99 2.34 -18.59
CA ASP A 107 2.13 2.56 -17.71
C ASP A 107 1.76 2.24 -16.26
N GLN A 108 2.69 1.64 -15.53
CA GLN A 108 2.47 1.28 -14.14
C GLN A 108 2.58 2.50 -13.24
N GLN A 109 1.44 2.97 -12.72
CA GLN A 109 1.42 4.12 -11.84
C GLN A 109 0.37 3.95 -10.74
N LEU A 110 0.81 4.02 -9.50
CA LEU A 110 -0.07 3.87 -8.35
C LEU A 110 -0.15 5.16 -7.54
N TYR A 111 -0.97 5.16 -6.50
CA TYR A 111 -1.13 6.33 -5.65
C TYR A 111 -1.49 5.91 -4.22
N ILE A 112 -0.70 6.36 -3.25
CA ILE A 112 -0.94 6.04 -1.85
C ILE A 112 -1.69 7.17 -1.15
N GLY A 113 -2.74 6.80 -0.41
CA GLY A 113 -3.51 7.79 0.29
C GLY A 113 -4.09 7.27 1.59
N TRP A 114 -3.70 7.87 2.70
CA TRP A 114 -4.17 7.46 4.01
C TRP A 114 -5.37 8.30 4.46
N LYS A 115 -6.06 7.84 5.49
CA LYS A 115 -7.23 8.56 6.00
C LYS A 115 -7.12 8.74 7.52
N SER A 116 -7.06 10.00 7.95
CA SER A 116 -6.96 10.30 9.37
C SER A 116 -8.14 11.14 9.83
N ARG A 117 -8.44 11.10 11.13
CA ARG A 117 -9.53 11.86 11.70
C ARG A 117 -9.18 13.33 11.83
N SER A 118 -9.82 14.17 11.02
CA SER A 118 -9.56 15.61 11.04
C SER A 118 -10.83 16.38 11.36
N GLY A 119 -11.29 16.29 12.60
CA GLY A 119 -12.48 16.98 13.01
C GLY A 119 -12.22 18.02 14.08
N SER A 120 -11.66 19.16 13.69
CA SER A 120 -11.36 20.24 14.62
C SER A 120 -12.64 20.82 15.22
N ASP A 121 -13.36 21.58 14.42
CA ASP A 121 -14.61 22.19 14.86
C ASP A 121 -15.76 21.21 14.77
N LEU A 122 -15.90 20.57 13.61
CA LEU A 122 -16.97 19.60 13.39
C LEU A 122 -16.52 18.20 13.78
N ASP A 123 -17.10 17.67 14.85
CA ASP A 123 -16.76 16.33 15.34
C ASP A 123 -17.52 15.27 14.55
N ALA A 124 -18.73 15.61 14.11
CA ALA A 124 -19.55 14.67 13.34
C ALA A 124 -19.85 13.42 14.16
N ARG A 8 -9.02 13.70 -9.94
CA ARG A 8 -9.92 12.63 -9.44
C ARG A 8 -10.41 11.74 -10.57
N SER A 9 -9.46 11.21 -11.35
CA SER A 9 -9.80 10.34 -12.47
C SER A 9 -9.38 8.90 -12.18
N ALA A 10 -8.32 8.74 -11.40
CA ALA A 10 -7.83 7.41 -11.05
C ALA A 10 -8.90 6.61 -10.31
N GLU A 11 -8.74 5.29 -10.32
CA GLU A 11 -9.70 4.40 -9.66
C GLU A 11 -9.07 3.76 -8.42
N ALA A 12 -9.77 3.83 -7.30
CA ALA A 12 -9.28 3.24 -6.06
C ALA A 12 -9.47 1.72 -6.05
N LEU A 13 -8.37 1.00 -5.85
CA LEU A 13 -8.41 -0.45 -5.82
C LEU A 13 -9.10 -0.96 -4.56
N PHE A 14 -8.56 -0.57 -3.41
CA PHE A 14 -9.13 -0.99 -2.12
C PHE A 14 -8.66 -0.06 -1.00
N GLU A 15 -9.42 -0.03 0.08
CA GLU A 15 -9.09 0.81 1.22
C GLU A 15 -9.27 0.04 2.53
N LYS A 16 -8.15 -0.34 3.15
CA LYS A 16 -8.19 -1.08 4.41
C LYS A 16 -7.75 -0.20 5.57
N ALA A 17 -7.96 -0.68 6.78
CA ALA A 17 -7.59 0.07 7.98
C ALA A 17 -6.32 -0.52 8.61
N VAL A 18 -5.34 0.34 8.85
CA VAL A 18 -4.08 -0.09 9.45
C VAL A 18 -4.22 -0.23 10.98
N THR A 19 -3.85 -1.40 11.48
CA THR A 19 -3.93 -1.67 12.92
C THR A 19 -2.54 -1.70 13.55
N PRO A 20 -2.46 -1.77 14.89
CA PRO A 20 -1.19 -1.80 15.61
C PRO A 20 -0.24 -2.85 15.05
N SER A 21 -0.80 -3.89 14.43
CA SER A 21 0.01 -4.96 13.85
C SER A 21 0.74 -4.48 12.61
N ASP A 22 0.05 -3.72 11.77
CA ASP A 22 0.63 -3.21 10.54
C ASP A 22 1.56 -2.02 10.81
N VAL A 23 1.59 -1.57 12.05
CA VAL A 23 2.44 -0.43 12.43
C VAL A 23 3.03 -0.63 13.82
N GLY A 24 3.22 -1.89 14.21
CA GLY A 24 3.77 -2.19 15.51
C GLY A 24 5.01 -3.06 15.43
N LYS A 25 5.03 -4.13 16.22
CA LYS A 25 6.16 -5.05 16.24
C LYS A 25 6.36 -5.71 14.87
N LEU A 26 5.26 -6.20 14.30
CA LEU A 26 5.31 -6.86 13.00
C LEU A 26 5.81 -5.90 11.92
N ASN A 27 5.30 -4.67 11.95
CA ASN A 27 5.70 -3.67 10.97
C ASN A 27 5.32 -4.10 9.56
N ARG A 28 5.75 -3.32 8.57
CA ARG A 28 5.46 -3.64 7.17
C ARG A 28 3.97 -3.66 6.91
N LEU A 29 3.58 -3.48 5.66
CA LEU A 29 2.17 -3.48 5.28
C LEU A 29 1.74 -4.85 4.78
N VAL A 30 0.56 -5.29 5.20
CA VAL A 30 0.03 -6.59 4.80
C VAL A 30 -1.15 -6.42 3.84
N ILE A 31 -1.06 -7.06 2.68
CA ILE A 31 -2.11 -6.99 1.67
C ILE A 31 -2.96 -8.26 1.68
N PRO A 32 -4.18 -8.21 2.24
CA PRO A 32 -5.08 -9.36 2.30
C PRO A 32 -5.22 -10.05 0.95
N LYS A 33 -5.44 -11.36 0.97
CA LYS A 33 -5.60 -12.12 -0.26
C LYS A 33 -7.06 -12.16 -0.71
N HIS A 34 -7.35 -11.39 -1.75
CA HIS A 34 -8.70 -11.31 -2.29
C HIS A 34 -8.77 -10.31 -3.45
N HIS A 35 -8.15 -9.15 -3.24
CA HIS A 35 -8.14 -8.11 -4.26
C HIS A 35 -6.87 -8.21 -5.11
N ALA A 36 -5.79 -8.68 -4.49
CA ALA A 36 -4.51 -8.82 -5.20
C ALA A 36 -4.64 -9.76 -6.39
N GLU A 37 -5.65 -10.61 -6.38
CA GLU A 37 -5.87 -11.56 -7.47
C GLU A 37 -6.82 -10.98 -8.52
N LYS A 38 -7.71 -10.10 -8.08
CA LYS A 38 -8.67 -9.48 -8.99
C LYS A 38 -8.11 -8.20 -9.60
N HIS A 39 -7.29 -7.48 -8.83
CA HIS A 39 -6.69 -6.24 -9.30
C HIS A 39 -5.23 -6.45 -9.69
N PHE A 40 -4.38 -6.60 -8.69
CA PHE A 40 -2.95 -6.81 -8.93
C PHE A 40 -2.70 -7.96 -9.89
N PRO A 41 -2.30 -7.65 -11.14
CA PRO A 41 -2.04 -8.67 -12.16
C PRO A 41 -0.98 -9.68 -11.71
N LEU A 42 -0.64 -10.61 -12.60
CA LEU A 42 0.36 -11.63 -12.29
C LEU A 42 1.33 -11.81 -13.46
N PRO A 43 2.62 -12.00 -13.17
CA PRO A 43 3.65 -12.19 -14.20
C PRO A 43 3.29 -13.31 -15.17
N SER A 44 3.31 -13.00 -16.46
CA SER A 44 2.98 -13.98 -17.49
C SER A 44 4.23 -14.72 -17.95
N SER A 45 5.29 -13.96 -18.23
CA SER A 45 6.55 -14.54 -18.67
C SER A 45 7.70 -13.56 -18.49
N ASN A 46 8.92 -14.05 -18.64
CA ASN A 46 10.10 -13.21 -18.49
C ASN A 46 10.18 -12.61 -17.09
N VAL A 47 10.80 -13.35 -16.18
CA VAL A 47 10.93 -12.89 -14.79
C VAL A 47 12.27 -13.34 -14.21
N SER A 48 12.77 -12.57 -13.24
CA SER A 48 14.04 -12.88 -12.59
C SER A 48 13.94 -12.65 -11.08
N VAL A 49 13.57 -11.44 -10.70
CA VAL A 49 13.45 -11.09 -9.29
C VAL A 49 12.03 -11.36 -8.78
N LYS A 50 11.94 -12.16 -7.71
CA LYS A 50 10.65 -12.49 -7.13
C LYS A 50 9.98 -11.26 -6.54
N GLY A 51 10.79 -10.33 -6.04
CA GLY A 51 10.26 -9.11 -5.44
C GLY A 51 9.95 -8.06 -6.48
N VAL A 52 8.71 -7.58 -6.50
CA VAL A 52 8.29 -6.56 -7.45
C VAL A 52 8.42 -5.16 -6.85
N LEU A 53 8.46 -4.16 -7.71
CA LEU A 53 8.59 -2.77 -7.25
C LEU A 53 7.36 -1.96 -7.64
N LEU A 54 6.65 -1.48 -6.63
CA LEU A 54 5.44 -0.68 -6.85
C LEU A 54 5.68 0.79 -6.53
N ASN A 55 5.24 1.66 -7.42
CA ASN A 55 5.41 3.10 -7.22
C ASN A 55 4.11 3.75 -6.80
N PHE A 56 4.11 4.35 -5.61
CA PHE A 56 2.91 5.01 -5.08
C PHE A 56 3.15 6.51 -4.93
N GLU A 57 2.57 7.29 -5.83
CA GLU A 57 2.71 8.74 -5.80
C GLU A 57 2.13 9.32 -4.52
N ASP A 58 2.38 10.60 -4.28
CA ASP A 58 1.88 11.28 -3.10
C ASP A 58 1.23 12.61 -3.45
N VAL A 59 0.18 12.97 -2.72
CA VAL A 59 -0.54 14.22 -2.96
C VAL A 59 0.39 15.42 -2.82
N ASN A 60 1.52 15.23 -2.13
CA ASN A 60 2.48 16.31 -1.93
C ASN A 60 3.56 16.30 -3.01
N GLY A 61 3.19 15.86 -4.21
CA GLY A 61 4.15 15.81 -5.30
C GLY A 61 5.36 14.95 -4.98
N LYS A 62 5.12 13.71 -4.56
CA LYS A 62 6.21 12.80 -4.24
C LYS A 62 5.92 11.40 -4.75
N VAL A 63 6.95 10.56 -4.80
CA VAL A 63 6.81 9.19 -5.28
C VAL A 63 7.46 8.20 -4.32
N TRP A 64 6.71 7.19 -3.92
CA TRP A 64 7.22 6.18 -3.00
C TRP A 64 7.38 4.83 -3.71
N ARG A 65 8.55 4.23 -3.56
CA ARG A 65 8.83 2.94 -4.18
C ARG A 65 8.93 1.84 -3.14
N PHE A 66 7.80 1.17 -2.89
CA PHE A 66 7.75 0.09 -1.91
C PHE A 66 8.05 -1.26 -2.57
N ARG A 67 8.64 -2.16 -1.80
CA ARG A 67 8.97 -3.49 -2.31
C ARG A 67 7.84 -4.47 -2.06
N TYR A 68 7.32 -5.05 -3.13
CA TYR A 68 6.22 -6.02 -3.03
C TYR A 68 6.74 -7.40 -2.71
N SER A 69 6.55 -7.84 -1.46
CA SER A 69 7.00 -9.15 -1.03
C SER A 69 5.83 -10.13 -0.96
N TYR A 70 6.13 -11.41 -1.17
CA TYR A 70 5.10 -12.45 -1.14
C TYR A 70 5.14 -13.21 0.19
N TRP A 71 4.04 -13.16 0.93
CA TRP A 71 3.95 -13.85 2.22
C TRP A 71 3.01 -15.05 2.13
N ASN A 72 3.29 -16.06 2.94
CA ASN A 72 2.48 -17.28 2.97
C ASN A 72 2.60 -18.03 1.64
N SER A 73 3.80 -18.48 1.33
CA SER A 73 4.06 -19.21 0.09
C SER A 73 3.79 -18.32 -1.12
N SER A 74 2.52 -18.21 -1.50
CA SER A 74 2.13 -17.39 -2.64
C SER A 74 0.65 -17.03 -2.58
N GLN A 75 0.08 -17.06 -1.38
CA GLN A 75 -1.32 -16.73 -1.19
C GLN A 75 -1.53 -15.25 -0.91
N SER A 76 -0.90 -14.76 0.16
CA SER A 76 -1.03 -13.36 0.53
C SER A 76 0.12 -12.52 -0.02
N TYR A 77 0.01 -11.21 0.13
CA TYR A 77 1.03 -10.29 -0.36
C TYR A 77 1.36 -9.24 0.71
N VAL A 78 2.55 -8.68 0.63
CA VAL A 78 2.98 -7.68 1.60
C VAL A 78 3.84 -6.60 0.94
N LEU A 79 4.04 -5.50 1.64
CA LEU A 79 4.85 -4.40 1.13
C LEU A 79 5.93 -4.00 2.13
N THR A 80 7.07 -4.68 2.06
CA THR A 80 8.18 -4.40 2.96
C THR A 80 9.12 -3.35 2.37
N LYS A 81 10.00 -2.82 3.22
CA LYS A 81 10.94 -1.79 2.77
C LYS A 81 10.22 -0.53 2.32
N GLY A 82 10.59 0.60 2.90
CA GLY A 82 9.97 1.86 2.54
C GLY A 82 8.84 2.25 3.47
N TRP A 83 8.15 1.25 4.02
CA TRP A 83 7.05 1.49 4.93
C TRP A 83 7.52 2.25 6.17
N SER A 84 8.69 1.86 6.70
CA SER A 84 9.24 2.51 7.87
C SER A 84 9.48 3.99 7.61
N ARG A 85 10.18 4.30 6.52
CA ARG A 85 10.48 5.68 6.16
C ARG A 85 9.20 6.49 6.01
N PHE A 86 8.17 5.87 5.43
CA PHE A 86 6.89 6.54 5.23
C PHE A 86 6.17 6.78 6.55
N VAL A 87 5.98 5.71 7.32
CA VAL A 87 5.31 5.80 8.61
C VAL A 87 5.99 6.82 9.52
N LYS A 88 7.30 6.97 9.35
CA LYS A 88 8.08 7.92 10.15
C LYS A 88 7.92 9.34 9.62
N GLU A 89 7.92 9.48 8.30
CA GLU A 89 7.79 10.79 7.67
C GLU A 89 6.48 11.46 8.08
N LYS A 90 5.37 10.73 7.93
CA LYS A 90 4.07 11.25 8.28
C LYS A 90 3.64 10.80 9.68
N ASN A 91 4.52 10.06 10.36
CA ASN A 91 4.23 9.58 11.71
C ASN A 91 2.94 8.75 11.74
N LEU A 92 2.76 7.92 10.71
CA LEU A 92 1.58 7.07 10.61
C LEU A 92 1.44 6.17 11.84
N ARG A 93 0.31 6.28 12.52
CA ARG A 93 0.06 5.47 13.71
C ARG A 93 -1.14 4.54 13.49
N ALA A 94 -1.44 3.74 14.51
CA ALA A 94 -2.57 2.80 14.43
C ALA A 94 -3.90 3.54 14.45
N GLY A 95 -4.92 2.93 13.88
CA GLY A 95 -6.24 3.55 13.84
C GLY A 95 -6.50 4.29 12.55
N ASP A 96 -5.45 4.51 11.76
CA ASP A 96 -5.59 5.21 10.50
C ASP A 96 -6.12 4.28 9.40
N VAL A 97 -6.28 4.81 8.20
CA VAL A 97 -6.78 4.04 7.07
C VAL A 97 -5.82 4.09 5.90
N VAL A 98 -5.48 2.92 5.36
CA VAL A 98 -4.56 2.85 4.22
C VAL A 98 -5.31 2.49 2.94
N SER A 99 -5.24 3.37 1.95
CA SER A 99 -5.91 3.14 0.67
C SER A 99 -4.89 3.07 -0.47
N PHE A 100 -5.31 2.48 -1.58
CA PHE A 100 -4.44 2.35 -2.74
C PHE A 100 -5.23 2.48 -4.04
N SER A 101 -4.80 3.39 -4.90
CA SER A 101 -5.47 3.62 -6.18
C SER A 101 -4.53 3.29 -7.35
N ARG A 102 -5.11 2.92 -8.47
CA ARG A 102 -4.33 2.59 -9.66
C ARG A 102 -4.93 3.22 -10.92
N SER A 103 -4.08 3.81 -11.75
CA SER A 103 -4.52 4.46 -12.97
C SER A 103 -4.40 3.52 -14.16
N ASN A 104 -5.39 3.55 -15.05
CA ASN A 104 -5.39 2.70 -16.23
C ASN A 104 -4.70 3.38 -17.41
N GLY A 105 -3.82 4.33 -17.13
CA GLY A 105 -3.12 5.03 -18.18
C GLY A 105 -2.05 4.18 -18.84
N GLN A 106 -1.18 4.81 -19.62
CA GLN A 106 -0.12 4.10 -20.31
C GLN A 106 0.98 3.68 -19.34
N ASP A 107 1.18 4.47 -18.30
CA ASP A 107 2.18 4.17 -17.29
C ASP A 107 1.54 3.73 -15.98
N GLN A 108 1.86 2.52 -15.54
CA GLN A 108 1.30 1.98 -14.30
C GLN A 108 1.76 2.81 -13.10
N GLN A 109 0.85 3.62 -12.56
CA GLN A 109 1.16 4.46 -11.42
C GLN A 109 0.11 4.29 -10.32
N LEU A 110 0.59 4.17 -9.09
CA LEU A 110 -0.30 3.99 -7.93
C LEU A 110 -0.29 5.22 -7.04
N TYR A 111 -1.11 5.20 -6.00
CA TYR A 111 -1.20 6.31 -5.06
C TYR A 111 -1.46 5.81 -3.64
N ILE A 112 -0.79 6.41 -2.67
CA ILE A 112 -0.94 6.03 -1.27
C ILE A 112 -1.67 7.12 -0.48
N GLY A 113 -2.80 6.76 0.11
CA GLY A 113 -3.57 7.72 0.88
C GLY A 113 -3.79 7.26 2.31
N TRP A 114 -3.52 8.14 3.27
CA TRP A 114 -3.68 7.82 4.68
C TRP A 114 -4.67 8.78 5.34
N LYS A 115 -5.38 8.29 6.34
CA LYS A 115 -6.36 9.10 7.06
C LYS A 115 -6.10 9.06 8.56
N SER A 116 -6.03 10.26 9.17
CA SER A 116 -5.77 10.36 10.60
C SER A 116 -7.07 10.24 11.39
N ARG A 117 -6.95 10.19 12.71
CA ARG A 117 -8.12 10.07 13.58
C ARG A 117 -8.77 11.42 13.81
N SER A 118 -10.05 11.53 13.48
CA SER A 118 -10.79 12.77 13.66
C SER A 118 -12.14 12.52 14.31
N GLY A 119 -12.92 11.63 13.70
CA GLY A 119 -14.23 11.31 14.24
C GLY A 119 -14.18 10.28 15.36
N SER A 120 -14.97 10.50 16.41
CA SER A 120 -14.99 9.59 17.53
C SER A 120 -15.93 8.42 17.26
N ASP A 121 -17.16 8.73 16.88
CA ASP A 121 -18.16 7.71 16.58
C ASP A 121 -18.11 7.31 15.12
N LEU A 122 -18.44 8.25 14.24
CA LEU A 122 -18.43 7.99 12.81
C LEU A 122 -17.00 7.89 12.28
N ASP A 123 -16.63 6.70 11.81
CA ASP A 123 -15.29 6.47 11.29
C ASP A 123 -15.04 7.35 10.06
N ALA A 124 -13.80 7.81 9.92
CA ALA A 124 -13.42 8.66 8.79
C ALA A 124 -12.90 7.82 7.63
N ARG A 8 -11.48 12.45 -14.78
CA ARG A 8 -10.77 11.25 -15.30
C ARG A 8 -9.56 10.91 -14.42
N SER A 9 -9.75 11.02 -13.11
CA SER A 9 -8.66 10.72 -12.17
C SER A 9 -8.54 9.21 -11.95
N ALA A 10 -7.61 8.83 -11.08
CA ALA A 10 -7.39 7.42 -10.78
C ALA A 10 -8.44 6.89 -9.81
N GLU A 11 -8.83 5.63 -9.99
CA GLU A 11 -9.82 5.01 -9.13
C GLU A 11 -9.15 4.22 -8.00
N ALA A 12 -9.77 4.24 -6.83
CA ALA A 12 -9.24 3.52 -5.68
C ALA A 12 -9.53 2.03 -5.78
N LEU A 13 -8.53 1.21 -5.46
CA LEU A 13 -8.68 -0.23 -5.52
C LEU A 13 -9.35 -0.77 -4.26
N PHE A 14 -8.72 -0.50 -3.11
CA PHE A 14 -9.27 -0.95 -1.83
C PHE A 14 -8.68 -0.14 -0.69
N GLU A 15 -9.51 0.16 0.31
CA GLU A 15 -9.07 0.92 1.47
C GLU A 15 -9.07 0.06 2.73
N LYS A 16 -7.89 -0.41 3.11
CA LYS A 16 -7.76 -1.26 4.30
C LYS A 16 -7.35 -0.43 5.51
N ALA A 17 -7.76 -0.87 6.69
CA ALA A 17 -7.44 -0.17 7.93
C ALA A 17 -6.23 -0.79 8.61
N VAL A 18 -5.31 0.07 9.07
CA VAL A 18 -4.10 -0.39 9.73
C VAL A 18 -4.38 -0.76 11.20
N THR A 19 -3.97 -1.96 11.57
CA THR A 19 -4.17 -2.44 12.94
C THR A 19 -2.89 -2.31 13.75
N PRO A 20 -3.01 -2.10 15.08
CA PRO A 20 -1.85 -1.95 15.97
C PRO A 20 -0.90 -3.14 15.88
N SER A 21 -0.05 -3.11 14.86
CA SER A 21 0.92 -4.18 14.63
C SER A 21 1.63 -3.99 13.30
N ASP A 22 0.88 -3.51 12.31
CA ASP A 22 1.42 -3.28 10.98
C ASP A 22 2.51 -2.20 11.01
N VAL A 23 2.38 -1.27 11.96
CA VAL A 23 3.35 -0.19 12.10
C VAL A 23 4.10 -0.30 13.42
N GLY A 24 4.31 -1.53 13.88
CA GLY A 24 5.02 -1.75 15.12
C GLY A 24 6.42 -2.27 14.91
N LYS A 25 6.75 -3.39 15.57
CA LYS A 25 8.07 -3.99 15.45
C LYS A 25 8.16 -4.87 14.20
N LEU A 26 7.02 -5.43 13.79
CA LEU A 26 6.98 -6.29 12.61
C LEU A 26 7.50 -5.56 11.38
N ASN A 27 7.08 -4.31 11.21
CA ASN A 27 7.50 -3.50 10.07
C ASN A 27 7.15 -4.19 8.76
N ARG A 28 5.87 -4.14 8.39
CA ARG A 28 5.40 -4.75 7.16
C ARG A 28 3.90 -4.53 6.97
N LEU A 29 3.54 -4.01 5.80
CA LEU A 29 2.13 -3.74 5.50
C LEU A 29 1.43 -5.01 5.00
N VAL A 30 0.17 -5.17 5.36
CA VAL A 30 -0.59 -6.34 4.95
C VAL A 30 -1.63 -5.97 3.89
N ILE A 31 -1.95 -6.93 3.02
CA ILE A 31 -2.94 -6.70 1.97
C ILE A 31 -3.69 -7.98 1.64
N PRO A 32 -5.03 -7.91 1.56
CA PRO A 32 -5.88 -9.08 1.25
C PRO A 32 -5.44 -9.78 -0.02
N LYS A 33 -5.80 -11.05 -0.16
CA LYS A 33 -5.46 -11.83 -1.34
C LYS A 33 -6.53 -11.71 -2.42
N HIS A 34 -7.79 -11.78 -2.02
CA HIS A 34 -8.89 -11.68 -2.96
C HIS A 34 -8.89 -10.33 -3.67
N HIS A 35 -8.30 -9.33 -3.03
CA HIS A 35 -8.24 -7.99 -3.60
C HIS A 35 -6.99 -7.82 -4.46
N ALA A 36 -5.88 -8.39 -4.00
CA ALA A 36 -4.62 -8.31 -4.73
C ALA A 36 -4.68 -9.09 -6.04
N GLU A 37 -5.52 -10.11 -6.07
CA GLU A 37 -5.68 -10.94 -7.26
C GLU A 37 -6.58 -10.26 -8.29
N LYS A 38 -7.55 -9.49 -7.79
CA LYS A 38 -8.49 -8.79 -8.67
C LYS A 38 -7.86 -7.52 -9.24
N HIS A 39 -7.16 -6.78 -8.39
CA HIS A 39 -6.51 -5.54 -8.80
C HIS A 39 -5.07 -5.80 -9.23
N PHE A 40 -4.19 -6.01 -8.26
CA PHE A 40 -2.78 -6.27 -8.52
C PHE A 40 -2.61 -7.52 -9.38
N PRO A 41 -1.48 -7.62 -10.10
CA PRO A 41 -1.20 -8.77 -10.97
C PRO A 41 -1.01 -10.06 -10.18
N LEU A 42 -0.80 -11.17 -10.89
CA LEU A 42 -0.61 -12.47 -10.25
C LEU A 42 0.83 -12.94 -10.41
N PRO A 43 1.65 -12.80 -9.36
CA PRO A 43 3.05 -13.23 -9.39
C PRO A 43 3.22 -14.68 -9.85
N SER A 44 2.15 -15.47 -9.67
CA SER A 44 2.17 -16.87 -10.07
C SER A 44 3.04 -17.68 -9.11
N SER A 45 2.95 -19.00 -9.22
CA SER A 45 3.73 -19.90 -8.36
C SER A 45 4.76 -20.67 -9.17
N ASN A 46 4.40 -21.04 -10.40
CA ASN A 46 5.30 -21.78 -11.27
C ASN A 46 6.60 -21.01 -11.50
N VAL A 47 6.47 -19.71 -11.74
CA VAL A 47 7.63 -18.86 -11.97
C VAL A 47 7.39 -17.44 -11.48
N SER A 48 8.39 -16.87 -10.81
CA SER A 48 8.28 -15.52 -10.28
C SER A 48 9.66 -14.89 -10.12
N VAL A 49 9.69 -13.57 -9.92
CA VAL A 49 10.93 -12.85 -9.75
C VAL A 49 11.40 -12.87 -8.30
N LYS A 50 12.68 -12.60 -8.08
CA LYS A 50 13.25 -12.60 -6.74
C LYS A 50 12.86 -11.33 -5.97
N GLY A 51 12.21 -10.39 -6.66
CA GLY A 51 11.81 -9.16 -6.01
C GLY A 51 11.11 -8.20 -6.98
N VAL A 52 10.05 -7.56 -6.51
CA VAL A 52 9.30 -6.62 -7.32
C VAL A 52 9.30 -5.23 -6.70
N LEU A 53 8.98 -4.22 -7.50
CA LEU A 53 8.96 -2.85 -7.02
C LEU A 53 7.65 -2.16 -7.41
N LEU A 54 7.12 -1.35 -6.51
CA LEU A 54 5.86 -0.63 -6.77
C LEU A 54 6.05 0.87 -6.55
N ASN A 55 5.69 1.65 -7.57
CA ASN A 55 5.82 3.11 -7.48
C ASN A 55 4.51 3.74 -6.99
N PHE A 56 4.55 4.26 -5.77
CA PHE A 56 3.37 4.89 -5.18
C PHE A 56 3.54 6.40 -5.12
N GLU A 57 2.83 7.10 -6.01
CA GLU A 57 2.90 8.56 -6.06
C GLU A 57 2.04 9.18 -4.96
N ASP A 58 2.45 10.35 -4.48
CA ASP A 58 1.71 11.05 -3.45
C ASP A 58 1.03 12.29 -4.00
N VAL A 59 -0.22 12.50 -3.59
CA VAL A 59 -0.99 13.65 -4.05
C VAL A 59 -0.37 14.97 -3.58
N ASN A 60 0.52 14.88 -2.59
CA ASN A 60 1.18 16.07 -2.06
C ASN A 60 2.53 16.30 -2.73
N GLY A 61 2.61 15.98 -4.03
CA GLY A 61 3.85 16.16 -4.76
C GLY A 61 5.00 15.38 -4.15
N LYS A 62 4.84 14.07 -4.03
CA LYS A 62 5.88 13.22 -3.47
C LYS A 62 5.85 11.83 -4.09
N VAL A 63 6.88 11.04 -3.81
CA VAL A 63 6.98 9.69 -4.35
C VAL A 63 7.17 8.66 -3.23
N TRP A 64 6.78 7.43 -3.50
CA TRP A 64 6.91 6.35 -2.52
C TRP A 64 7.14 5.01 -3.21
N ARG A 65 8.37 4.51 -3.11
CA ARG A 65 8.73 3.24 -3.74
C ARG A 65 8.79 2.13 -2.68
N PHE A 66 7.81 1.24 -2.72
CA PHE A 66 7.75 0.12 -1.77
C PHE A 66 8.13 -1.19 -2.46
N ARG A 67 8.57 -2.16 -1.67
CA ARG A 67 8.95 -3.46 -2.21
C ARG A 67 7.84 -4.48 -1.99
N TYR A 68 7.44 -5.15 -3.08
CA TYR A 68 6.39 -6.15 -3.01
C TYR A 68 6.94 -7.47 -2.50
N SER A 69 6.38 -7.93 -1.37
CA SER A 69 6.81 -9.20 -0.78
C SER A 69 5.64 -10.17 -0.67
N TYR A 70 5.87 -11.41 -1.09
CA TYR A 70 4.83 -12.43 -1.04
C TYR A 70 5.07 -13.38 0.15
N TRP A 71 4.27 -13.20 1.20
CA TRP A 71 4.39 -14.02 2.39
C TRP A 71 3.49 -15.25 2.30
N ASN A 72 3.92 -16.34 2.92
CA ASN A 72 3.18 -17.59 2.91
C ASN A 72 3.09 -18.16 1.50
N SER A 73 4.24 -18.29 0.85
CA SER A 73 4.30 -18.82 -0.51
C SER A 73 3.59 -17.88 -1.49
N SER A 74 2.26 -17.96 -1.50
CA SER A 74 1.46 -17.12 -2.39
C SER A 74 0.09 -16.85 -1.77
N GLN A 75 0.05 -16.77 -0.45
CA GLN A 75 -1.20 -16.53 0.27
C GLN A 75 -1.45 -15.04 0.48
N SER A 76 -0.74 -14.45 1.43
CA SER A 76 -0.91 -13.03 1.75
C SER A 76 0.09 -12.16 0.98
N TYR A 77 -0.29 -10.91 0.73
CA TYR A 77 0.56 -9.97 0.02
C TYR A 77 0.99 -8.83 0.94
N VAL A 78 2.26 -8.86 1.34
CA VAL A 78 2.80 -7.83 2.23
C VAL A 78 3.69 -6.85 1.47
N LEU A 79 3.77 -5.62 1.98
CA LEU A 79 4.59 -4.59 1.35
C LEU A 79 5.75 -4.19 2.26
N THR A 80 6.88 -4.87 2.10
CA THR A 80 8.06 -4.59 2.92
C THR A 80 8.94 -3.53 2.25
N LYS A 81 9.92 -3.03 3.00
CA LYS A 81 10.85 -2.02 2.49
C LYS A 81 10.11 -0.75 2.10
N GLY A 82 10.55 0.37 2.64
CA GLY A 82 9.93 1.65 2.33
C GLY A 82 8.87 2.05 3.35
N TRP A 83 8.27 1.05 3.99
CA TRP A 83 7.23 1.30 5.00
C TRP A 83 7.76 2.20 6.11
N SER A 84 8.97 1.92 6.56
CA SER A 84 9.59 2.71 7.63
C SER A 84 9.76 4.16 7.20
N ARG A 85 10.33 4.37 6.01
CA ARG A 85 10.55 5.71 5.49
C ARG A 85 9.23 6.46 5.35
N PHE A 86 8.17 5.73 4.99
CA PHE A 86 6.86 6.34 4.81
C PHE A 86 6.19 6.58 6.16
N VAL A 87 6.02 5.52 6.93
CA VAL A 87 5.38 5.62 8.25
C VAL A 87 6.09 6.66 9.12
N LYS A 88 7.40 6.80 8.91
CA LYS A 88 8.19 7.76 9.68
C LYS A 88 8.02 9.17 9.11
N GLU A 89 8.02 9.27 7.79
CA GLU A 89 7.86 10.56 7.13
C GLU A 89 6.54 11.22 7.49
N LYS A 90 5.45 10.47 7.32
CA LYS A 90 4.12 10.98 7.64
C LYS A 90 3.70 10.60 9.05
N ASN A 91 4.59 9.94 9.80
CA ASN A 91 4.30 9.52 11.16
C ASN A 91 3.05 8.65 11.20
N LEU A 92 2.92 7.76 10.21
CA LEU A 92 1.77 6.87 10.15
C LEU A 92 1.68 5.99 11.40
N ARG A 93 0.47 5.85 11.93
CA ARG A 93 0.25 5.05 13.12
C ARG A 93 -1.02 4.21 12.99
N ALA A 94 -1.30 3.41 14.01
CA ALA A 94 -2.49 2.57 14.01
C ALA A 94 -3.76 3.40 14.14
N GLY A 95 -4.90 2.75 13.94
CA GLY A 95 -6.17 3.45 14.04
C GLY A 95 -6.45 4.33 12.84
N ASP A 96 -5.73 4.10 11.74
CA ASP A 96 -5.90 4.88 10.53
C ASP A 96 -6.31 3.98 9.37
N VAL A 97 -6.45 4.58 8.18
CA VAL A 97 -6.83 3.82 6.99
C VAL A 97 -5.81 4.00 5.88
N VAL A 98 -5.39 2.89 5.29
CA VAL A 98 -4.41 2.93 4.20
C VAL A 98 -5.08 2.64 2.86
N SER A 99 -5.44 3.71 2.15
CA SER A 99 -6.09 3.57 0.85
C SER A 99 -5.06 3.34 -0.25
N PHE A 100 -5.47 2.66 -1.31
CA PHE A 100 -4.58 2.38 -2.44
C PHE A 100 -5.34 2.46 -3.75
N SER A 101 -4.90 3.37 -4.63
CA SER A 101 -5.53 3.55 -5.92
C SER A 101 -4.55 3.27 -7.06
N ARG A 102 -5.00 3.46 -8.29
CA ARG A 102 -4.16 3.23 -9.46
C ARG A 102 -4.66 4.04 -10.66
N SER A 103 -3.79 4.20 -11.65
CA SER A 103 -4.14 4.96 -12.85
C SER A 103 -4.89 4.08 -13.85
N ASN A 104 -6.05 4.54 -14.30
CA ASN A 104 -6.86 3.80 -15.26
C ASN A 104 -6.47 4.16 -16.69
N GLY A 105 -5.18 4.08 -17.00
CA GLY A 105 -4.71 4.40 -18.32
C GLY A 105 -3.80 3.33 -18.89
N GLN A 106 -2.60 3.74 -19.32
CA GLN A 106 -1.64 2.81 -19.90
C GLN A 106 -0.43 2.64 -18.97
N ASP A 107 -0.06 3.71 -18.29
CA ASP A 107 1.07 3.69 -17.37
C ASP A 107 0.68 3.04 -16.05
N GLN A 108 1.42 2.00 -15.67
CA GLN A 108 1.14 1.29 -14.42
C GLN A 108 1.62 2.09 -13.21
N GLN A 109 0.99 3.25 -13.00
CA GLN A 109 1.35 4.11 -11.88
C GLN A 109 0.44 3.87 -10.70
N LEU A 110 1.03 3.70 -9.52
CA LEU A 110 0.26 3.45 -8.30
C LEU A 110 0.19 4.71 -7.45
N TYR A 111 -0.76 4.73 -6.52
CA TYR A 111 -0.93 5.88 -5.63
C TYR A 111 -1.29 5.44 -4.22
N ILE A 112 -0.87 6.21 -3.23
CA ILE A 112 -1.14 5.90 -1.84
C ILE A 112 -1.94 7.02 -1.16
N GLY A 113 -2.64 6.67 -0.10
CA GLY A 113 -3.44 7.65 0.63
C GLY A 113 -3.84 7.18 2.01
N TRP A 114 -3.66 8.06 3.00
CA TRP A 114 -4.00 7.73 4.37
C TRP A 114 -5.19 8.56 4.86
N LYS A 115 -5.89 8.04 5.87
CA LYS A 115 -7.04 8.74 6.43
C LYS A 115 -7.01 8.71 7.95
N SER A 116 -6.81 9.87 8.55
CA SER A 116 -6.77 9.99 10.00
C SER A 116 -8.07 10.55 10.56
N ARG A 117 -8.70 9.79 11.44
CA ARG A 117 -9.96 10.21 12.05
C ARG A 117 -9.72 11.08 13.27
N SER A 118 -10.25 12.31 13.23
CA SER A 118 -10.10 13.24 14.33
C SER A 118 -11.18 13.03 15.39
N GLY A 119 -12.43 13.10 14.97
CA GLY A 119 -13.53 12.91 15.89
C GLY A 119 -14.85 12.71 15.17
N SER A 120 -15.80 12.07 15.85
CA SER A 120 -17.11 11.82 15.28
C SER A 120 -17.92 13.11 15.16
N ASP A 121 -18.87 13.14 14.23
CA ASP A 121 -19.70 14.31 14.02
C ASP A 121 -20.61 14.56 15.21
N LEU A 122 -20.94 13.49 15.94
CA LEU A 122 -21.81 13.59 17.11
C LEU A 122 -21.25 14.59 18.12
N ASP A 123 -20.24 14.15 18.88
CA ASP A 123 -19.62 15.00 19.88
C ASP A 123 -19.00 16.24 19.24
N ALA A 124 -18.33 16.03 18.10
CA ALA A 124 -17.69 17.13 17.38
C ALA A 124 -18.55 17.59 16.22
N ARG A 8 -6.16 14.14 -12.76
CA ARG A 8 -5.84 12.70 -12.52
C ARG A 8 -6.71 12.12 -11.42
N SER A 9 -7.63 11.25 -11.82
CA SER A 9 -8.53 10.61 -10.86
C SER A 9 -8.38 9.09 -10.88
N ALA A 10 -7.55 8.58 -9.97
CA ALA A 10 -7.30 7.15 -9.87
C ALA A 10 -8.48 6.43 -9.23
N GLU A 11 -8.66 5.17 -9.58
CA GLU A 11 -9.75 4.36 -9.03
C GLU A 11 -9.27 3.57 -7.82
N ALA A 12 -9.94 3.78 -6.69
CA ALA A 12 -9.59 3.08 -5.45
C ALA A 12 -9.83 1.57 -5.59
N LEU A 13 -8.77 0.80 -5.40
CA LEU A 13 -8.86 -0.65 -5.50
C LEU A 13 -9.43 -1.26 -4.22
N PHE A 14 -8.88 -0.84 -3.09
CA PHE A 14 -9.33 -1.33 -1.79
C PHE A 14 -8.92 -0.39 -0.67
N GLU A 15 -9.72 -0.34 0.38
CA GLU A 15 -9.45 0.52 1.53
C GLU A 15 -9.51 -0.26 2.83
N LYS A 16 -8.33 -0.66 3.33
CA LYS A 16 -8.26 -1.42 4.57
C LYS A 16 -7.79 -0.53 5.72
N ALA A 17 -8.08 -0.95 6.94
CA ALA A 17 -7.69 -0.21 8.12
C ALA A 17 -6.36 -0.71 8.68
N VAL A 18 -5.47 0.21 8.99
CA VAL A 18 -4.17 -0.14 9.55
C VAL A 18 -4.23 -0.30 11.06
N THR A 19 -3.58 -1.33 11.57
CA THR A 19 -3.55 -1.59 13.01
C THR A 19 -2.17 -1.36 13.59
N PRO A 20 -2.05 -1.30 14.93
CA PRO A 20 -0.76 -1.08 15.60
C PRO A 20 0.30 -2.07 15.14
N SER A 21 -0.12 -3.25 14.71
CA SER A 21 0.79 -4.27 14.24
C SER A 21 1.40 -3.88 12.89
N ASP A 22 0.60 -3.24 12.04
CA ASP A 22 1.05 -2.82 10.72
C ASP A 22 2.10 -1.71 10.84
N VAL A 23 2.04 -0.96 11.94
CA VAL A 23 2.98 0.13 12.16
C VAL A 23 3.89 -0.16 13.36
N GLY A 24 4.16 -1.45 13.58
CA GLY A 24 5.02 -1.83 14.69
C GLY A 24 6.49 -1.58 14.41
N LYS A 25 7.35 -2.32 15.10
CA LYS A 25 8.79 -2.17 14.91
C LYS A 25 9.23 -2.70 13.55
N LEU A 26 8.51 -3.71 13.06
CA LEU A 26 8.83 -4.30 11.76
C LEU A 26 8.51 -3.33 10.63
N ASN A 27 7.39 -2.63 10.76
CA ASN A 27 6.98 -1.67 9.75
C ASN A 27 6.74 -2.35 8.41
N ARG A 28 5.59 -3.00 8.27
CA ARG A 28 5.26 -3.70 7.04
C ARG A 28 3.77 -3.55 6.71
N LEU A 29 3.46 -3.42 5.43
CA LEU A 29 2.08 -3.26 4.99
C LEU A 29 1.53 -4.57 4.44
N VAL A 30 0.39 -5.00 4.97
CA VAL A 30 -0.24 -6.23 4.53
C VAL A 30 -1.37 -5.96 3.54
N ILE A 31 -1.52 -6.84 2.56
CA ILE A 31 -2.56 -6.68 1.55
C ILE A 31 -3.26 -8.02 1.26
N PRO A 32 -4.59 -8.06 1.32
CA PRO A 32 -5.36 -9.29 1.06
C PRO A 32 -4.99 -9.92 -0.28
N LYS A 33 -5.49 -11.13 -0.51
CA LYS A 33 -5.22 -11.85 -1.75
C LYS A 33 -6.26 -11.54 -2.80
N HIS A 34 -7.52 -11.47 -2.39
CA HIS A 34 -8.62 -11.19 -3.30
C HIS A 34 -8.44 -9.83 -3.98
N HIS A 35 -7.73 -8.93 -3.30
CA HIS A 35 -7.48 -7.59 -3.84
C HIS A 35 -6.16 -7.56 -4.62
N ALA A 36 -5.21 -8.38 -4.19
CA ALA A 36 -3.91 -8.45 -4.85
C ALA A 36 -3.97 -9.32 -6.10
N GLU A 37 -5.10 -9.99 -6.33
CA GLU A 37 -5.26 -10.84 -7.49
C GLU A 37 -6.31 -10.29 -8.45
N LYS A 38 -7.39 -9.75 -7.89
CA LYS A 38 -8.46 -9.18 -8.70
C LYS A 38 -8.05 -7.83 -9.29
N HIS A 39 -7.24 -7.09 -8.53
CA HIS A 39 -6.77 -5.78 -8.98
C HIS A 39 -5.32 -5.84 -9.44
N PHE A 40 -4.43 -6.19 -8.53
CA PHE A 40 -3.01 -6.29 -8.85
C PHE A 40 -2.74 -7.46 -9.80
N PRO A 41 -2.34 -7.15 -11.06
CA PRO A 41 -2.06 -8.19 -12.06
C PRO A 41 -1.02 -9.20 -11.57
N LEU A 42 -0.74 -10.19 -12.40
CA LEU A 42 0.24 -11.23 -12.06
C LEU A 42 1.12 -11.56 -13.26
N PRO A 43 2.25 -10.84 -13.42
CA PRO A 43 3.18 -11.07 -14.53
C PRO A 43 3.88 -12.42 -14.44
N SER A 44 4.35 -12.76 -13.24
CA SER A 44 5.04 -14.03 -13.02
C SER A 44 4.04 -15.15 -12.79
N SER A 45 3.92 -16.03 -13.79
CA SER A 45 3.00 -17.16 -13.70
C SER A 45 3.76 -18.48 -13.66
N ASN A 46 4.78 -18.59 -14.50
CA ASN A 46 5.60 -19.81 -14.57
C ASN A 46 7.08 -19.47 -14.62
N VAL A 47 7.45 -18.36 -13.98
CA VAL A 47 8.84 -17.92 -13.95
C VAL A 47 9.29 -17.62 -12.53
N SER A 48 10.59 -17.68 -12.30
CA SER A 48 11.16 -17.41 -10.99
C SER A 48 11.32 -15.91 -10.76
N VAL A 49 10.67 -15.41 -9.70
CA VAL A 49 10.74 -14.00 -9.37
C VAL A 49 11.03 -13.79 -7.88
N LYS A 50 11.97 -12.90 -7.58
CA LYS A 50 12.34 -12.61 -6.21
C LYS A 50 11.38 -11.59 -5.58
N GLY A 51 10.91 -10.67 -6.41
CA GLY A 51 9.99 -9.66 -5.92
C GLY A 51 9.89 -8.46 -6.86
N VAL A 52 8.68 -7.95 -7.02
CA VAL A 52 8.46 -6.80 -7.90
C VAL A 52 8.42 -5.50 -7.11
N LEU A 53 8.82 -4.41 -7.77
CA LEU A 53 8.83 -3.09 -7.13
C LEU A 53 7.67 -2.23 -7.62
N LEU A 54 6.90 -1.70 -6.68
CA LEU A 54 5.77 -0.85 -7.02
C LEU A 54 5.97 0.57 -6.47
N ASN A 55 5.81 1.55 -7.34
CA ASN A 55 5.96 2.95 -6.95
C ASN A 55 4.61 3.58 -6.63
N PHE A 56 4.54 4.27 -5.51
CA PHE A 56 3.30 4.93 -5.09
C PHE A 56 3.49 6.44 -5.00
N GLU A 57 2.64 7.19 -5.70
CA GLU A 57 2.72 8.65 -5.70
C GLU A 57 2.08 9.22 -4.44
N ASP A 58 2.38 10.48 -4.15
CA ASP A 58 1.85 11.15 -2.97
C ASP A 58 1.12 12.43 -3.37
N VAL A 59 -0.07 12.63 -2.80
CA VAL A 59 -0.86 13.82 -3.10
C VAL A 59 -0.11 15.10 -2.71
N ASN A 60 0.89 14.96 -1.84
CA ASN A 60 1.67 16.11 -1.40
C ASN A 60 2.93 16.27 -2.26
N GLY A 61 2.81 15.99 -3.54
CA GLY A 61 3.96 16.11 -4.44
C GLY A 61 5.16 15.33 -3.97
N LYS A 62 4.96 14.05 -3.66
CA LYS A 62 6.05 13.20 -3.19
C LYS A 62 5.94 11.81 -3.80
N VAL A 63 7.08 11.21 -4.12
CA VAL A 63 7.12 9.87 -4.70
C VAL A 63 7.65 8.85 -3.71
N TRP A 64 6.97 7.71 -3.63
CA TRP A 64 7.38 6.65 -2.72
C TRP A 64 7.63 5.35 -3.48
N ARG A 65 8.68 4.63 -3.10
CA ARG A 65 9.04 3.38 -3.74
C ARG A 65 9.02 2.22 -2.75
N PHE A 66 7.99 1.40 -2.82
CA PHE A 66 7.86 0.25 -1.93
C PHE A 66 8.24 -1.04 -2.64
N ARG A 67 8.47 -2.10 -1.85
CA ARG A 67 8.86 -3.38 -2.41
C ARG A 67 7.77 -4.44 -2.16
N TYR A 68 7.31 -5.07 -3.22
CA TYR A 68 6.28 -6.09 -3.13
C TYR A 68 6.88 -7.43 -2.69
N SER A 69 6.10 -8.21 -1.94
CA SER A 69 6.55 -9.50 -1.47
C SER A 69 5.38 -10.46 -1.27
N TYR A 70 5.70 -11.72 -0.97
CA TYR A 70 4.66 -12.73 -0.78
C TYR A 70 4.82 -13.38 0.60
N TRP A 71 3.80 -13.23 1.44
CA TRP A 71 3.82 -13.80 2.78
C TRP A 71 2.91 -15.03 2.87
N ASN A 72 3.17 -15.86 3.88
CA ASN A 72 2.39 -17.07 4.08
C ASN A 72 2.65 -18.07 2.95
N SER A 73 1.83 -19.11 2.87
CA SER A 73 1.98 -20.12 1.83
C SER A 73 1.55 -19.57 0.48
N SER A 74 2.21 -18.49 0.04
CA SER A 74 1.90 -17.86 -1.23
C SER A 74 0.43 -17.47 -1.30
N GLN A 75 -0.23 -17.38 -0.14
CA GLN A 75 -1.64 -17.01 -0.09
C GLN A 75 -1.83 -15.50 0.07
N SER A 76 -1.08 -14.89 0.99
CA SER A 76 -1.21 -13.46 1.24
C SER A 76 -0.03 -12.68 0.69
N TYR A 77 -0.27 -11.40 0.41
CA TYR A 77 0.77 -10.52 -0.12
C TYR A 77 1.17 -9.48 0.92
N VAL A 78 2.35 -8.88 0.74
CA VAL A 78 2.83 -7.87 1.67
C VAL A 78 3.75 -6.88 0.98
N LEU A 79 3.90 -5.70 1.58
CA LEU A 79 4.75 -4.65 1.04
C LEU A 79 5.85 -4.28 2.03
N THR A 80 6.98 -4.98 1.93
CA THR A 80 8.11 -4.72 2.82
C THR A 80 9.05 -3.68 2.23
N LYS A 81 9.90 -3.11 3.08
CA LYS A 81 10.85 -2.09 2.65
C LYS A 81 10.12 -0.85 2.13
N GLY A 82 10.48 0.31 2.69
CA GLY A 82 9.86 1.56 2.27
C GLY A 82 8.77 2.00 3.22
N TRP A 83 8.01 1.05 3.76
CA TRP A 83 6.93 1.35 4.69
C TRP A 83 7.46 2.08 5.92
N SER A 84 8.60 1.63 6.42
CA SER A 84 9.21 2.24 7.60
C SER A 84 9.52 3.72 7.35
N ARG A 85 10.20 3.98 6.24
CA ARG A 85 10.57 5.35 5.88
C ARG A 85 9.32 6.20 5.68
N PHE A 86 8.24 5.59 5.24
CA PHE A 86 6.99 6.29 5.00
C PHE A 86 6.27 6.57 6.31
N VAL A 87 6.01 5.51 7.08
CA VAL A 87 5.33 5.64 8.36
C VAL A 87 6.06 6.62 9.29
N LYS A 88 7.38 6.69 9.13
CA LYS A 88 8.19 7.59 9.94
C LYS A 88 8.12 9.02 9.43
N GLU A 89 8.13 9.16 8.11
CA GLU A 89 8.07 10.49 7.49
C GLU A 89 6.78 11.20 7.85
N LYS A 90 5.65 10.52 7.62
CA LYS A 90 4.34 11.09 7.92
C LYS A 90 3.92 10.78 9.36
N ASN A 91 4.76 10.06 10.09
CA ASN A 91 4.46 9.70 11.48
C ASN A 91 3.17 8.91 11.57
N LEU A 92 2.93 8.08 10.56
CA LEU A 92 1.73 7.25 10.52
C LEU A 92 1.67 6.31 11.74
N ARG A 93 0.46 6.10 12.25
CA ARG A 93 0.27 5.23 13.41
C ARG A 93 -0.96 4.35 13.23
N ALA A 94 -1.45 3.80 14.33
CA ALA A 94 -2.62 2.94 14.29
C ALA A 94 -3.91 3.76 14.38
N GLY A 95 -4.99 3.21 13.84
CA GLY A 95 -6.27 3.91 13.87
C GLY A 95 -6.57 4.61 12.56
N ASP A 96 -5.53 4.85 11.76
CA ASP A 96 -5.71 5.51 10.47
C ASP A 96 -6.21 4.54 9.41
N VAL A 97 -6.36 5.03 8.18
CA VAL A 97 -6.83 4.20 7.08
C VAL A 97 -5.85 4.24 5.91
N VAL A 98 -5.73 3.11 5.21
CA VAL A 98 -4.83 3.01 4.08
C VAL A 98 -5.58 2.56 2.82
N SER A 99 -5.81 3.50 1.92
CA SER A 99 -6.52 3.19 0.67
C SER A 99 -5.57 3.22 -0.51
N PHE A 100 -5.50 2.11 -1.23
CA PHE A 100 -4.61 2.01 -2.39
C PHE A 100 -5.40 2.12 -3.68
N SER A 101 -4.85 2.85 -4.65
CA SER A 101 -5.51 3.03 -5.94
C SER A 101 -4.48 3.08 -7.06
N ARG A 102 -4.94 2.84 -8.29
CA ARG A 102 -4.06 2.86 -9.45
C ARG A 102 -4.76 3.46 -10.66
N SER A 103 -4.02 4.23 -11.45
CA SER A 103 -4.57 4.87 -12.63
C SER A 103 -4.40 3.98 -13.86
N ASN A 104 -5.44 3.87 -14.68
CA ASN A 104 -5.41 3.05 -15.87
C ASN A 104 -4.94 3.85 -17.09
N GLY A 105 -4.13 4.88 -16.84
CA GLY A 105 -3.64 5.70 -17.92
C GLY A 105 -2.74 4.92 -18.88
N GLN A 106 -1.68 5.57 -19.35
CA GLN A 106 -0.75 4.94 -20.28
C GLN A 106 0.26 4.08 -19.52
N ASP A 107 0.63 4.53 -18.33
CA ASP A 107 1.60 3.80 -17.51
C ASP A 107 0.96 3.34 -16.20
N GLN A 108 1.33 2.15 -15.76
CA GLN A 108 0.80 1.59 -14.52
C GLN A 108 1.47 2.21 -13.30
N GLN A 109 0.75 3.08 -12.61
CA GLN A 109 1.28 3.75 -11.42
C GLN A 109 0.33 3.59 -10.24
N LEU A 110 0.89 3.26 -9.08
CA LEU A 110 0.09 3.09 -7.87
C LEU A 110 -0.11 4.41 -7.15
N TYR A 111 -0.79 4.37 -6.01
CA TYR A 111 -1.06 5.56 -5.22
C TYR A 111 -1.34 5.21 -3.77
N ILE A 112 -0.79 6.00 -2.85
CA ILE A 112 -0.98 5.77 -1.42
C ILE A 112 -1.66 6.95 -0.76
N GLY A 113 -2.89 6.72 -0.28
CA GLY A 113 -3.64 7.78 0.37
C GLY A 113 -4.15 7.37 1.74
N TRP A 114 -3.68 8.06 2.77
CA TRP A 114 -4.09 7.78 4.14
C TRP A 114 -5.26 8.65 4.55
N LYS A 115 -6.04 8.18 5.53
CA LYS A 115 -7.19 8.92 6.01
C LYS A 115 -7.22 8.93 7.54
N SER A 116 -7.17 10.12 8.12
CA SER A 116 -7.19 10.28 9.57
C SER A 116 -7.92 11.54 9.98
N ARG A 117 -8.35 11.61 11.24
CA ARG A 117 -9.05 12.77 11.76
C ARG A 117 -8.08 13.80 12.32
N SER A 118 -7.87 14.88 11.58
CA SER A 118 -6.97 15.94 12.01
C SER A 118 -7.74 17.22 12.33
N GLY A 119 -8.60 17.63 11.40
CA GLY A 119 -9.38 18.84 11.61
C GLY A 119 -10.56 18.93 10.65
N SER A 120 -11.72 18.47 11.10
CA SER A 120 -12.93 18.51 10.28
C SER A 120 -13.54 19.90 10.29
N ASP A 121 -13.46 20.58 11.43
CA ASP A 121 -14.01 21.91 11.57
C ASP A 121 -12.98 22.97 11.20
N LEU A 122 -11.70 22.66 11.43
CA LEU A 122 -10.61 23.58 11.13
C LEU A 122 -10.61 23.95 9.65
N ASP A 123 -10.36 22.95 8.81
CA ASP A 123 -10.33 23.16 7.36
C ASP A 123 -11.69 23.64 6.85
N ALA A 124 -11.67 24.67 6.01
CA ALA A 124 -12.89 25.23 5.45
C ALA A 124 -12.59 26.25 4.36
N ARG A 8 -10.01 13.93 -9.39
CA ARG A 8 -9.77 12.48 -9.20
C ARG A 8 -9.96 11.71 -10.50
N SER A 9 -8.88 11.58 -11.26
CA SER A 9 -8.94 10.87 -12.54
C SER A 9 -8.66 9.38 -12.35
N ALA A 10 -7.83 9.06 -11.36
CA ALA A 10 -7.48 7.68 -11.07
C ALA A 10 -8.66 6.94 -10.47
N GLU A 11 -8.44 5.68 -10.09
CA GLU A 11 -9.49 4.85 -9.50
C GLU A 11 -8.97 4.09 -8.28
N ALA A 12 -9.71 4.17 -7.18
CA ALA A 12 -9.32 3.49 -5.95
C ALA A 12 -9.41 1.98 -6.12
N LEU A 13 -8.42 1.26 -5.59
CA LEU A 13 -8.39 -0.19 -5.67
C LEU A 13 -9.13 -0.82 -4.49
N PHE A 14 -8.70 -0.47 -3.29
CA PHE A 14 -9.33 -1.00 -2.07
C PHE A 14 -9.01 -0.11 -0.87
N GLU A 15 -9.87 -0.18 0.14
CA GLU A 15 -9.69 0.62 1.35
C GLU A 15 -9.75 -0.26 2.59
N LYS A 16 -8.67 -0.25 3.37
CA LYS A 16 -8.59 -1.04 4.59
C LYS A 16 -7.95 -0.26 5.72
N ALA A 17 -8.30 -0.60 6.96
CA ALA A 17 -7.76 0.08 8.12
C ALA A 17 -6.37 -0.45 8.46
N VAL A 18 -5.54 0.43 9.03
CA VAL A 18 -4.19 0.04 9.41
C VAL A 18 -4.15 -0.57 10.81
N THR A 19 -4.11 -1.89 10.86
CA THR A 19 -4.07 -2.61 12.13
C THR A 19 -2.66 -2.55 12.74
N PRO A 20 -2.57 -2.62 14.08
CA PRO A 20 -1.29 -2.55 14.79
C PRO A 20 -0.22 -3.44 14.14
N SER A 21 -0.66 -4.52 13.48
CA SER A 21 0.26 -5.44 12.83
C SER A 21 0.93 -4.79 11.62
N ASP A 22 0.24 -3.82 11.02
CA ASP A 22 0.77 -3.11 9.86
C ASP A 22 1.92 -2.18 10.27
N VAL A 23 1.82 -1.63 11.47
CA VAL A 23 2.85 -0.72 11.98
C VAL A 23 3.50 -1.29 13.23
N GLY A 24 3.58 -2.61 13.31
CA GLY A 24 4.20 -3.25 14.46
C GLY A 24 5.71 -3.25 14.39
N LYS A 25 6.34 -4.20 15.07
CA LYS A 25 7.80 -4.30 15.07
C LYS A 25 8.33 -4.49 13.66
N LEU A 26 7.70 -5.40 12.91
CA LEU A 26 8.11 -5.68 11.55
C LEU A 26 8.06 -4.42 10.68
N ASN A 27 7.11 -3.53 10.99
CA ASN A 27 6.96 -2.28 10.25
C ASN A 27 6.75 -2.56 8.76
N ARG A 28 5.73 -3.36 8.45
CA ARG A 28 5.42 -3.71 7.07
C ARG A 28 3.92 -3.70 6.83
N LEU A 29 3.51 -3.40 5.60
CA LEU A 29 2.10 -3.37 5.24
C LEU A 29 1.58 -4.76 4.94
N VAL A 30 0.36 -5.04 5.39
CA VAL A 30 -0.25 -6.34 5.15
C VAL A 30 -1.41 -6.25 4.18
N ILE A 31 -1.58 -7.29 3.37
CA ILE A 31 -2.66 -7.32 2.38
C ILE A 31 -3.12 -8.75 2.11
N PRO A 32 -4.14 -9.23 2.85
CA PRO A 32 -4.67 -10.58 2.69
C PRO A 32 -4.97 -10.92 1.23
N LYS A 33 -5.37 -12.16 0.98
CA LYS A 33 -5.67 -12.60 -0.37
C LYS A 33 -7.14 -12.36 -0.72
N HIS A 34 -7.40 -11.33 -1.50
CA HIS A 34 -8.75 -10.98 -1.92
C HIS A 34 -8.74 -9.69 -2.76
N HIS A 35 -7.90 -8.74 -2.37
CA HIS A 35 -7.79 -7.48 -3.07
C HIS A 35 -6.52 -7.43 -3.92
N ALA A 36 -5.45 -8.06 -3.41
CA ALA A 36 -4.18 -8.09 -4.10
C ALA A 36 -4.29 -8.84 -5.43
N GLU A 37 -4.99 -9.97 -5.40
CA GLU A 37 -5.17 -10.78 -6.60
C GLU A 37 -6.29 -10.21 -7.48
N LYS A 38 -7.26 -9.56 -6.85
CA LYS A 38 -8.38 -8.97 -7.57
C LYS A 38 -7.97 -7.66 -8.25
N HIS A 39 -6.93 -7.02 -7.72
CA HIS A 39 -6.45 -5.76 -8.27
C HIS A 39 -5.03 -5.90 -8.80
N PHE A 40 -4.06 -5.94 -7.89
CA PHE A 40 -2.66 -6.06 -8.27
C PHE A 40 -2.42 -7.33 -9.10
N PRO A 41 -1.67 -7.20 -10.21
CA PRO A 41 -1.37 -8.34 -11.09
C PRO A 41 -0.23 -9.20 -10.55
N LEU A 42 0.28 -10.09 -11.39
CA LEU A 42 1.37 -10.98 -11.00
C LEU A 42 2.71 -10.25 -11.07
N PRO A 43 3.74 -10.80 -10.40
CA PRO A 43 5.07 -10.19 -10.39
C PRO A 43 5.60 -9.90 -11.79
N SER A 44 5.72 -8.61 -12.11
CA SER A 44 6.20 -8.19 -13.42
C SER A 44 7.60 -7.61 -13.32
N SER A 45 8.59 -8.38 -13.76
CA SER A 45 9.98 -7.92 -13.72
C SER A 45 10.68 -8.18 -15.06
N ASN A 46 10.91 -9.45 -15.36
CA ASN A 46 11.57 -9.82 -16.61
C ASN A 46 12.95 -9.19 -16.71
N VAL A 47 13.74 -9.32 -15.65
CA VAL A 47 15.09 -8.77 -15.62
C VAL A 47 16.11 -9.84 -15.28
N SER A 48 16.30 -10.11 -13.99
CA SER A 48 17.25 -11.13 -13.54
C SER A 48 16.93 -11.59 -12.13
N VAL A 49 16.88 -10.63 -11.19
CA VAL A 49 16.57 -10.95 -9.81
C VAL A 49 15.10 -10.78 -9.51
N LYS A 50 14.60 -11.56 -8.54
CA LYS A 50 13.19 -11.51 -8.17
C LYS A 50 12.88 -10.21 -7.43
N GLY A 51 11.69 -10.13 -6.83
CA GLY A 51 11.30 -8.95 -6.11
C GLY A 51 10.66 -7.90 -7.00
N VAL A 52 9.53 -7.36 -6.56
CA VAL A 52 8.81 -6.35 -7.33
C VAL A 52 8.84 -5.00 -6.61
N LEU A 53 8.65 -3.93 -7.38
CA LEU A 53 8.65 -2.58 -6.83
C LEU A 53 7.48 -1.77 -7.36
N LEU A 54 6.80 -1.07 -6.46
CA LEU A 54 5.65 -0.25 -6.84
C LEU A 54 5.95 1.22 -6.64
N ASN A 55 5.36 2.07 -7.49
CA ASN A 55 5.56 3.50 -7.40
C ASN A 55 4.26 4.23 -7.10
N PHE A 56 4.13 4.73 -5.88
CA PHE A 56 2.92 5.45 -5.46
C PHE A 56 3.20 6.94 -5.37
N GLU A 57 2.36 7.73 -6.04
CA GLU A 57 2.51 9.18 -6.03
C GLU A 57 1.90 9.78 -4.77
N ASP A 58 2.45 10.90 -4.33
CA ASP A 58 1.96 11.58 -3.12
C ASP A 58 1.37 12.93 -3.47
N VAL A 59 0.26 13.28 -2.82
CA VAL A 59 -0.41 14.55 -3.05
C VAL A 59 0.55 15.73 -2.91
N ASN A 60 1.62 15.53 -2.15
CA ASN A 60 2.61 16.59 -1.94
C ASN A 60 3.74 16.49 -2.96
N GLY A 61 3.43 15.98 -4.15
CA GLY A 61 4.43 15.85 -5.19
C GLY A 61 5.62 15.03 -4.75
N LYS A 62 5.36 13.85 -4.19
CA LYS A 62 6.41 12.96 -3.72
C LYS A 62 6.28 11.57 -4.34
N VAL A 63 7.43 10.93 -4.57
CA VAL A 63 7.44 9.59 -5.15
C VAL A 63 7.79 8.54 -4.10
N TRP A 64 6.94 7.52 -3.99
CA TRP A 64 7.16 6.46 -3.03
C TRP A 64 7.51 5.14 -3.73
N ARG A 65 8.37 4.35 -3.11
CA ARG A 65 8.79 3.08 -3.67
C ARG A 65 8.77 1.98 -2.61
N PHE A 66 7.88 1.02 -2.77
CA PHE A 66 7.75 -0.08 -1.82
C PHE A 66 8.06 -1.42 -2.49
N ARG A 67 8.55 -2.37 -1.70
CA ARG A 67 8.88 -3.69 -2.20
C ARG A 67 7.73 -4.67 -1.97
N TYR A 68 7.28 -5.32 -3.04
CA TYR A 68 6.19 -6.28 -2.96
C TYR A 68 6.67 -7.62 -2.43
N SER A 69 6.52 -7.83 -1.13
CA SER A 69 6.94 -9.07 -0.50
C SER A 69 5.82 -10.11 -0.54
N TYR A 70 6.19 -11.35 -0.82
CA TYR A 70 5.21 -12.44 -0.91
C TYR A 70 5.45 -13.46 0.21
N TRP A 71 4.53 -13.50 1.17
CA TRP A 71 4.65 -14.44 2.28
C TRP A 71 3.88 -15.73 1.99
N ASN A 72 4.52 -16.86 2.22
CA ASN A 72 3.91 -18.16 1.97
C ASN A 72 3.65 -18.38 0.49
N SER A 73 2.94 -19.46 0.17
CA SER A 73 2.64 -19.78 -1.23
C SER A 73 1.33 -19.13 -1.67
N SER A 74 1.45 -18.00 -2.35
CA SER A 74 0.28 -17.27 -2.85
C SER A 74 -0.73 -17.01 -1.73
N GLN A 75 -0.22 -16.86 -0.51
CA GLN A 75 -1.09 -16.62 0.64
C GLN A 75 -1.33 -15.13 0.89
N SER A 76 -0.42 -14.49 1.63
CA SER A 76 -0.56 -13.07 1.94
C SER A 76 0.38 -12.21 1.10
N TYR A 77 0.08 -10.91 1.07
CA TYR A 77 0.88 -9.95 0.32
C TYR A 77 1.22 -8.75 1.19
N VAL A 78 2.50 -8.48 1.36
CA VAL A 78 2.95 -7.36 2.19
C VAL A 78 3.88 -6.42 1.41
N LEU A 79 3.92 -5.17 1.84
CA LEU A 79 4.77 -4.17 1.19
C LEU A 79 5.81 -3.64 2.17
N THR A 80 6.96 -4.30 2.21
CA THR A 80 8.03 -3.90 3.12
C THR A 80 8.99 -2.90 2.44
N LYS A 81 10.08 -2.59 3.13
CA LYS A 81 11.09 -1.66 2.62
C LYS A 81 10.62 -0.21 2.70
N GLY A 82 9.66 0.15 1.87
CA GLY A 82 9.16 1.51 1.85
C GLY A 82 8.23 1.83 3.01
N TRP A 83 7.58 0.80 3.55
CA TRP A 83 6.66 1.00 4.67
C TRP A 83 7.33 1.72 5.84
N SER A 84 8.48 1.20 6.25
CA SER A 84 9.22 1.79 7.36
C SER A 84 9.48 3.27 7.14
N ARG A 85 9.91 3.62 5.93
CA ARG A 85 10.20 5.01 5.58
C ARG A 85 8.92 5.83 5.51
N PHE A 86 7.87 5.25 4.95
CA PHE A 86 6.59 5.94 4.82
C PHE A 86 5.94 6.17 6.19
N VAL A 87 5.75 5.08 6.94
CA VAL A 87 5.14 5.17 8.26
C VAL A 87 5.85 6.18 9.15
N LYS A 88 7.15 6.39 8.89
CA LYS A 88 7.93 7.33 9.67
C LYS A 88 7.80 8.75 9.12
N GLU A 89 7.80 8.87 7.80
CA GLU A 89 7.68 10.17 7.15
C GLU A 89 6.33 10.82 7.47
N LYS A 90 5.26 10.09 7.20
CA LYS A 90 3.92 10.59 7.46
C LYS A 90 3.48 10.33 8.91
N ASN A 91 4.37 9.73 9.69
CA ASN A 91 4.08 9.43 11.09
C ASN A 91 2.84 8.53 11.20
N LEU A 92 2.63 7.70 10.19
CA LEU A 92 1.50 6.78 10.17
C LEU A 92 1.52 5.85 11.39
N ARG A 93 0.34 5.62 11.97
CA ARG A 93 0.23 4.76 13.13
C ARG A 93 -1.08 3.98 13.10
N ALA A 94 -1.29 3.15 14.12
CA ALA A 94 -2.51 2.36 14.21
C ALA A 94 -3.73 3.24 14.43
N GLY A 95 -4.84 2.89 13.79
CA GLY A 95 -6.06 3.67 13.93
C GLY A 95 -6.49 4.32 12.63
N ASP A 96 -5.52 4.66 11.79
CA ASP A 96 -5.79 5.29 10.51
C ASP A 96 -6.21 4.25 9.47
N VAL A 97 -6.32 4.69 8.22
CA VAL A 97 -6.70 3.80 7.13
C VAL A 97 -5.78 3.97 5.93
N VAL A 98 -5.43 2.86 5.30
CA VAL A 98 -4.54 2.90 4.14
C VAL A 98 -5.31 2.57 2.86
N SER A 99 -5.49 3.58 2.02
CA SER A 99 -6.21 3.42 0.75
C SER A 99 -5.24 3.46 -0.43
N PHE A 100 -5.38 2.49 -1.33
CA PHE A 100 -4.52 2.43 -2.50
C PHE A 100 -5.33 2.57 -3.79
N SER A 101 -4.84 3.39 -4.70
CA SER A 101 -5.51 3.61 -5.97
C SER A 101 -4.65 3.13 -7.15
N ARG A 102 -5.16 3.31 -8.36
CA ARG A 102 -4.44 2.88 -9.55
C ARG A 102 -4.95 3.61 -10.79
N SER A 103 -4.04 3.98 -11.68
CA SER A 103 -4.40 4.69 -12.90
C SER A 103 -4.73 3.70 -14.01
N ASN A 104 -5.32 4.21 -15.10
CA ASN A 104 -5.69 3.37 -16.24
C ASN A 104 -4.54 3.28 -17.25
N GLY A 105 -3.44 2.65 -16.83
CA GLY A 105 -2.30 2.51 -17.70
C GLY A 105 -1.50 1.25 -17.41
N GLN A 106 -2.19 0.11 -17.42
CA GLN A 106 -1.56 -1.18 -17.16
C GLN A 106 -0.59 -1.11 -15.98
N ASP A 107 -1.02 -0.47 -14.91
CA ASP A 107 -0.20 -0.33 -13.71
C ASP A 107 1.06 0.50 -14.01
N GLN A 108 0.85 1.70 -14.51
CA GLN A 108 1.96 2.59 -14.84
C GLN A 108 2.33 3.46 -13.63
N GLN A 109 1.34 3.78 -12.81
CA GLN A 109 1.57 4.61 -11.63
C GLN A 109 0.44 4.43 -10.62
N LEU A 110 0.81 4.30 -9.34
CA LEU A 110 -0.17 4.14 -8.29
C LEU A 110 -0.28 5.39 -7.43
N TYR A 111 -1.12 5.33 -6.39
CA TYR A 111 -1.31 6.47 -5.50
C TYR A 111 -1.58 5.99 -4.08
N ILE A 112 -0.75 6.46 -3.14
CA ILE A 112 -0.90 6.09 -1.74
C ILE A 112 -1.59 7.19 -0.95
N GLY A 113 -2.57 6.81 -0.14
CA GLY A 113 -3.29 7.78 0.66
C GLY A 113 -3.66 7.25 2.04
N TRP A 114 -3.64 8.13 3.04
CA TRP A 114 -3.98 7.73 4.40
C TRP A 114 -5.12 8.58 4.95
N LYS A 115 -6.02 7.94 5.68
CA LYS A 115 -7.16 8.64 6.27
C LYS A 115 -6.96 8.83 7.77
N SER A 116 -7.22 10.06 8.24
CA SER A 116 -7.06 10.37 9.65
C SER A 116 -8.42 10.59 10.31
N ARG A 117 -8.56 10.10 11.54
CA ARG A 117 -9.81 10.23 12.28
C ARG A 117 -10.18 11.70 12.47
N SER A 118 -9.17 12.55 12.55
CA SER A 118 -9.39 13.98 12.73
C SER A 118 -8.97 14.76 11.49
N GLY A 119 -9.73 14.57 10.41
CA GLY A 119 -9.42 15.26 9.17
C GLY A 119 -10.50 15.07 8.12
N SER A 120 -11.05 13.87 8.04
CA SER A 120 -12.09 13.55 7.08
C SER A 120 -13.24 14.56 7.17
N ASP A 121 -13.49 15.05 8.38
CA ASP A 121 -14.56 16.01 8.62
C ASP A 121 -14.08 17.43 8.34
N LEU A 122 -12.77 17.65 8.47
CA LEU A 122 -12.19 18.97 8.23
C LEU A 122 -12.51 19.46 6.82
N ASP A 123 -12.64 20.78 6.67
CA ASP A 123 -12.94 21.37 5.38
C ASP A 123 -11.67 21.65 4.59
N ALA A 124 -11.81 21.74 3.27
CA ALA A 124 -10.66 22.00 2.39
C ALA A 124 -9.61 20.90 2.52
N ARG A 8 -3.61 14.01 -12.91
CA ARG A 8 -4.48 12.83 -13.19
C ARG A 8 -5.03 12.24 -11.90
N SER A 9 -6.35 12.03 -11.86
CA SER A 9 -7.00 11.48 -10.69
C SER A 9 -7.01 9.95 -10.75
N ALA A 10 -6.54 9.31 -9.68
CA ALA A 10 -6.50 7.86 -9.61
C ALA A 10 -7.78 7.30 -9.02
N GLU A 11 -8.00 6.01 -9.23
CA GLU A 11 -9.20 5.34 -8.72
C GLU A 11 -8.85 4.42 -7.55
N ALA A 12 -9.51 4.65 -6.42
CA ALA A 12 -9.27 3.84 -5.23
C ALA A 12 -9.57 2.37 -5.49
N LEU A 13 -8.58 1.52 -5.29
CA LEU A 13 -8.74 0.09 -5.50
C LEU A 13 -9.41 -0.57 -4.30
N PHE A 14 -8.82 -0.37 -3.12
CA PHE A 14 -9.36 -0.95 -1.89
C PHE A 14 -8.84 -0.20 -0.67
N GLU A 15 -9.59 -0.25 0.42
CA GLU A 15 -9.21 0.42 1.66
C GLU A 15 -9.26 -0.55 2.84
N LYS A 16 -8.13 -0.69 3.53
CA LYS A 16 -8.04 -1.59 4.68
C LYS A 16 -7.72 -0.81 5.95
N ALA A 17 -7.82 -1.48 7.09
CA ALA A 17 -7.55 -0.85 8.37
C ALA A 17 -6.16 -1.23 8.88
N VAL A 18 -5.32 -0.23 9.12
CA VAL A 18 -3.97 -0.46 9.61
C VAL A 18 -3.96 -0.72 11.11
N THR A 19 -3.69 -1.96 11.50
CA THR A 19 -3.66 -2.34 12.90
C THR A 19 -2.28 -2.07 13.50
N PRO A 20 -2.18 -2.06 14.84
CA PRO A 20 -0.91 -1.82 15.53
C PRO A 20 0.19 -2.76 15.08
N SER A 21 -0.20 -3.90 14.52
CA SER A 21 0.77 -4.89 14.04
C SER A 21 1.44 -4.40 12.76
N ASP A 22 0.65 -3.82 11.86
CA ASP A 22 1.17 -3.31 10.60
C ASP A 22 2.03 -2.07 10.82
N VAL A 23 1.85 -1.41 11.96
CA VAL A 23 2.61 -0.21 12.28
C VAL A 23 3.28 -0.32 13.64
N GLY A 24 3.54 -1.56 14.06
CA GLY A 24 4.18 -1.79 15.34
C GLY A 24 5.43 -2.64 15.24
N LYS A 25 5.29 -3.92 15.55
CA LYS A 25 6.41 -4.85 15.49
C LYS A 25 6.79 -5.17 14.05
N LEU A 26 5.79 -5.49 13.23
CA LEU A 26 6.02 -5.83 11.84
C LEU A 26 6.53 -4.62 11.07
N ASN A 27 5.91 -3.47 11.29
CA ASN A 27 6.32 -2.24 10.62
C ASN A 27 6.20 -2.39 9.11
N ARG A 28 5.26 -3.22 8.67
CA ARG A 28 5.05 -3.45 7.24
C ARG A 28 3.57 -3.39 6.90
N LEU A 29 3.26 -3.27 5.61
CA LEU A 29 1.88 -3.19 5.15
C LEU A 29 1.41 -4.54 4.61
N VAL A 30 0.22 -4.95 5.01
CA VAL A 30 -0.35 -6.22 4.55
C VAL A 30 -1.47 -6.00 3.54
N ILE A 31 -1.60 -6.94 2.61
CA ILE A 31 -2.64 -6.85 1.59
C ILE A 31 -3.22 -8.22 1.28
N PRO A 32 -4.49 -8.46 1.64
CA PRO A 32 -5.16 -9.75 1.39
C PRO A 32 -5.05 -10.19 -0.06
N LYS A 33 -5.52 -11.39 -0.34
CA LYS A 33 -5.48 -11.93 -1.70
C LYS A 33 -6.71 -11.52 -2.50
N HIS A 34 -7.84 -11.39 -1.80
CA HIS A 34 -9.09 -11.01 -2.44
C HIS A 34 -8.98 -9.63 -3.08
N HIS A 35 -8.08 -8.80 -2.55
CA HIS A 35 -7.88 -7.46 -3.06
C HIS A 35 -6.69 -7.39 -4.01
N ALA A 36 -5.71 -8.26 -3.78
CA ALA A 36 -4.51 -8.31 -4.60
C ALA A 36 -4.77 -9.04 -5.92
N GLU A 37 -5.17 -10.30 -5.83
CA GLU A 37 -5.45 -11.10 -7.02
C GLU A 37 -6.61 -10.52 -7.82
N LYS A 38 -7.51 -9.84 -7.12
CA LYS A 38 -8.67 -9.23 -7.76
C LYS A 38 -8.30 -7.93 -8.46
N HIS A 39 -7.30 -7.24 -7.92
CA HIS A 39 -6.85 -5.97 -8.49
C HIS A 39 -5.39 -6.05 -8.93
N PHE A 40 -4.48 -6.03 -7.96
CA PHE A 40 -3.05 -6.09 -8.24
C PHE A 40 -2.72 -7.30 -9.12
N PRO A 41 -2.40 -7.08 -10.41
CA PRO A 41 -2.06 -8.15 -11.34
C PRO A 41 -0.58 -8.48 -11.33
N LEU A 42 -0.02 -8.65 -10.14
CA LEU A 42 1.39 -8.98 -9.99
C LEU A 42 1.58 -10.31 -9.28
N PRO A 43 1.80 -11.39 -10.05
CA PRO A 43 2.00 -12.74 -9.49
C PRO A 43 3.13 -12.77 -8.47
N SER A 44 3.59 -13.98 -8.14
CA SER A 44 4.67 -14.15 -7.18
C SER A 44 5.62 -15.26 -7.62
N SER A 45 6.92 -14.96 -7.61
CA SER A 45 7.93 -15.93 -8.02
C SER A 45 9.26 -15.64 -7.33
N ASN A 46 9.91 -16.69 -6.84
CA ASN A 46 11.20 -16.54 -6.17
C ASN A 46 12.26 -17.39 -6.84
N VAL A 47 13.05 -16.77 -7.72
CA VAL A 47 14.11 -17.48 -8.43
C VAL A 47 15.48 -17.00 -7.99
N SER A 48 15.68 -15.69 -8.00
CA SER A 48 16.95 -15.09 -7.60
C SER A 48 16.77 -13.62 -7.25
N VAL A 49 16.47 -12.81 -8.26
CA VAL A 49 16.26 -11.38 -8.05
C VAL A 49 15.19 -10.83 -8.99
N LYS A 50 14.30 -11.71 -9.43
CA LYS A 50 13.22 -11.31 -10.34
C LYS A 50 11.98 -10.88 -9.57
N GLY A 51 12.19 -10.24 -8.42
CA GLY A 51 11.07 -9.79 -7.61
C GLY A 51 10.19 -8.80 -8.35
N VAL A 52 9.26 -8.18 -7.62
CA VAL A 52 8.36 -7.21 -8.21
C VAL A 52 8.21 -5.97 -7.33
N LEU A 53 8.63 -4.82 -7.86
CA LEU A 53 8.56 -3.57 -7.11
C LEU A 53 7.38 -2.72 -7.60
N LEU A 54 6.95 -1.78 -6.77
CA LEU A 54 5.83 -0.91 -7.10
C LEU A 54 6.22 0.56 -6.94
N ASN A 55 5.75 1.40 -7.86
CA ASN A 55 6.06 2.83 -7.81
C ASN A 55 4.82 3.63 -7.41
N PHE A 56 4.71 3.94 -6.12
CA PHE A 56 3.58 4.71 -5.62
C PHE A 56 3.89 6.20 -5.60
N GLU A 57 2.87 7.01 -5.90
CA GLU A 57 3.04 8.47 -5.91
C GLU A 57 2.39 9.11 -4.69
N ASP A 58 2.69 10.38 -4.47
CA ASP A 58 2.13 11.10 -3.34
C ASP A 58 1.52 12.43 -3.79
N VAL A 59 0.30 12.69 -3.35
CA VAL A 59 -0.40 13.92 -3.70
C VAL A 59 0.28 15.15 -3.08
N ASN A 60 1.17 14.92 -2.13
CA ASN A 60 1.89 16.02 -1.49
C ASN A 60 3.06 16.52 -2.34
N GLY A 61 3.27 15.87 -3.48
CA GLY A 61 4.35 16.27 -4.37
C GLY A 61 5.62 15.47 -4.15
N LYS A 62 5.46 14.15 -4.07
CA LYS A 62 6.61 13.26 -3.86
C LYS A 62 6.27 11.83 -4.29
N VAL A 63 7.30 11.07 -4.63
CA VAL A 63 7.12 9.69 -5.06
C VAL A 63 7.60 8.71 -3.99
N TRP A 64 7.10 7.48 -4.06
CA TRP A 64 7.47 6.45 -3.09
C TRP A 64 7.81 5.15 -3.80
N ARG A 65 8.54 4.28 -3.10
CA ARG A 65 8.94 2.99 -3.67
C ARG A 65 8.88 1.90 -2.60
N PHE A 66 8.07 0.88 -2.85
CA PHE A 66 7.92 -0.24 -1.93
C PHE A 66 8.32 -1.56 -2.58
N ARG A 67 8.25 -2.64 -1.80
CA ARG A 67 8.60 -3.97 -2.31
C ARG A 67 7.44 -4.94 -2.14
N TYR A 68 7.07 -5.60 -3.24
CA TYR A 68 5.98 -6.56 -3.22
C TYR A 68 6.53 -7.98 -3.19
N SER A 69 6.21 -8.71 -2.12
CA SER A 69 6.69 -10.09 -1.98
C SER A 69 5.62 -11.01 -1.40
N TYR A 70 5.85 -12.31 -1.52
CA TYR A 70 4.93 -13.32 -1.00
C TYR A 70 5.14 -13.52 0.50
N TRP A 71 4.08 -13.40 1.28
CA TRP A 71 4.17 -13.57 2.73
C TRP A 71 3.08 -14.49 3.25
N ASN A 72 3.14 -14.77 4.56
CA ASN A 72 2.17 -15.64 5.21
C ASN A 72 2.05 -16.98 4.49
N SER A 73 0.91 -17.65 4.65
CA SER A 73 0.67 -18.95 4.02
C SER A 73 1.23 -18.99 2.60
N SER A 74 0.96 -17.94 1.83
CA SER A 74 1.44 -17.86 0.45
C SER A 74 0.80 -16.70 -0.30
N GLN A 75 -0.52 -16.68 -0.34
CA GLN A 75 -1.24 -15.62 -1.04
C GLN A 75 -1.40 -14.34 -0.20
N SER A 76 -0.44 -14.09 0.69
CA SER A 76 -0.49 -12.88 1.51
C SER A 76 0.53 -11.86 1.03
N TYR A 77 0.06 -10.88 0.26
CA TYR A 77 0.93 -9.84 -0.28
C TYR A 77 1.24 -8.78 0.77
N VAL A 78 2.51 -8.45 0.92
CA VAL A 78 2.94 -7.45 1.88
C VAL A 78 3.90 -6.46 1.25
N LEU A 79 3.87 -5.22 1.72
CA LEU A 79 4.75 -4.18 1.20
C LEU A 79 5.85 -3.84 2.21
N THR A 80 6.98 -4.51 2.09
CA THR A 80 8.12 -4.29 2.98
C THR A 80 9.04 -3.21 2.44
N LYS A 81 9.87 -2.65 3.31
CA LYS A 81 10.80 -1.60 2.91
C LYS A 81 10.05 -0.36 2.44
N GLY A 82 10.43 0.79 2.96
CA GLY A 82 9.78 2.03 2.58
C GLY A 82 8.70 2.45 3.55
N TRP A 83 8.08 1.46 4.19
CA TRP A 83 7.01 1.74 5.16
C TRP A 83 7.53 2.61 6.29
N SER A 84 8.73 2.31 6.77
CA SER A 84 9.33 3.06 7.86
C SER A 84 9.51 4.53 7.47
N ARG A 85 10.02 4.76 6.27
CA ARG A 85 10.24 6.12 5.78
C ARG A 85 8.91 6.82 5.54
N PHE A 86 7.89 6.05 5.16
CA PHE A 86 6.58 6.60 4.90
C PHE A 86 5.84 6.89 6.21
N VAL A 87 5.63 5.85 7.02
CA VAL A 87 4.95 5.99 8.30
C VAL A 87 5.57 7.09 9.14
N LYS A 88 6.87 7.30 8.97
CA LYS A 88 7.59 8.33 9.71
C LYS A 88 7.30 9.71 9.14
N GLU A 89 7.40 9.82 7.81
CA GLU A 89 7.16 11.09 7.13
C GLU A 89 5.73 11.55 7.35
N LYS A 90 4.76 10.69 7.03
CA LYS A 90 3.36 11.01 7.19
C LYS A 90 2.91 10.85 8.64
N ASN A 91 3.80 10.33 9.49
CA ASN A 91 3.49 10.12 10.90
C ASN A 91 2.32 9.16 11.06
N LEU A 92 2.22 8.20 10.15
CA LEU A 92 1.16 7.21 10.19
C LEU A 92 1.21 6.39 11.47
N ARG A 93 0.05 5.96 11.94
CA ARG A 93 -0.03 5.17 13.16
C ARG A 93 -1.21 4.21 13.12
N ALA A 94 -1.48 3.55 14.25
CA ALA A 94 -2.58 2.60 14.33
C ALA A 94 -3.93 3.33 14.45
N GLY A 95 -5.00 2.63 14.09
CA GLY A 95 -6.32 3.22 14.17
C GLY A 95 -6.66 4.05 12.94
N ASP A 96 -6.03 3.72 11.81
CA ASP A 96 -6.27 4.44 10.58
C ASP A 96 -6.57 3.48 9.44
N VAL A 97 -6.59 4.00 8.21
CA VAL A 97 -6.86 3.18 7.03
C VAL A 97 -5.91 3.51 5.90
N VAL A 98 -5.55 2.49 5.12
CA VAL A 98 -4.64 2.67 3.99
C VAL A 98 -5.31 2.28 2.68
N SER A 99 -5.80 3.28 1.95
CA SER A 99 -6.46 3.04 0.67
C SER A 99 -5.49 3.22 -0.49
N PHE A 100 -5.42 2.22 -1.35
CA PHE A 100 -4.53 2.26 -2.50
C PHE A 100 -5.32 2.44 -3.79
N SER A 101 -4.87 3.37 -4.64
CA SER A 101 -5.54 3.65 -5.90
C SER A 101 -4.64 3.30 -7.07
N ARG A 102 -5.18 3.42 -8.29
CA ARG A 102 -4.43 3.12 -9.50
C ARG A 102 -4.68 4.16 -10.57
N SER A 103 -3.77 4.25 -11.53
CA SER A 103 -3.89 5.21 -12.62
C SER A 103 -4.86 4.72 -13.69
N ASN A 104 -5.53 5.65 -14.35
CA ASN A 104 -6.49 5.31 -15.40
C ASN A 104 -5.81 5.24 -16.76
N GLY A 105 -4.73 4.46 -16.83
CA GLY A 105 -4.00 4.32 -18.08
C GLY A 105 -2.74 3.49 -17.93
N GLN A 106 -2.07 3.64 -16.79
CA GLN A 106 -0.85 2.90 -16.52
C GLN A 106 -0.95 2.13 -15.20
N ASP A 107 -0.92 0.80 -15.30
CA ASP A 107 -1.01 -0.05 -14.12
C ASP A 107 0.23 0.09 -13.24
N GLN A 108 1.37 0.36 -13.89
CA GLN A 108 2.63 0.52 -13.17
C GLN A 108 2.56 1.70 -12.21
N GLN A 109 1.79 2.71 -12.57
CA GLN A 109 1.64 3.90 -11.74
C GLN A 109 0.57 3.71 -10.69
N LEU A 110 0.92 3.94 -9.43
CA LEU A 110 -0.02 3.79 -8.33
C LEU A 110 0.03 5.01 -7.40
N TYR A 111 -0.81 4.99 -6.37
CA TYR A 111 -0.87 6.09 -5.42
C TYR A 111 -1.14 5.56 -4.01
N ILE A 112 -0.56 6.24 -3.01
CA ILE A 112 -0.74 5.84 -1.63
C ILE A 112 -1.60 6.86 -0.87
N GLY A 113 -2.78 6.44 -0.46
CA GLY A 113 -3.67 7.32 0.26
C GLY A 113 -3.85 6.91 1.71
N TRP A 114 -3.59 7.83 2.63
CA TRP A 114 -3.73 7.56 4.06
C TRP A 114 -4.75 8.48 4.69
N LYS A 115 -5.55 7.94 5.61
CA LYS A 115 -6.58 8.72 6.29
C LYS A 115 -6.49 8.51 7.81
N SER A 116 -6.12 9.57 8.52
CA SER A 116 -6.01 9.50 9.98
C SER A 116 -7.36 9.68 10.64
N ARG A 117 -7.57 8.98 11.75
CA ARG A 117 -8.84 9.07 12.48
C ARG A 117 -9.02 10.45 13.10
N SER A 118 -10.07 11.16 12.66
CA SER A 118 -10.35 12.49 13.18
C SER A 118 -11.83 12.83 13.02
N GLY A 119 -12.25 13.07 11.79
CA GLY A 119 -13.64 13.41 11.53
C GLY A 119 -13.97 13.43 10.05
N SER A 120 -13.76 14.58 9.43
CA SER A 120 -14.03 14.74 7.99
C SER A 120 -13.01 13.98 7.16
N ASP A 121 -13.25 13.93 5.85
CA ASP A 121 -12.35 13.24 4.94
C ASP A 121 -11.23 14.16 4.48
N LEU A 122 -11.59 15.40 4.15
CA LEU A 122 -10.61 16.38 3.69
C LEU A 122 -9.45 16.52 4.66
N ASP A 123 -9.75 17.02 5.86
CA ASP A 123 -8.74 17.21 6.89
C ASP A 123 -8.40 15.88 7.57
N ALA A 124 -7.16 15.77 8.03
CA ALA A 124 -6.71 14.56 8.71
C ALA A 124 -5.31 14.73 9.28
N ARG A 8 -11.94 11.82 -13.45
CA ARG A 8 -11.63 10.62 -12.62
C ARG A 8 -10.13 10.36 -12.56
N SER A 9 -9.54 10.01 -13.70
CA SER A 9 -8.11 9.73 -13.77
C SER A 9 -7.73 8.54 -12.89
N ALA A 10 -7.58 8.80 -11.60
CA ALA A 10 -7.23 7.74 -10.65
C ALA A 10 -8.46 7.00 -10.16
N GLU A 11 -8.26 5.78 -9.69
CA GLU A 11 -9.36 4.97 -9.18
C GLU A 11 -8.93 4.15 -7.96
N ALA A 12 -9.66 4.28 -6.88
CA ALA A 12 -9.36 3.55 -5.65
C ALA A 12 -9.53 2.05 -5.84
N LEU A 13 -8.42 1.31 -5.70
CA LEU A 13 -8.45 -0.13 -5.87
C LEU A 13 -9.07 -0.81 -4.65
N PHE A 14 -8.57 -0.46 -3.47
CA PHE A 14 -9.07 -1.03 -2.23
C PHE A 14 -8.72 -0.15 -1.04
N GLU A 15 -9.16 -0.55 0.15
CA GLU A 15 -8.89 0.20 1.37
C GLU A 15 -9.00 -0.68 2.60
N LYS A 16 -8.18 -0.40 3.60
CA LYS A 16 -8.18 -1.18 4.84
C LYS A 16 -7.55 -0.40 5.98
N ALA A 17 -7.91 -0.76 7.21
CA ALA A 17 -7.38 -0.09 8.39
C ALA A 17 -6.00 -0.63 8.76
N VAL A 18 -5.15 0.23 9.28
CA VAL A 18 -3.80 -0.16 9.67
C VAL A 18 -3.75 -0.59 11.13
N THR A 19 -3.51 -1.89 11.34
CA THR A 19 -3.43 -2.44 12.69
C THR A 19 -2.01 -2.26 13.25
N PRO A 20 -1.90 -2.08 14.59
CA PRO A 20 -0.60 -1.89 15.24
C PRO A 20 0.48 -2.84 14.72
N SER A 21 0.07 -4.01 14.25
CA SER A 21 1.00 -4.99 13.73
C SER A 21 1.66 -4.51 12.44
N ASP A 22 0.97 -3.63 11.72
CA ASP A 22 1.47 -3.09 10.47
C ASP A 22 2.59 -2.08 10.73
N VAL A 23 2.58 -1.47 11.91
CA VAL A 23 3.59 -0.49 12.27
C VAL A 23 4.44 -0.99 13.44
N GLY A 24 4.71 -2.29 13.46
CA GLY A 24 5.51 -2.87 14.52
C GLY A 24 6.99 -2.91 14.18
N LYS A 25 7.73 -3.80 14.85
CA LYS A 25 9.16 -3.94 14.60
C LYS A 25 9.42 -4.52 13.23
N LEU A 26 8.50 -5.36 12.75
CA LEU A 26 8.64 -5.99 11.44
C LEU A 26 8.58 -4.95 10.33
N ASN A 27 7.71 -3.95 10.50
CA ASN A 27 7.55 -2.90 9.51
C ASN A 27 7.12 -3.46 8.17
N ARG A 28 5.82 -3.44 7.92
CA ARG A 28 5.27 -3.96 6.67
C ARG A 28 3.76 -3.71 6.60
N LEU A 29 3.24 -3.70 5.38
CA LEU A 29 1.81 -3.48 5.16
C LEU A 29 1.11 -4.79 4.79
N VAL A 30 -0.15 -4.90 5.16
CA VAL A 30 -0.93 -6.10 4.86
C VAL A 30 -1.93 -5.85 3.74
N ILE A 31 -2.15 -6.87 2.91
CA ILE A 31 -3.09 -6.76 1.80
C ILE A 31 -3.76 -8.11 1.52
N PRO A 32 -5.10 -8.13 1.45
CA PRO A 32 -5.84 -9.38 1.18
C PRO A 32 -5.49 -9.98 -0.17
N LYS A 33 -5.97 -11.20 -0.43
CA LYS A 33 -5.71 -11.88 -1.68
C LYS A 33 -6.66 -11.41 -2.78
N HIS A 34 -7.94 -11.27 -2.42
CA HIS A 34 -8.95 -10.83 -3.38
C HIS A 34 -8.57 -9.51 -4.02
N HIS A 35 -7.75 -8.72 -3.32
CA HIS A 35 -7.31 -7.44 -3.83
C HIS A 35 -5.96 -7.54 -4.53
N ALA A 36 -5.15 -8.51 -4.10
CA ALA A 36 -3.83 -8.71 -4.68
C ALA A 36 -3.88 -9.69 -5.85
N GLU A 37 -5.07 -9.94 -6.37
CA GLU A 37 -5.24 -10.86 -7.50
C GLU A 37 -6.00 -10.20 -8.64
N LYS A 38 -7.06 -9.47 -8.30
CA LYS A 38 -7.87 -8.80 -9.30
C LYS A 38 -7.19 -7.52 -9.79
N HIS A 39 -6.37 -6.92 -8.93
CA HIS A 39 -5.65 -5.70 -9.28
C HIS A 39 -4.18 -5.98 -9.55
N PHE A 40 -3.55 -6.72 -8.65
CA PHE A 40 -2.14 -7.06 -8.80
C PHE A 40 -1.97 -8.47 -9.36
N PRO A 41 -1.31 -8.60 -10.53
CA PRO A 41 -1.08 -9.91 -11.17
C PRO A 41 -0.39 -10.89 -10.23
N LEU A 42 -0.07 -12.07 -10.76
CA LEU A 42 0.61 -13.10 -9.98
C LEU A 42 1.84 -13.61 -10.71
N PRO A 43 2.71 -14.36 -10.00
CA PRO A 43 3.94 -14.90 -10.59
C PRO A 43 3.66 -16.00 -11.62
N SER A 44 3.92 -15.71 -12.89
CA SER A 44 3.69 -16.66 -13.96
C SER A 44 5.00 -17.06 -14.62
N SER A 45 6.07 -17.12 -13.82
CA SER A 45 7.39 -17.48 -14.33
C SER A 45 8.04 -18.54 -13.45
N ASN A 46 8.80 -19.44 -14.06
CA ASN A 46 9.47 -20.50 -13.34
C ASN A 46 10.93 -20.15 -13.08
N VAL A 47 11.21 -18.85 -12.95
CA VAL A 47 12.57 -18.39 -12.71
C VAL A 47 12.60 -17.35 -11.59
N SER A 48 11.69 -16.40 -11.66
CA SER A 48 11.62 -15.34 -10.65
C SER A 48 10.17 -15.06 -10.28
N VAL A 49 9.84 -15.29 -9.00
CA VAL A 49 8.49 -15.06 -8.51
C VAL A 49 8.48 -14.05 -7.37
N LYS A 50 9.40 -14.23 -6.43
CA LYS A 50 9.49 -13.34 -5.28
C LYS A 50 10.44 -12.17 -5.58
N GLY A 51 9.95 -10.95 -5.37
CA GLY A 51 10.77 -9.78 -5.63
C GLY A 51 10.14 -8.84 -6.63
N VAL A 52 9.49 -7.79 -6.14
CA VAL A 52 8.84 -6.82 -7.01
C VAL A 52 8.99 -5.41 -6.46
N LEU A 53 8.83 -4.41 -7.33
CA LEU A 53 8.95 -3.02 -6.92
C LEU A 53 7.76 -2.20 -7.42
N LEU A 54 6.99 -1.66 -6.49
CA LEU A 54 5.82 -0.86 -6.83
C LEU A 54 6.07 0.62 -6.53
N ASN A 55 5.73 1.47 -7.49
CA ASN A 55 5.91 2.91 -7.33
C ASN A 55 4.60 3.59 -6.98
N PHE A 56 4.59 4.33 -5.88
CA PHE A 56 3.40 5.03 -5.42
C PHE A 56 3.66 6.53 -5.31
N GLU A 57 2.64 7.33 -5.62
CA GLU A 57 2.76 8.78 -5.56
C GLU A 57 1.84 9.35 -4.48
N ASP A 58 2.23 10.49 -3.94
CA ASP A 58 1.44 11.15 -2.89
C ASP A 58 0.66 12.32 -3.46
N VAL A 59 -0.55 12.51 -2.96
CA VAL A 59 -1.41 13.60 -3.41
C VAL A 59 -0.75 14.96 -3.23
N ASN A 60 0.24 15.03 -2.35
CA ASN A 60 0.95 16.27 -2.09
C ASN A 60 2.21 16.37 -2.95
N GLY A 61 2.14 15.86 -4.18
CA GLY A 61 3.27 15.91 -5.08
C GLY A 61 4.51 15.27 -4.49
N LYS A 62 4.45 13.97 -4.24
CA LYS A 62 5.58 13.24 -3.68
C LYS A 62 5.67 11.83 -4.25
N VAL A 63 6.80 11.18 -4.05
CA VAL A 63 7.01 9.82 -4.54
C VAL A 63 7.18 8.84 -3.39
N TRP A 64 6.93 7.56 -3.67
CA TRP A 64 7.07 6.52 -2.67
C TRP A 64 7.41 5.17 -3.32
N ARG A 65 8.45 4.53 -2.81
CA ARG A 65 8.88 3.24 -3.34
C ARG A 65 8.75 2.14 -2.28
N PHE A 66 8.15 1.02 -2.67
CA PHE A 66 7.95 -0.10 -1.77
C PHE A 66 8.22 -1.42 -2.47
N ARG A 67 8.43 -2.48 -1.69
CA ARG A 67 8.70 -3.80 -2.25
C ARG A 67 7.53 -4.75 -1.99
N TYR A 68 7.17 -5.53 -3.00
CA TYR A 68 6.07 -6.47 -2.88
C TYR A 68 6.57 -7.82 -2.34
N SER A 69 5.99 -8.24 -1.22
CA SER A 69 6.37 -9.50 -0.60
C SER A 69 5.17 -10.42 -0.45
N TYR A 70 5.43 -11.70 -0.22
CA TYR A 70 4.37 -12.69 -0.05
C TYR A 70 4.50 -13.41 1.29
N TRP A 71 3.55 -13.15 2.19
CA TRP A 71 3.56 -13.77 3.51
C TRP A 71 2.47 -14.82 3.63
N ASN A 72 2.64 -15.73 4.59
CA ASN A 72 1.68 -16.80 4.81
C ASN A 72 1.64 -17.74 3.60
N SER A 73 2.79 -18.32 3.27
CA SER A 73 2.90 -19.22 2.13
C SER A 73 2.64 -18.47 0.83
N SER A 74 1.37 -18.24 0.53
CA SER A 74 0.98 -17.53 -0.68
C SER A 74 -0.48 -17.07 -0.61
N GLN A 75 -1.01 -16.98 0.60
CA GLN A 75 -2.40 -16.56 0.80
C GLN A 75 -2.52 -15.05 0.97
N SER A 76 -1.61 -14.47 1.75
CA SER A 76 -1.65 -13.02 2.00
C SER A 76 -0.43 -12.32 1.43
N TYR A 77 -0.62 -11.08 1.01
CA TYR A 77 0.46 -10.27 0.45
C TYR A 77 0.91 -9.21 1.44
N VAL A 78 2.11 -8.69 1.25
CA VAL A 78 2.65 -7.66 2.13
C VAL A 78 3.65 -6.76 1.41
N LEU A 79 3.68 -5.49 1.80
CA LEU A 79 4.60 -4.53 1.20
C LEU A 79 5.72 -4.18 2.16
N THR A 80 6.81 -4.94 2.09
CA THR A 80 7.96 -4.71 2.97
C THR A 80 8.95 -3.73 2.33
N LYS A 81 9.87 -3.23 3.14
CA LYS A 81 10.88 -2.28 2.66
C LYS A 81 10.24 -1.00 2.15
N GLY A 82 10.62 0.12 2.73
CA GLY A 82 10.08 1.40 2.32
C GLY A 82 8.94 1.86 3.21
N TRP A 83 8.22 0.89 3.78
CA TRP A 83 7.09 1.20 4.66
C TRP A 83 7.55 2.02 5.87
N SER A 84 8.79 1.79 6.28
CA SER A 84 9.35 2.51 7.42
C SER A 84 9.50 4.00 7.12
N ARG A 85 10.14 4.30 5.98
CA ARG A 85 10.34 5.69 5.58
C ARG A 85 9.01 6.42 5.42
N PHE A 86 8.02 5.71 4.89
CA PHE A 86 6.69 6.29 4.68
C PHE A 86 6.02 6.59 6.02
N VAL A 87 5.90 5.57 6.86
CA VAL A 87 5.28 5.73 8.17
C VAL A 87 6.00 6.77 9.01
N LYS A 88 7.31 6.88 8.81
CA LYS A 88 8.12 7.83 9.55
C LYS A 88 7.91 9.25 9.02
N GLU A 89 7.77 9.37 7.70
CA GLU A 89 7.56 10.67 7.07
C GLU A 89 6.30 11.33 7.59
N LYS A 90 5.17 10.67 7.41
CA LYS A 90 3.88 11.20 7.85
C LYS A 90 3.60 10.83 9.31
N ASN A 91 4.57 10.18 9.96
CA ASN A 91 4.42 9.78 11.35
C ASN A 91 3.19 8.88 11.53
N LEU A 92 2.91 8.07 10.52
CA LEU A 92 1.76 7.18 10.57
C LEU A 92 1.87 6.22 11.74
N ARG A 93 0.72 5.75 12.23
CA ARG A 93 0.69 4.83 13.35
C ARG A 93 -0.64 4.06 13.38
N ALA A 94 -0.79 3.19 14.38
CA ALA A 94 -2.00 2.39 14.52
C ALA A 94 -3.22 3.29 14.77
N GLY A 95 -4.33 2.95 14.14
CA GLY A 95 -5.54 3.73 14.31
C GLY A 95 -5.83 4.61 13.12
N ASP A 96 -5.45 4.15 11.93
CA ASP A 96 -5.67 4.91 10.70
C ASP A 96 -6.12 3.99 9.56
N VAL A 97 -6.27 4.56 8.38
CA VAL A 97 -6.69 3.79 7.22
C VAL A 97 -5.71 3.98 6.06
N VAL A 98 -5.52 2.92 5.27
CA VAL A 98 -4.62 2.97 4.13
C VAL A 98 -5.36 2.65 2.84
N SER A 99 -5.41 3.62 1.93
CA SER A 99 -6.08 3.44 0.66
C SER A 99 -5.07 3.37 -0.49
N PHE A 100 -5.49 2.78 -1.60
CA PHE A 100 -4.62 2.64 -2.77
C PHE A 100 -5.42 2.78 -4.06
N SER A 101 -4.97 3.68 -4.94
CA SER A 101 -5.65 3.90 -6.21
C SER A 101 -4.76 3.48 -7.37
N ARG A 102 -5.32 3.52 -8.58
CA ARG A 102 -4.58 3.13 -9.77
C ARG A 102 -4.94 4.04 -10.94
N SER A 103 -3.97 4.25 -11.83
CA SER A 103 -4.18 5.12 -13.00
C SER A 103 -4.67 4.30 -14.19
N ASN A 104 -5.30 4.98 -15.14
CA ASN A 104 -5.82 4.31 -16.34
C ASN A 104 -4.68 3.74 -17.18
N GLY A 105 -3.55 4.45 -17.20
CA GLY A 105 -2.41 4.00 -17.96
C GLY A 105 -1.30 3.45 -17.08
N GLN A 106 -0.75 2.31 -17.48
CA GLN A 106 0.33 1.68 -16.72
C GLN A 106 -0.14 1.33 -15.31
N ASP A 107 -0.26 0.03 -15.04
CA ASP A 107 -0.70 -0.44 -13.73
C ASP A 107 0.32 -0.07 -12.66
N GLN A 108 1.59 0.05 -13.05
CA GLN A 108 2.65 0.40 -12.12
C GLN A 108 2.36 1.72 -11.42
N GLN A 109 1.69 2.63 -12.12
CA GLN A 109 1.35 3.93 -11.56
C GLN A 109 0.26 3.79 -10.51
N LEU A 110 0.64 3.89 -9.24
CA LEU A 110 -0.29 3.78 -8.14
C LEU A 110 -0.23 5.00 -7.23
N TYR A 111 -1.08 5.02 -6.21
CA TYR A 111 -1.12 6.14 -5.28
C TYR A 111 -1.43 5.65 -3.86
N ILE A 112 -1.15 6.49 -2.88
CA ILE A 112 -1.42 6.14 -1.48
C ILE A 112 -2.20 7.24 -0.78
N GLY A 113 -3.35 6.88 -0.22
CA GLY A 113 -4.18 7.84 0.47
C GLY A 113 -4.61 7.35 1.84
N TRP A 114 -3.98 7.89 2.89
CA TRP A 114 -4.29 7.50 4.26
C TRP A 114 -5.32 8.46 4.87
N LYS A 115 -5.97 8.01 5.94
CA LYS A 115 -6.97 8.82 6.61
C LYS A 115 -6.66 8.95 8.10
N SER A 116 -6.71 10.18 8.61
CA SER A 116 -6.41 10.44 10.02
C SER A 116 -7.70 10.73 10.80
N ARG A 117 -7.53 11.19 12.04
CA ARG A 117 -8.67 11.51 12.88
C ARG A 117 -9.35 12.81 12.42
N SER A 118 -8.54 13.75 11.96
CA SER A 118 -9.05 15.04 11.48
C SER A 118 -8.50 15.36 10.10
N GLY A 119 -7.20 15.59 10.04
CA GLY A 119 -6.57 15.91 8.77
C GLY A 119 -6.28 17.40 8.62
N SER A 120 -5.00 17.75 8.65
CA SER A 120 -4.60 19.15 8.51
C SER A 120 -4.70 19.61 7.07
N ASP A 121 -4.05 18.88 6.18
CA ASP A 121 -4.07 19.21 4.75
C ASP A 121 -5.22 18.51 4.03
N LEU A 122 -6.19 18.00 4.81
CA LEU A 122 -7.34 17.31 4.23
C LEU A 122 -8.27 18.29 3.54
N ASP A 123 -8.34 19.51 4.07
CA ASP A 123 -9.20 20.54 3.50
C ASP A 123 -8.59 21.11 2.22
N ALA A 124 -7.26 21.13 2.16
CA ALA A 124 -6.54 21.65 1.00
C ALA A 124 -6.88 23.13 0.78
#